data_6JKN
# 
_entry.id   6JKN 
# 
_audit_conform.dict_name       mmcif_pdbx.dic 
_audit_conform.dict_version    5.387 
_audit_conform.dict_location   http://mmcif.pdb.org/dictionaries/ascii/mmcif_pdbx.dic 
# 
loop_
_database_2.database_id 
_database_2.database_code 
_database_2.pdbx_database_accession 
_database_2.pdbx_DOI 
PDB   6JKN         pdb_00006jkn 10.2210/pdb6jkn/pdb 
WWPDB D_1300011269 ?            ?                   
# 
loop_
_pdbx_audit_revision_history.ordinal 
_pdbx_audit_revision_history.data_content_type 
_pdbx_audit_revision_history.major_revision 
_pdbx_audit_revision_history.minor_revision 
_pdbx_audit_revision_history.revision_date 
1 'Structure model' 1 0 2019-04-03 
2 'Structure model' 1 1 2019-04-24 
3 'Structure model' 1 2 2019-06-19 
4 'Structure model' 1 3 2024-03-27 
# 
_pdbx_audit_revision_details.ordinal             1 
_pdbx_audit_revision_details.revision_ordinal    1 
_pdbx_audit_revision_details.data_content_type   'Structure model' 
_pdbx_audit_revision_details.provider            repository 
_pdbx_audit_revision_details.type                'Initial release' 
_pdbx_audit_revision_details.description         ? 
_pdbx_audit_revision_details.details             ? 
# 
loop_
_pdbx_audit_revision_group.ordinal 
_pdbx_audit_revision_group.revision_ordinal 
_pdbx_audit_revision_group.data_content_type 
_pdbx_audit_revision_group.group 
1 2 'Structure model' 'Data collection'      
2 2 'Structure model' 'Database references'  
3 3 'Structure model' 'Data collection'      
4 3 'Structure model' 'Database references'  
5 4 'Structure model' 'Data collection'      
6 4 'Structure model' 'Database references'  
7 4 'Structure model' 'Derived calculations' 
# 
loop_
_pdbx_audit_revision_category.ordinal 
_pdbx_audit_revision_category.revision_ordinal 
_pdbx_audit_revision_category.data_content_type 
_pdbx_audit_revision_category.category 
1 2 'Structure model' citation               
2 2 'Structure model' citation_author        
3 3 'Structure model' citation               
4 4 'Structure model' chem_comp_atom         
5 4 'Structure model' chem_comp_bond         
6 4 'Structure model' database_2             
7 4 'Structure model' pdbx_struct_conn_angle 
8 4 'Structure model' struct_conn            
9 4 'Structure model' struct_conn_type       
# 
loop_
_pdbx_audit_revision_item.ordinal 
_pdbx_audit_revision_item.revision_ordinal 
_pdbx_audit_revision_item.data_content_type 
_pdbx_audit_revision_item.item 
1  2 'Structure model' '_citation.country'                         
2  2 'Structure model' '_citation.journal_abbrev'                  
3  2 'Structure model' '_citation.journal_id_ASTM'                 
4  2 'Structure model' '_citation.journal_id_CSD'                  
5  2 'Structure model' '_citation.journal_id_ISSN'                 
6  2 'Structure model' '_citation.pdbx_database_id_DOI'            
7  2 'Structure model' '_citation.pdbx_database_id_PubMed'         
8  2 'Structure model' '_citation.title'                           
9  2 'Structure model' '_citation.year'                            
10 3 'Structure model' '_citation.journal_volume'                  
11 3 'Structure model' '_citation.page_first'                      
12 3 'Structure model' '_citation.page_last'                       
13 4 'Structure model' '_database_2.pdbx_DOI'                      
14 4 'Structure model' '_database_2.pdbx_database_accession'       
15 4 'Structure model' '_pdbx_struct_conn_angle.ptnr1_auth_seq_id' 
16 4 'Structure model' '_pdbx_struct_conn_angle.ptnr3_auth_seq_id' 
17 4 'Structure model' '_pdbx_struct_conn_angle.value'             
18 4 'Structure model' '_struct_conn.conn_type_id'                 
19 4 'Structure model' '_struct_conn.id'                           
20 4 'Structure model' '_struct_conn.pdbx_dist_value'              
21 4 'Structure model' '_struct_conn.pdbx_leaving_atom_flag'       
22 4 'Structure model' '_struct_conn.ptnr1_auth_comp_id'           
23 4 'Structure model' '_struct_conn.ptnr1_auth_seq_id'            
24 4 'Structure model' '_struct_conn.ptnr1_label_atom_id'          
25 4 'Structure model' '_struct_conn.ptnr1_label_comp_id'          
26 4 'Structure model' '_struct_conn.ptnr1_label_seq_id'           
27 4 'Structure model' '_struct_conn.ptnr2_auth_comp_id'           
28 4 'Structure model' '_struct_conn.ptnr2_auth_seq_id'            
29 4 'Structure model' '_struct_conn.ptnr2_label_asym_id'          
30 4 'Structure model' '_struct_conn.ptnr2_label_atom_id'          
31 4 'Structure model' '_struct_conn.ptnr2_label_comp_id'          
32 4 'Structure model' '_struct_conn.ptnr2_label_seq_id'           
33 4 'Structure model' '_struct_conn_type.id'                      
# 
_pdbx_database_status.status_code                     REL 
_pdbx_database_status.status_code_sf                  REL 
_pdbx_database_status.status_code_mr                  ? 
_pdbx_database_status.entry_id                        6JKN 
_pdbx_database_status.recvd_initial_deposition_date   2019-03-01 
_pdbx_database_status.SG_entry                        N 
_pdbx_database_status.deposit_site                    PDBJ 
_pdbx_database_status.process_site                    PDBJ 
_pdbx_database_status.status_code_cs                  ? 
_pdbx_database_status.methods_development_category    ? 
_pdbx_database_status.pdb_format_compatible           Y 
_pdbx_database_status.status_code_nmr_data            ? 
# 
loop_
_audit_author.name 
_audit_author.pdbx_ordinal 
_audit_author.identifier_ORCID 
'Geng, Y.' 1 ? 
'Cai, Q.'  2 ? 
'Liu, C.'  3 ? 
'Zhu, G.'  4 ? 
# 
_citation.abstract                  ? 
_citation.abstract_id_CAS           ? 
_citation.book_id_ISBN              ? 
_citation.book_publisher            ? 
_citation.book_publisher_city       ? 
_citation.book_title                ? 
_citation.coordinate_linkage        ? 
_citation.country                   UK 
_citation.database_id_Medline       ? 
_citation.details                   ? 
_citation.id                        primary 
_citation.journal_abbrev            'Nucleic Acids Res.' 
_citation.journal_id_ASTM           NARHAD 
_citation.journal_id_CSD            0389 
_citation.journal_id_ISSN           1362-4962 
_citation.journal_full              ? 
_citation.journal_issue             ? 
_citation.journal_volume            47 
_citation.language                  ? 
_citation.page_first                5395 
_citation.page_last                 5404 
_citation.title                     
'The crystal structure of an antiparallel chair-type G-quadruplex formed by Bromo-substituted human telomeric DNA.' 
_citation.year                      2019 
_citation.database_id_CSD           ? 
_citation.pdbx_database_id_DOI      10.1093/nar/gkz221 
_citation.pdbx_database_id_PubMed   30957851 
_citation.unpublished_flag          ? 
# 
loop_
_citation_author.citation_id 
_citation_author.name 
_citation_author.ordinal 
_citation_author.identifier_ORCID 
primary 'Geng, Y.'   1  ? 
primary 'Liu, C.'    2  ? 
primary 'Zhou, B.'   3  ? 
primary 'Cai, Q.'    4  ? 
primary 'Miao, H.'   5  ? 
primary 'Shi, X.'    6  ? 
primary 'Xu, N.'     7  ? 
primary 'You, Y.'    8  ? 
primary 'Fung, C.P.' 9  ? 
primary 'Din, R.U.'  10 ? 
primary 'Zhu, G.'    11 ? 
# 
loop_
_entity.id 
_entity.type 
_entity.src_method 
_entity.pdbx_description 
_entity.formula_weight 
_entity.pdbx_number_of_molecules 
_entity.pdbx_ec 
_entity.pdbx_mutation 
_entity.pdbx_fragment 
_entity.details 
1 polymer     syn 
;DNA (5'-D(*GP*GP*GP*TP*TP*AP*GP*(BGM)P*GP*TP*TP*AP*GP*GP*GP*TP*TP*AP*GP*(BGM)P*G)-3')
;
6828.083 1   ? ? ? ? 
2 non-polymer syn 'POTASSIUM ION'                                                                         39.098   3   ? ? ? ? 
3 water       nat water                                                                                   18.015   119 ? ? ? ? 
# 
_entity_poly.entity_id                      1 
_entity_poly.type                           polydeoxyribonucleotide 
_entity_poly.nstd_linkage                   no 
_entity_poly.nstd_monomer                   yes 
_entity_poly.pdbx_seq_one_letter_code       
;(DG)(DG)(DG)(DT)(DT)(DA)(DG)(BGM)(DG)(DT)(DT)(DA)(DG)(DG)(DG)(DT)(DT)(DA)(DG)
(BGM)(DG)
;
_entity_poly.pdbx_seq_one_letter_code_can   GGGTTAGGGTTAGGGTTAGGG 
_entity_poly.pdbx_strand_id                 A 
_entity_poly.pdbx_target_identifier         ? 
# 
loop_
_pdbx_entity_nonpoly.entity_id 
_pdbx_entity_nonpoly.name 
_pdbx_entity_nonpoly.comp_id 
2 'POTASSIUM ION' K   
3 water           HOH 
# 
loop_
_entity_poly_seq.entity_id 
_entity_poly_seq.num 
_entity_poly_seq.mon_id 
_entity_poly_seq.hetero 
1 1  DG  n 
1 2  DG  n 
1 3  DG  n 
1 4  DT  n 
1 5  DT  n 
1 6  DA  n 
1 7  DG  n 
1 8  BGM n 
1 9  DG  n 
1 10 DT  n 
1 11 DT  n 
1 12 DA  n 
1 13 DG  n 
1 14 DG  n 
1 15 DG  n 
1 16 DT  n 
1 17 DT  n 
1 18 DA  n 
1 19 DG  n 
1 20 BGM n 
1 21 DG  n 
# 
_pdbx_entity_src_syn.entity_id              1 
_pdbx_entity_src_syn.pdbx_src_id            1 
_pdbx_entity_src_syn.pdbx_alt_source_flag   sample 
_pdbx_entity_src_syn.pdbx_beg_seq_num       1 
_pdbx_entity_src_syn.pdbx_end_seq_num       21 
_pdbx_entity_src_syn.organism_scientific    'Homo sapiens' 
_pdbx_entity_src_syn.organism_common_name   ? 
_pdbx_entity_src_syn.ncbi_taxonomy_id       9606 
_pdbx_entity_src_syn.details                ? 
# 
loop_
_chem_comp.id 
_chem_comp.type 
_chem_comp.mon_nstd_flag 
_chem_comp.name 
_chem_comp.pdbx_synonyms 
_chem_comp.formula 
_chem_comp.formula_weight 
BGM 'DNA linking' n "8-BROMO-2'-DEOXYGUANOSINE-5'-MONOPHOSPHATE" ? 'C10 H13 Br N5 O7 P' 426.117 
DA  'DNA linking' y "2'-DEOXYADENOSINE-5'-MONOPHOSPHATE"         ? 'C10 H14 N5 O6 P'    331.222 
DG  'DNA linking' y "2'-DEOXYGUANOSINE-5'-MONOPHOSPHATE"         ? 'C10 H14 N5 O7 P'    347.221 
DT  'DNA linking' y "THYMIDINE-5'-MONOPHOSPHATE"                 ? 'C10 H15 N2 O8 P'    322.208 
HOH non-polymer   . WATER                                        ? 'H2 O'               18.015  
K   non-polymer   . 'POTASSIUM ION'                              ? 'K 1'                39.098  
# 
loop_
_pdbx_poly_seq_scheme.asym_id 
_pdbx_poly_seq_scheme.entity_id 
_pdbx_poly_seq_scheme.seq_id 
_pdbx_poly_seq_scheme.mon_id 
_pdbx_poly_seq_scheme.ndb_seq_num 
_pdbx_poly_seq_scheme.pdb_seq_num 
_pdbx_poly_seq_scheme.auth_seq_num 
_pdbx_poly_seq_scheme.pdb_mon_id 
_pdbx_poly_seq_scheme.auth_mon_id 
_pdbx_poly_seq_scheme.pdb_strand_id 
_pdbx_poly_seq_scheme.pdb_ins_code 
_pdbx_poly_seq_scheme.hetero 
A 1 1  DG  1  1  1  DG  DG  A . n 
A 1 2  DG  2  2  2  DG  DG  A . n 
A 1 3  DG  3  3  3  DG  DG  A . n 
A 1 4  DT  4  4  4  DT  DT  A . n 
A 1 5  DT  5  5  5  DT  DT  A . n 
A 1 6  DA  6  6  6  DA  DA  A . n 
A 1 7  DG  7  7  7  DG  DG  A . n 
A 1 8  BGM 8  8  8  BGM BGM A . n 
A 1 9  DG  9  9  9  DG  DG  A . n 
A 1 10 DT  10 10 10 DT  DT  A . n 
A 1 11 DT  11 11 11 DT  DT  A . n 
A 1 12 DA  12 12 12 DA  DA  A . n 
A 1 13 DG  13 13 13 DG  DG  A . n 
A 1 14 DG  14 14 14 DG  DG  A . n 
A 1 15 DG  15 15 15 DG  DG  A . n 
A 1 16 DT  16 16 16 DT  DT  A . n 
A 1 17 DT  17 17 17 DT  DT  A . n 
A 1 18 DA  18 18 18 DA  DA  A . n 
A 1 19 DG  19 19 19 DG  DG  A . n 
A 1 20 BGM 20 20 20 BGM BGM A . n 
A 1 21 DG  21 21 21 DG  DG  A . n 
# 
loop_
_pdbx_nonpoly_scheme.asym_id 
_pdbx_nonpoly_scheme.entity_id 
_pdbx_nonpoly_scheme.mon_id 
_pdbx_nonpoly_scheme.ndb_seq_num 
_pdbx_nonpoly_scheme.pdb_seq_num 
_pdbx_nonpoly_scheme.auth_seq_num 
_pdbx_nonpoly_scheme.pdb_mon_id 
_pdbx_nonpoly_scheme.auth_mon_id 
_pdbx_nonpoly_scheme.pdb_strand_id 
_pdbx_nonpoly_scheme.pdb_ins_code 
B 2 K   1   101 101 K   K   A . 
C 2 K   1   102 102 K   K   A . 
D 2 K   1   103 103 K   K   A . 
E 3 HOH 1   201 65  HOH HOH A . 
E 3 HOH 2   202 87  HOH HOH A . 
E 3 HOH 3   203 97  HOH HOH A . 
E 3 HOH 4   204 13  HOH HOH A . 
E 3 HOH 5   205 45  HOH HOH A . 
E 3 HOH 6   206 99  HOH HOH A . 
E 3 HOH 7   207 56  HOH HOH A . 
E 3 HOH 8   208 104 HOH HOH A . 
E 3 HOH 9   209 17  HOH HOH A . 
E 3 HOH 10  210 9   HOH HOH A . 
E 3 HOH 11  211 117 HOH HOH A . 
E 3 HOH 12  212 34  HOH HOH A . 
E 3 HOH 13  213 19  HOH HOH A . 
E 3 HOH 14  214 43  HOH HOH A . 
E 3 HOH 15  215 60  HOH HOH A . 
E 3 HOH 16  216 110 HOH HOH A . 
E 3 HOH 17  217 6   HOH HOH A . 
E 3 HOH 18  218 41  HOH HOH A . 
E 3 HOH 19  219 108 HOH HOH A . 
E 3 HOH 20  220 66  HOH HOH A . 
E 3 HOH 21  221 92  HOH HOH A . 
E 3 HOH 22  222 33  HOH HOH A . 
E 3 HOH 23  223 90  HOH HOH A . 
E 3 HOH 24  224 78  HOH HOH A . 
E 3 HOH 25  225 55  HOH HOH A . 
E 3 HOH 26  226 26  HOH HOH A . 
E 3 HOH 27  227 32  HOH HOH A . 
E 3 HOH 28  228 88  HOH HOH A . 
E 3 HOH 29  229 8   HOH HOH A . 
E 3 HOH 30  230 18  HOH HOH A . 
E 3 HOH 31  231 27  HOH HOH A . 
E 3 HOH 32  232 28  HOH HOH A . 
E 3 HOH 33  233 46  HOH HOH A . 
E 3 HOH 34  234 31  HOH HOH A . 
E 3 HOH 35  235 16  HOH HOH A . 
E 3 HOH 36  236 37  HOH HOH A . 
E 3 HOH 37  237 49  HOH HOH A . 
E 3 HOH 38  238 11  HOH HOH A . 
E 3 HOH 39  239 42  HOH HOH A . 
E 3 HOH 40  240 84  HOH HOH A . 
E 3 HOH 41  241 74  HOH HOH A . 
E 3 HOH 42  242 96  HOH HOH A . 
E 3 HOH 43  243 79  HOH HOH A . 
E 3 HOH 44  244 29  HOH HOH A . 
E 3 HOH 45  245 30  HOH HOH A . 
E 3 HOH 46  246 5   HOH HOH A . 
E 3 HOH 47  247 82  HOH HOH A . 
E 3 HOH 48  248 4   HOH HOH A . 
E 3 HOH 49  249 39  HOH HOH A . 
E 3 HOH 50  250 2   HOH HOH A . 
E 3 HOH 51  251 20  HOH HOH A . 
E 3 HOH 52  252 100 HOH HOH A . 
E 3 HOH 53  253 95  HOH HOH A . 
E 3 HOH 54  254 91  HOH HOH A . 
E 3 HOH 55  255 23  HOH HOH A . 
E 3 HOH 56  256 3   HOH HOH A . 
E 3 HOH 57  257 10  HOH HOH A . 
E 3 HOH 58  258 38  HOH HOH A . 
E 3 HOH 59  259 68  HOH HOH A . 
E 3 HOH 60  260 14  HOH HOH A . 
E 3 HOH 61  261 1   HOH HOH A . 
E 3 HOH 62  262 25  HOH HOH A . 
E 3 HOH 63  263 77  HOH HOH A . 
E 3 HOH 64  264 50  HOH HOH A . 
E 3 HOH 65  265 57  HOH HOH A . 
E 3 HOH 66  266 35  HOH HOH A . 
E 3 HOH 67  267 7   HOH HOH A . 
E 3 HOH 68  268 72  HOH HOH A . 
E 3 HOH 69  269 47  HOH HOH A . 
E 3 HOH 70  270 106 HOH HOH A . 
E 3 HOH 71  271 69  HOH HOH A . 
E 3 HOH 72  272 89  HOH HOH A . 
E 3 HOH 73  273 24  HOH HOH A . 
E 3 HOH 74  274 63  HOH HOH A . 
E 3 HOH 75  275 54  HOH HOH A . 
E 3 HOH 76  276 64  HOH HOH A . 
E 3 HOH 77  277 105 HOH HOH A . 
E 3 HOH 78  278 70  HOH HOH A . 
E 3 HOH 79  279 115 HOH HOH A . 
E 3 HOH 80  280 73  HOH HOH A . 
E 3 HOH 81  281 15  HOH HOH A . 
E 3 HOH 82  282 109 HOH HOH A . 
E 3 HOH 83  283 71  HOH HOH A . 
E 3 HOH 84  284 75  HOH HOH A . 
E 3 HOH 85  285 61  HOH HOH A . 
E 3 HOH 86  286 36  HOH HOH A . 
E 3 HOH 87  287 107 HOH HOH A . 
E 3 HOH 88  288 94  HOH HOH A . 
E 3 HOH 89  289 12  HOH HOH A . 
E 3 HOH 90  290 103 HOH HOH A . 
E 3 HOH 91  291 40  HOH HOH A . 
E 3 HOH 92  292 59  HOH HOH A . 
E 3 HOH 93  293 101 HOH HOH A . 
E 3 HOH 94  294 76  HOH HOH A . 
E 3 HOH 95  295 44  HOH HOH A . 
E 3 HOH 96  296 102 HOH HOH A . 
E 3 HOH 97  297 58  HOH HOH A . 
E 3 HOH 98  298 85  HOH HOH A . 
E 3 HOH 99  299 52  HOH HOH A . 
E 3 HOH 100 300 98  HOH HOH A . 
E 3 HOH 101 301 93  HOH HOH A . 
E 3 HOH 102 302 62  HOH HOH A . 
E 3 HOH 103 303 114 HOH HOH A . 
E 3 HOH 104 304 48  HOH HOH A . 
E 3 HOH 105 305 86  HOH HOH A . 
E 3 HOH 106 306 116 HOH HOH A . 
E 3 HOH 107 307 81  HOH HOH A . 
E 3 HOH 108 308 83  HOH HOH A . 
E 3 HOH 109 309 119 HOH HOH A . 
E 3 HOH 110 310 112 HOH HOH A . 
E 3 HOH 111 311 22  HOH HOH A . 
E 3 HOH 112 312 118 HOH HOH A . 
E 3 HOH 113 313 21  HOH HOH A . 
E 3 HOH 114 314 51  HOH HOH A . 
E 3 HOH 115 315 67  HOH HOH A . 
E 3 HOH 116 316 111 HOH HOH A . 
E 3 HOH 117 317 80  HOH HOH A . 
E 3 HOH 118 318 113 HOH HOH A . 
E 3 HOH 119 319 53  HOH HOH A . 
# 
loop_
_software.citation_id 
_software.classification 
_software.compiler_name 
_software.compiler_version 
_software.contact_author 
_software.contact_author_email 
_software.date 
_software.description 
_software.dependencies 
_software.hardware 
_software.language 
_software.location 
_software.mods 
_software.name 
_software.os 
_software.os_version 
_software.type 
_software.version 
_software.pdbx_ordinal 
? 'data reduction'  ? ? ? ? ? ? ? ? ? ? ? HKL-2000    ? ? ? .         1 
? 'data scaling'    ? ? ? ? ? ? ? ? ? ? ? HKL-2000    ? ? ? .         2 
? refinement        ? ? ? ? ? ? ? ? ? ? ? PHENIX      ? ? ? 1.12_2829 3 
? 'data extraction' ? ? ? ? ? ? ? ? ? ? ? PDB_EXTRACT ? ? ? 3.24      4 
? phasing           ? ? ? ? ? ? ? ? ? ? ? PHENIX      ? ? ? 1.12_2829 5 
# 
_cell.angle_alpha                  90.000 
_cell.angle_alpha_esd              ? 
_cell.angle_beta                   90.000 
_cell.angle_beta_esd               ? 
_cell.angle_gamma                  120.000 
_cell.angle_gamma_esd              ? 
_cell.entry_id                     6JKN 
_cell.details                      ? 
_cell.formula_units_Z              ? 
_cell.length_a                     46.252 
_cell.length_a_esd                 ? 
_cell.length_b                     46.252 
_cell.length_b_esd                 ? 
_cell.length_c                     120.054 
_cell.length_c_esd                 ? 
_cell.volume                       ? 
_cell.volume_esd                   ? 
_cell.Z_PDB                        12 
_cell.reciprocal_angle_alpha       ? 
_cell.reciprocal_angle_beta        ? 
_cell.reciprocal_angle_gamma       ? 
_cell.reciprocal_angle_alpha_esd   ? 
_cell.reciprocal_angle_beta_esd    ? 
_cell.reciprocal_angle_gamma_esd   ? 
_cell.reciprocal_length_a          ? 
_cell.reciprocal_length_b          ? 
_cell.reciprocal_length_c          ? 
_cell.reciprocal_length_a_esd      ? 
_cell.reciprocal_length_b_esd      ? 
_cell.reciprocal_length_c_esd      ? 
_cell.pdbx_unique_axis             ? 
# 
_symmetry.entry_id                         6JKN 
_symmetry.cell_setting                     ? 
_symmetry.Int_Tables_number                179 
_symmetry.space_group_name_Hall            ? 
_symmetry.space_group_name_H-M             'P 65 2 2' 
_symmetry.pdbx_full_space_group_name_H-M   ? 
# 
_exptl.absorpt_coefficient_mu     ? 
_exptl.absorpt_correction_T_max   ? 
_exptl.absorpt_correction_T_min   ? 
_exptl.absorpt_correction_type    ? 
_exptl.absorpt_process_details    ? 
_exptl.entry_id                   6JKN 
_exptl.crystals_number            1 
_exptl.details                    ? 
_exptl.method                     'X-RAY DIFFRACTION' 
_exptl.method_details             ? 
# 
_exptl_crystal.colour                      ? 
_exptl_crystal.density_diffrn              ? 
_exptl_crystal.density_Matthews            2.71 
_exptl_crystal.density_method              ? 
_exptl_crystal.density_percent_sol         54.69 
_exptl_crystal.description                 ? 
_exptl_crystal.F_000                       ? 
_exptl_crystal.id                          1 
_exptl_crystal.preparation                 ? 
_exptl_crystal.size_max                    ? 
_exptl_crystal.size_mid                    ? 
_exptl_crystal.size_min                    ? 
_exptl_crystal.size_rad                    ? 
_exptl_crystal.colour_lustre               ? 
_exptl_crystal.colour_modifier             ? 
_exptl_crystal.colour_primary              ? 
_exptl_crystal.density_meas                ? 
_exptl_crystal.density_meas_esd            ? 
_exptl_crystal.density_meas_gt             ? 
_exptl_crystal.density_meas_lt             ? 
_exptl_crystal.density_meas_temp           ? 
_exptl_crystal.density_meas_temp_esd       ? 
_exptl_crystal.density_meas_temp_gt        ? 
_exptl_crystal.density_meas_temp_lt        ? 
_exptl_crystal.pdbx_crystal_image_url      ? 
_exptl_crystal.pdbx_crystal_image_format   ? 
_exptl_crystal.pdbx_mosaicity              0.470 
_exptl_crystal.pdbx_mosaicity_esd          0.006 
# 
_exptl_crystal_grow.apparatus       ? 
_exptl_crystal_grow.atmosphere      ? 
_exptl_crystal_grow.crystal_id      1 
_exptl_crystal_grow.details         ? 
_exptl_crystal_grow.method          EVAPORATION 
_exptl_crystal_grow.method_ref      ? 
_exptl_crystal_grow.pH              6.0 
_exptl_crystal_grow.pressure        ? 
_exptl_crystal_grow.pressure_esd    ? 
_exptl_crystal_grow.seeding         ? 
_exptl_crystal_grow.seeding_ref     ? 
_exptl_crystal_grow.temp            289 
_exptl_crystal_grow.temp_details    ? 
_exptl_crystal_grow.temp_esd        ? 
_exptl_crystal_grow.time            ? 
_exptl_crystal_grow.pdbx_details    '0.1M sodium cacodylate pH 6.0, 80mM KCl, 12mM NaCl, 12mM spermine tetrahydrochloride, 50% MPD' 
_exptl_crystal_grow.pdbx_pH_range   ? 
# 
_diffrn.ambient_environment              ? 
_diffrn.ambient_temp                     100 
_diffrn.ambient_temp_details             ? 
_diffrn.ambient_temp_esd                 ? 
_diffrn.crystal_id                       1 
_diffrn.crystal_support                  ? 
_diffrn.crystal_treatment                ? 
_diffrn.details                          ? 
_diffrn.id                               1 
_diffrn.ambient_pressure                 ? 
_diffrn.ambient_pressure_esd             ? 
_diffrn.ambient_pressure_gt              ? 
_diffrn.ambient_pressure_lt              ? 
_diffrn.ambient_temp_gt                  ? 
_diffrn.ambient_temp_lt                  ? 
_diffrn.pdbx_serial_crystal_experiment   N 
# 
_diffrn_detector.details                      ? 
_diffrn_detector.detector                     PIXEL 
_diffrn_detector.diffrn_id                    1 
_diffrn_detector.type                         'DECTRIS PILATUS3 6M' 
_diffrn_detector.area_resol_mean              ? 
_diffrn_detector.dtime                        ? 
_diffrn_detector.pdbx_frames_total            ? 
_diffrn_detector.pdbx_collection_time_total   ? 
_diffrn_detector.pdbx_collection_date         2018-03-24 
_diffrn_detector.pdbx_frequency               ? 
# 
_diffrn_radiation.collimation                      ? 
_diffrn_radiation.diffrn_id                        1 
_diffrn_radiation.filter_edge                      ? 
_diffrn_radiation.inhomogeneity                    ? 
_diffrn_radiation.monochromator                    'double crystal' 
_diffrn_radiation.polarisn_norm                    ? 
_diffrn_radiation.polarisn_ratio                   ? 
_diffrn_radiation.probe                            ? 
_diffrn_radiation.type                             ? 
_diffrn_radiation.xray_symbol                      ? 
_diffrn_radiation.wavelength_id                    1 
_diffrn_radiation.pdbx_monochromatic_or_laue_m_l   M 
_diffrn_radiation.pdbx_wavelength_list             ? 
_diffrn_radiation.pdbx_wavelength                  ? 
_diffrn_radiation.pdbx_diffrn_protocol             'SINGLE WAVELENGTH' 
_diffrn_radiation.pdbx_analyzer                    ? 
_diffrn_radiation.pdbx_scattering_type             x-ray 
# 
_diffrn_radiation_wavelength.id           1 
_diffrn_radiation_wavelength.wavelength   0.91904 
_diffrn_radiation_wavelength.wt           1.0 
# 
_diffrn_source.current                     ? 
_diffrn_source.details                     ? 
_diffrn_source.diffrn_id                   1 
_diffrn_source.power                       ? 
_diffrn_source.size                        ? 
_diffrn_source.source                      SYNCHROTRON 
_diffrn_source.target                      ? 
_diffrn_source.type                        'SSRF BEAMLINE BL19U1' 
_diffrn_source.voltage                     ? 
_diffrn_source.take-off_angle              ? 
_diffrn_source.pdbx_wavelength_list        0.91904 
_diffrn_source.pdbx_wavelength             ? 
_diffrn_source.pdbx_synchrotron_beamline   BL19U1 
_diffrn_source.pdbx_synchrotron_site       SSRF 
# 
_reflns.B_iso_Wilson_estimate            18.920 
_reflns.entry_id                         6JKN 
_reflns.data_reduction_details           ? 
_reflns.data_reduction_method            ? 
_reflns.d_resolution_high                1.400 
_reflns.d_resolution_low                 50.000 
_reflns.details                          ? 
_reflns.limit_h_max                      ? 
_reflns.limit_h_min                      ? 
_reflns.limit_k_max                      ? 
_reflns.limit_k_min                      ? 
_reflns.limit_l_max                      ? 
_reflns.limit_l_min                      ? 
_reflns.number_all                       ? 
_reflns.number_obs                       15673 
_reflns.observed_criterion               ? 
_reflns.observed_criterion_F_max         ? 
_reflns.observed_criterion_F_min         ? 
_reflns.observed_criterion_I_max         ? 
_reflns.observed_criterion_I_min         ? 
_reflns.observed_criterion_sigma_F       ? 
_reflns.observed_criterion_sigma_I       ? 
_reflns.percent_possible_obs             99.300 
_reflns.R_free_details                   ? 
_reflns.Rmerge_F_all                     ? 
_reflns.Rmerge_F_obs                     ? 
_reflns.Friedel_coverage                 ? 
_reflns.number_gt                        ? 
_reflns.threshold_expression             ? 
_reflns.pdbx_redundancy                  32.800 
_reflns.pdbx_Rmerge_I_obs                0.075 
_reflns.pdbx_Rmerge_I_all                ? 
_reflns.pdbx_Rsym_value                  ? 
_reflns.pdbx_netI_over_av_sigmaI         ? 
_reflns.pdbx_netI_over_sigmaI            6.300 
_reflns.pdbx_res_netI_over_av_sigmaI_2   ? 
_reflns.pdbx_res_netI_over_sigmaI_2      ? 
_reflns.pdbx_chi_squared                 0.790 
_reflns.pdbx_scaling_rejects             ? 
_reflns.pdbx_d_res_high_opt              ? 
_reflns.pdbx_d_res_low_opt               ? 
_reflns.pdbx_d_res_opt_method            ? 
_reflns.phase_calculation_details        ? 
_reflns.pdbx_Rrim_I_all                  0.076 
_reflns.pdbx_Rpim_I_all                  0.013 
_reflns.pdbx_d_opt                       ? 
_reflns.pdbx_number_measured_all         ? 
_reflns.pdbx_diffrn_id                   1 
_reflns.pdbx_ordinal                     1 
_reflns.pdbx_CC_half                     ? 
_reflns.pdbx_R_split                     ? 
# 
loop_
_reflns_shell.d_res_high 
_reflns_shell.d_res_low 
_reflns_shell.meanI_over_sigI_all 
_reflns_shell.meanI_over_sigI_obs 
_reflns_shell.number_measured_all 
_reflns_shell.number_measured_obs 
_reflns_shell.number_possible 
_reflns_shell.number_unique_all 
_reflns_shell.number_unique_obs 
_reflns_shell.percent_possible_all 
_reflns_shell.percent_possible_obs 
_reflns_shell.Rmerge_F_all 
_reflns_shell.Rmerge_F_obs 
_reflns_shell.Rmerge_I_all 
_reflns_shell.Rmerge_I_obs 
_reflns_shell.meanI_over_sigI_gt 
_reflns_shell.meanI_over_uI_all 
_reflns_shell.meanI_over_uI_gt 
_reflns_shell.number_measured_gt 
_reflns_shell.number_unique_gt 
_reflns_shell.percent_possible_gt 
_reflns_shell.Rmerge_F_gt 
_reflns_shell.Rmerge_I_gt 
_reflns_shell.pdbx_redundancy 
_reflns_shell.pdbx_Rsym_value 
_reflns_shell.pdbx_chi_squared 
_reflns_shell.pdbx_netI_over_sigmaI_all 
_reflns_shell.pdbx_netI_over_sigmaI_obs 
_reflns_shell.pdbx_Rrim_I_all 
_reflns_shell.pdbx_Rpim_I_all 
_reflns_shell.pdbx_rejects 
_reflns_shell.pdbx_ordinal 
_reflns_shell.pdbx_diffrn_id 
_reflns_shell.pdbx_CC_half 
_reflns_shell.pdbx_R_split 
1.400 1.420  ? ? ? ? ? ? 677 91.700  ? ? ? ? 1.059 ? ? ? ? ? ? ? ? 17.200 ? 0.441 ? ? 1.089 0.232 ? 1  1 0.869 ? 
1.420 1.450  ? ? ? ? ? ? 751 96.800  ? ? ? ? 1.236 ? ? ? ? ? ? ? ? 21.000 ? 0.428 ? ? 1.265 0.254 ? 2  1 0.903 ? 
1.450 1.480  ? ? ? ? ? ? 760 99.500  ? ? ? ? 1.118 ? ? ? ? ? ? ? ? 23.800 ? 0.429 ? ? 1.141 0.220 ? 3  1 0.934 ? 
1.480 1.510  ? ? ? ? ? ? 747 99.100  ? ? ? ? 1.089 ? ? ? ? ? ? ? ? 28.300 ? 0.438 ? ? 1.109 0.201 ? 4  1 0.968 ? 
1.510 1.540  ? ? ? ? ? ? 782 100.000 ? ? ? ? 0.884 ? ? ? ? ? ? ? ? 33.400 ? 0.437 ? ? 0.898 0.152 ? 5  1 0.997 ? 
1.540 1.580  ? ? ? ? ? ? 755 100.000 ? ? ? ? 0.584 ? ? ? ? ? ? ? ? 35.800 ? 0.472 ? ? 0.592 0.098 ? 6  1 0.995 ? 
1.580 1.620  ? ? ? ? ? ? 772 100.000 ? ? ? ? 0.498 ? ? ? ? ? ? ? ? 36.600 ? 0.483 ? ? 0.505 0.083 ? 7  1 0.996 ? 
1.620 1.660  ? ? ? ? ? ? 772 100.000 ? ? ? ? 0.355 ? ? ? ? ? ? ? ? 36.400 ? 0.517 ? ? 0.360 0.059 ? 8  1 0.995 ? 
1.660 1.710  ? ? ? ? ? ? 767 100.000 ? ? ? ? 0.290 ? ? ? ? ? ? ? ? 35.800 ? 0.543 ? ? 0.294 0.049 ? 9  1 0.997 ? 
1.710 1.760  ? ? ? ? ? ? 775 100.000 ? ? ? ? 0.218 ? ? ? ? ? ? ? ? 32.500 ? 0.611 ? ? 0.221 0.039 ? 10 1 0.998 ? 
1.760 1.830  ? ? ? ? ? ? 779 100.000 ? ? ? ? 0.189 ? ? ? ? ? ? ? ? 36.300 ? 0.622 ? ? 0.192 0.032 ? 11 1 0.999 ? 
1.830 1.900  ? ? ? ? ? ? 773 100.000 ? ? ? ? 0.169 ? ? ? ? ? ? ? ? 37.800 ? 0.675 ? ? 0.171 0.028 ? 12 1 0.999 ? 
1.900 1.990  ? ? ? ? ? ? 784 99.900  ? ? ? ? 0.145 ? ? ? ? ? ? ? ? 37.500 ? 0.777 ? ? 0.147 0.024 ? 13 1 0.999 ? 
1.990 2.090  ? ? ? ? ? ? 787 100.000 ? ? ? ? 0.120 ? ? ? ? ? ? ? ? 36.700 ? 0.884 ? ? 0.122 0.021 ? 14 1 0.999 ? 
2.090 2.220  ? ? ? ? ? ? 805 100.000 ? ? ? ? 0.095 ? ? ? ? ? ? ? ? 33.900 ? 1.161 ? ? 0.096 0.017 ? 15 1 0.999 ? 
2.220 2.390  ? ? ? ? ? ? 781 100.000 ? ? ? ? 0.086 ? ? ? ? ? ? ? ? 35.900 ? 1.234 ? ? 0.087 0.015 ? 16 1 0.999 ? 
2.390 2.630  ? ? ? ? ? ? 806 100.000 ? ? ? ? 0.074 ? ? ? ? ? ? ? ? 37.300 ? 1.190 ? ? 0.075 0.013 ? 17 1 1.000 ? 
2.630 3.020  ? ? ? ? ? ? 824 100.000 ? ? ? ? 0.067 ? ? ? ? ? ? ? ? 35.100 ? 1.275 ? ? 0.068 0.012 ? 18 1 0.999 ? 
3.020 3.800  ? ? ? ? ? ? 841 99.800  ? ? ? ? 0.053 ? ? ? ? ? ? ? ? 31.800 ? 1.245 ? ? 0.054 0.009 ? 19 1 0.999 ? 
3.800 50.000 ? ? ? ? ? ? 935 99.500  ? ? ? ? 0.053 ? ? ? ? ? ? ? ? 29.800 ? 1.299 ? ? 0.053 0.010 ? 20 1 0.997 ? 
# 
_refine.aniso_B[1][1]                            ? 
_refine.aniso_B[1][2]                            ? 
_refine.aniso_B[1][3]                            ? 
_refine.aniso_B[2][2]                            ? 
_refine.aniso_B[2][3]                            ? 
_refine.aniso_B[3][3]                            ? 
_refine.B_iso_max                                85.910 
_refine.B_iso_mean                               30.9781 
_refine.B_iso_min                                11.130 
_refine.correlation_coeff_Fo_to_Fc               ? 
_refine.correlation_coeff_Fo_to_Fc_free          ? 
_refine.details                                  ? 
_refine.diff_density_max                         ? 
_refine.diff_density_max_esd                     ? 
_refine.diff_density_min                         ? 
_refine.diff_density_min_esd                     ? 
_refine.diff_density_rms                         ? 
_refine.diff_density_rms_esd                     ? 
_refine.entry_id                                 6JKN 
_refine.pdbx_refine_id                           'X-RAY DIFFRACTION' 
_refine.ls_abs_structure_details                 ? 
_refine.ls_abs_structure_Flack                   ? 
_refine.ls_abs_structure_Flack_esd               ? 
_refine.ls_abs_structure_Rogers                  ? 
_refine.ls_abs_structure_Rogers_esd              ? 
_refine.ls_d_res_high                            1.4010 
_refine.ls_d_res_low                             37.9960 
_refine.ls_extinction_coef                       ? 
_refine.ls_extinction_coef_esd                   ? 
_refine.ls_extinction_expression                 ? 
_refine.ls_extinction_method                     ? 
_refine.ls_goodness_of_fit_all                   ? 
_refine.ls_goodness_of_fit_all_esd               ? 
_refine.ls_goodness_of_fit_obs                   ? 
_refine.ls_goodness_of_fit_obs_esd               ? 
_refine.ls_hydrogen_treatment                    ? 
_refine.ls_matrix_type                           ? 
_refine.ls_number_constraints                    ? 
_refine.ls_number_parameters                     ? 
_refine.ls_number_reflns_all                     ? 
_refine.ls_number_reflns_obs                     15571 
_refine.ls_number_reflns_R_free                  1383 
_refine.ls_number_reflns_R_work                  ? 
_refine.ls_number_restraints                     ? 
_refine.ls_percent_reflns_obs                    98.8200 
_refine.ls_percent_reflns_R_free                 4.9600 
_refine.ls_R_factor_all                          ? 
_refine.ls_R_factor_obs                          0.1602 
_refine.ls_R_factor_R_free                       0.1842 
_refine.ls_R_factor_R_free_error                 ? 
_refine.ls_R_factor_R_free_error_details         ? 
_refine.ls_R_factor_R_work                       0.1590 
_refine.ls_R_Fsqd_factor_obs                     ? 
_refine.ls_R_I_factor_obs                        ? 
_refine.ls_redundancy_reflns_all                 ? 
_refine.ls_redundancy_reflns_obs                 ? 
_refine.ls_restrained_S_all                      ? 
_refine.ls_restrained_S_obs                      ? 
_refine.ls_shift_over_esd_max                    ? 
_refine.ls_shift_over_esd_mean                   ? 
_refine.ls_structure_factor_coef                 ? 
_refine.ls_weighting_details                     ? 
_refine.ls_weighting_scheme                      ? 
_refine.ls_wR_factor_all                         ? 
_refine.ls_wR_factor_obs                         ? 
_refine.ls_wR_factor_R_free                      ? 
_refine.ls_wR_factor_R_work                      ? 
_refine.occupancy_max                            ? 
_refine.occupancy_min                            ? 
_refine.solvent_model_details                    ? 
_refine.solvent_model_param_bsol                 ? 
_refine.solvent_model_param_ksol                 ? 
_refine.ls_R_factor_gt                           ? 
_refine.ls_goodness_of_fit_gt                    ? 
_refine.ls_goodness_of_fit_ref                   ? 
_refine.ls_shift_over_su_max                     ? 
_refine.ls_shift_over_su_max_lt                  ? 
_refine.ls_shift_over_su_mean                    ? 
_refine.ls_shift_over_su_mean_lt                 ? 
_refine.pdbx_ls_sigma_I                          ? 
_refine.pdbx_ls_sigma_F                          1.350 
_refine.pdbx_ls_sigma_Fsqd                       ? 
_refine.pdbx_data_cutoff_high_absF               ? 
_refine.pdbx_data_cutoff_high_rms_absF           ? 
_refine.pdbx_data_cutoff_low_absF                ? 
_refine.pdbx_isotropic_thermal_model             ? 
_refine.pdbx_ls_cross_valid_method               THROUGHOUT 
_refine.pdbx_method_to_determine_struct          SAD 
_refine.pdbx_starting_model                      ? 
_refine.pdbx_stereochemistry_target_values       ? 
_refine.pdbx_R_Free_selection_details            ? 
_refine.pdbx_stereochem_target_val_spec_case     ? 
_refine.pdbx_overall_ESU_R                       ? 
_refine.pdbx_overall_ESU_R_Free                  ? 
_refine.pdbx_solvent_vdw_probe_radii             1.1100 
_refine.pdbx_solvent_ion_probe_radii             ? 
_refine.pdbx_solvent_shrinkage_radii             0.9000 
_refine.pdbx_real_space_R                        ? 
_refine.pdbx_density_correlation                 ? 
_refine.pdbx_pd_number_of_powder_patterns        ? 
_refine.pdbx_pd_number_of_points                 ? 
_refine.pdbx_pd_meas_number_of_points            ? 
_refine.pdbx_pd_proc_ls_prof_R_factor            ? 
_refine.pdbx_pd_proc_ls_prof_wR_factor           ? 
_refine.pdbx_pd_Marquardt_correlation_coeff      ? 
_refine.pdbx_pd_Fsqrd_R_factor                   ? 
_refine.pdbx_pd_ls_matrix_band_width             ? 
_refine.pdbx_overall_phase_error                 23.1600 
_refine.pdbx_overall_SU_R_free_Cruickshank_DPI   ? 
_refine.pdbx_overall_SU_R_free_Blow_DPI          ? 
_refine.pdbx_overall_SU_R_Blow_DPI               ? 
_refine.pdbx_TLS_residual_ADP_flag               ? 
_refine.pdbx_diffrn_id                           1 
_refine.overall_SU_B                             ? 
_refine.overall_SU_ML                            0.1700 
_refine.overall_SU_R_Cruickshank_DPI             ? 
_refine.overall_SU_R_free                        ? 
_refine.overall_FOM_free_R_set                   ? 
_refine.overall_FOM_work_R_set                   ? 
_refine.pdbx_average_fsc_overall                 ? 
_refine.pdbx_average_fsc_work                    ? 
_refine.pdbx_average_fsc_free                    ? 
# 
_refine_hist.cycle_id                         final 
_refine_hist.pdbx_refine_id                   'X-RAY DIFFRACTION' 
_refine_hist.d_res_high                       1.4010 
_refine_hist.d_res_low                        37.9960 
_refine_hist.pdbx_number_atoms_ligand         3 
_refine_hist.number_atoms_solvent             119 
_refine_hist.number_atoms_total               568 
_refine_hist.pdbx_number_residues_total       21 
_refine_hist.pdbx_B_iso_mean_ligand           20.19 
_refine_hist.pdbx_B_iso_mean_solvent          41.17 
_refine_hist.pdbx_number_atoms_protein        0 
_refine_hist.pdbx_number_atoms_nucleic_acid   446 
# 
loop_
_refine_ls_restr.pdbx_refine_id 
_refine_ls_restr.criterion 
_refine_ls_restr.dev_ideal 
_refine_ls_restr.dev_ideal_target 
_refine_ls_restr.number 
_refine_ls_restr.rejects 
_refine_ls_restr.type 
_refine_ls_restr.weight 
_refine_ls_restr.pdbx_restraint_function 
'X-RAY DIFFRACTION' ? 0.009  ? 502 ? f_bond_d           ? ? 
'X-RAY DIFFRACTION' ? 1.854  ? 779 ? f_angle_d          ? ? 
'X-RAY DIFFRACTION' ? 0.067  ? 81  ? f_chiral_restr     ? ? 
'X-RAY DIFFRACTION' ? 0.016  ? 21  ? f_plane_restr      ? ? 
'X-RAY DIFFRACTION' ? 32.010 ? 208 ? f_dihedral_angle_d ? ? 
# 
loop_
_refine_ls_shell.pdbx_refine_id 
_refine_ls_shell.d_res_high 
_refine_ls_shell.d_res_low 
_refine_ls_shell.number_reflns_all 
_refine_ls_shell.number_reflns_obs 
_refine_ls_shell.number_reflns_R_free 
_refine_ls_shell.number_reflns_R_work 
_refine_ls_shell.percent_reflns_obs 
_refine_ls_shell.percent_reflns_R_free 
_refine_ls_shell.R_factor_all 
_refine_ls_shell.R_factor_obs 
_refine_ls_shell.R_factor_R_free 
_refine_ls_shell.R_factor_R_free_error 
_refine_ls_shell.R_factor_R_work 
_refine_ls_shell.redundancy_reflns_all 
_refine_ls_shell.redundancy_reflns_obs 
_refine_ls_shell.wR_factor_all 
_refine_ls_shell.wR_factor_obs 
_refine_ls_shell.wR_factor_R_free 
_refine_ls_shell.wR_factor_R_work 
_refine_ls_shell.pdbx_total_number_of_bins_used 
_refine_ls_shell.pdbx_phase_error 
_refine_ls_shell.pdbx_fsc_work 
_refine_ls_shell.pdbx_fsc_free 
'X-RAY DIFFRACTION' 1.4011 1.4512  2566 . 140 2426 91.0000  . . . 0.3404 0.0000 0.3238 . . . . . . 10 . . . 
'X-RAY DIFFRACTION' 1.4512 1.5093  2782 . 146 2636 99.0000  . . . 0.2906 0.0000 0.2722 . . . . . . 10 . . . 
'X-RAY DIFFRACTION' 1.5093 1.5780  2804 . 109 2695 99.0000  . . . 0.2064 0.0000 0.2069 . . . . . . 10 . . . 
'X-RAY DIFFRACTION' 1.5780 1.6612  2823 . 123 2700 100.0000 . . . 0.1902 0.0000 0.1586 . . . . . . 10 . . . 
'X-RAY DIFFRACTION' 1.6612 1.7653  2820 . 150 2670 100.0000 . . . 0.1797 0.0000 0.1466 . . . . . . 10 . . . 
'X-RAY DIFFRACTION' 1.7653 1.9016  2818 . 151 2667 100.0000 . . . 0.2189 0.0000 0.1530 . . . . . . 10 . . . 
'X-RAY DIFFRACTION' 1.9016 2.0929  2823 . 125 2698 100.0000 . . . 0.2534 0.0000 0.1730 . . . . . . 10 . . . 
'X-RAY DIFFRACTION' 2.0929 2.3957  2814 . 169 2645 100.0000 . . . 0.1897 0.0000 0.1631 . . . . . . 10 . . . 
'X-RAY DIFFRACTION' 2.3957 3.0182  2822 . 146 2676 100.0000 . . . 0.1645 0.0000 0.1588 . . . . . . 10 . . . 
'X-RAY DIFFRACTION' 3.0182 38.0103 2834 . 124 2710 100.0000 . . . 0.1523 0.0000 0.1387 . . . . . . 10 . . . 
# 
_struct.entry_id                     6JKN 
_struct.title                        'Crystal Structure of G-quadruplex Formed by Bromo-substituted Human Telomeric DNA' 
_struct.pdbx_model_details           ? 
_struct.pdbx_formula_weight          ? 
_struct.pdbx_formula_weight_method   ? 
_struct.pdbx_model_type_details      ? 
_struct.pdbx_CASP_flag               N 
# 
_struct_keywords.entry_id        6JKN 
_struct_keywords.text            'DNA, G-quadruplex' 
_struct_keywords.pdbx_keywords   DNA 
# 
loop_
_struct_asym.id 
_struct_asym.pdbx_blank_PDB_chainid_flag 
_struct_asym.pdbx_modified 
_struct_asym.entity_id 
_struct_asym.details 
A N N 1 ? 
B N N 2 ? 
C N N 2 ? 
D N N 2 ? 
E N N 3 ? 
# 
_struct_ref.id                         1 
_struct_ref.db_name                    PDB 
_struct_ref.db_code                    6JKN 
_struct_ref.pdbx_db_accession          6JKN 
_struct_ref.pdbx_db_isoform            ? 
_struct_ref.entity_id                  1 
_struct_ref.pdbx_seq_one_letter_code   ? 
_struct_ref.pdbx_align_begin           1 
# 
_struct_ref_seq.align_id                      1 
_struct_ref_seq.ref_id                        1 
_struct_ref_seq.pdbx_PDB_id_code              6JKN 
_struct_ref_seq.pdbx_strand_id                A 
_struct_ref_seq.seq_align_beg                 1 
_struct_ref_seq.pdbx_seq_align_beg_ins_code   ? 
_struct_ref_seq.seq_align_end                 21 
_struct_ref_seq.pdbx_seq_align_end_ins_code   ? 
_struct_ref_seq.pdbx_db_accession             6JKN 
_struct_ref_seq.db_align_beg                  1 
_struct_ref_seq.pdbx_db_align_beg_ins_code    ? 
_struct_ref_seq.db_align_end                  21 
_struct_ref_seq.pdbx_db_align_end_ins_code    ? 
_struct_ref_seq.pdbx_auth_seq_align_beg       1 
_struct_ref_seq.pdbx_auth_seq_align_end       21 
# 
_pdbx_struct_assembly.id                   1 
_pdbx_struct_assembly.details              author_and_software_defined_assembly 
_pdbx_struct_assembly.method_details       PISA 
_pdbx_struct_assembly.oligomeric_details   monomeric 
_pdbx_struct_assembly.oligomeric_count     1 
# 
loop_
_pdbx_struct_assembly_prop.biol_id 
_pdbx_struct_assembly_prop.type 
_pdbx_struct_assembly_prop.value 
_pdbx_struct_assembly_prop.details 
1 'ABSA (A^2)' 1120 ? 
1 MORE         11   ? 
1 'SSA (A^2)'  4090 ? 
# 
_pdbx_struct_assembly_gen.assembly_id       1 
_pdbx_struct_assembly_gen.oper_expression   1 
_pdbx_struct_assembly_gen.asym_id_list      A,B,C,D,E 
# 
_pdbx_struct_assembly_auth_evidence.id                     1 
_pdbx_struct_assembly_auth_evidence.assembly_id            1 
_pdbx_struct_assembly_auth_evidence.experimental_support   'native gel electrophoresis' 
_pdbx_struct_assembly_auth_evidence.details                ? 
# 
_pdbx_struct_oper_list.id                   1 
_pdbx_struct_oper_list.type                 'identity operation' 
_pdbx_struct_oper_list.name                 1_555 
_pdbx_struct_oper_list.symmetry_operation   x,y,z 
_pdbx_struct_oper_list.matrix[1][1]         1.0000000000 
_pdbx_struct_oper_list.matrix[1][2]         0.0000000000 
_pdbx_struct_oper_list.matrix[1][3]         0.0000000000 
_pdbx_struct_oper_list.vector[1]            0.0000000000 
_pdbx_struct_oper_list.matrix[2][1]         0.0000000000 
_pdbx_struct_oper_list.matrix[2][2]         1.0000000000 
_pdbx_struct_oper_list.matrix[2][3]         0.0000000000 
_pdbx_struct_oper_list.vector[2]            0.0000000000 
_pdbx_struct_oper_list.matrix[3][1]         0.0000000000 
_pdbx_struct_oper_list.matrix[3][2]         0.0000000000 
_pdbx_struct_oper_list.matrix[3][3]         1.0000000000 
_pdbx_struct_oper_list.vector[3]            0.0000000000 
# 
loop_
_struct_conn.id 
_struct_conn.conn_type_id 
_struct_conn.pdbx_leaving_atom_flag 
_struct_conn.pdbx_PDB_id 
_struct_conn.ptnr1_label_asym_id 
_struct_conn.ptnr1_label_comp_id 
_struct_conn.ptnr1_label_seq_id 
_struct_conn.ptnr1_label_atom_id 
_struct_conn.pdbx_ptnr1_label_alt_id 
_struct_conn.pdbx_ptnr1_PDB_ins_code 
_struct_conn.pdbx_ptnr1_standard_comp_id 
_struct_conn.ptnr1_symmetry 
_struct_conn.ptnr2_label_asym_id 
_struct_conn.ptnr2_label_comp_id 
_struct_conn.ptnr2_label_seq_id 
_struct_conn.ptnr2_label_atom_id 
_struct_conn.pdbx_ptnr2_label_alt_id 
_struct_conn.pdbx_ptnr2_PDB_ins_code 
_struct_conn.ptnr1_auth_asym_id 
_struct_conn.ptnr1_auth_comp_id 
_struct_conn.ptnr1_auth_seq_id 
_struct_conn.ptnr2_auth_asym_id 
_struct_conn.ptnr2_auth_comp_id 
_struct_conn.ptnr2_auth_seq_id 
_struct_conn.ptnr2_symmetry 
_struct_conn.pdbx_ptnr3_label_atom_id 
_struct_conn.pdbx_ptnr3_label_seq_id 
_struct_conn.pdbx_ptnr3_label_comp_id 
_struct_conn.pdbx_ptnr3_label_asym_id 
_struct_conn.pdbx_ptnr3_label_alt_id 
_struct_conn.pdbx_ptnr3_PDB_ins_code 
_struct_conn.details 
_struct_conn.pdbx_dist_value 
_struct_conn.pdbx_value_order 
_struct_conn.pdbx_role 
covale1  covale both ? A DG  7  "O3'" ? ? ? 1_555 A BGM 8  P  ? ? A DG  7   A BGM 8   1_555 ? ? ? ? ? ? ?           1.612 ? ? 
covale2  covale both ? A BGM 8  "O3'" ? ? ? 1_555 A DG  9  P  ? ? A BGM 8   A DG  9   1_555 ? ? ? ? ? ? ?           1.621 ? ? 
covale3  covale both ? A DG  19 "O3'" ? ? ? 1_555 A BGM 20 P  ? ? A DG  19  A BGM 20  1_555 ? ? ? ? ? ? ?           1.603 ? ? 
covale4  covale both ? A BGM 20 "O3'" ? ? ? 1_555 A DG  21 P  ? ? A BGM 20  A DG  21  1_555 ? ? ? ? ? ? ?           1.608 ? ? 
metalc1  metalc ?    ? A DG  1  O6    ? ? ? 1_555 D K   .  K  ? ? A DG  1   A K   103 1_555 ? ? ? ? ? ? ?           2.700 ? ? 
metalc2  metalc ?    ? A DG  2  O6    ? ? ? 1_555 C K   .  K  ? ? A DG  2   A K   102 1_555 ? ? ? ? ? ? ?           2.775 ? ? 
metalc3  metalc ?    ? A DG  2  O6    ? ? ? 1_555 D K   .  K  ? ? A DG  2   A K   103 1_555 ? ? ? ? ? ? ?           3.157 ? ? 
metalc4  metalc ?    ? A DG  3  O6    ? ? ? 1_555 B K   .  K  ? ? A DG  3   A K   101 1_555 ? ? ? ? ? ? ?           2.820 ? ? 
metalc5  metalc ?    ? A DG  3  O6    ? ? ? 1_555 C K   .  K  ? ? A DG  3   A K   102 1_555 ? ? ? ? ? ? ?           2.858 ? ? 
metalc6  metalc ?    ? A DT  5  O2    ? ? ? 1_555 B K   .  K  ? ? A DT  5   A K   101 1_555 ? ? ? ? ? ? ?           2.847 ? ? 
metalc7  metalc ?    ? A DG  7  O6    ? ? ? 1_555 B K   .  K  ? ? A DG  7   A K   101 1_555 ? ? ? ? ? ? ?           2.830 ? ? 
metalc8  metalc ?    ? A DG  7  O6    ? ? ? 1_555 C K   .  K  ? ? A DG  7   A K   102 1_555 ? ? ? ? ? ? ?           2.699 ? ? 
metalc9  metalc ?    ? A BGM 8  O6    ? ? ? 1_555 C K   .  K  ? ? A BGM 8   A K   102 1_555 ? ? ? ? ? ? ?           2.891 ? ? 
metalc10 metalc ?    ? A BGM 8  O6    ? ? ? 1_555 D K   .  K  ? ? A BGM 8   A K   103 1_555 ? ? ? ? ? ? ?           2.896 ? ? 
metalc11 metalc ?    ? A DG  9  O6    ? ? ? 1_555 D K   .  K  ? ? A DG  9   A K   103 1_555 ? ? ? ? ? ? ?           2.713 ? ? 
metalc12 metalc ?    ? A DG  13 O6    ? ? ? 1_555 D K   .  K  ? ? A DG  13  A K   103 1_555 ? ? ? ? ? ? ?           2.713 ? ? 
metalc13 metalc ?    ? A DG  14 O6    ? ? ? 1_555 C K   .  K  ? ? A DG  14  A K   102 1_555 ? ? ? ? ? ? ?           2.708 ? ? 
metalc14 metalc ?    ? A DG  14 O6    ? ? ? 1_555 D K   .  K  ? ? A DG  14  A K   103 1_555 ? ? ? ? ? ? ?           2.841 ? ? 
metalc15 metalc ?    ? A DG  15 O6    ? ? ? 1_555 B K   .  K  ? ? A DG  15  A K   101 1_555 ? ? ? ? ? ? ?           2.807 ? ? 
metalc16 metalc ?    ? A DG  15 O6    ? ? ? 1_555 C K   .  K  ? ? A DG  15  A K   102 1_555 ? ? ? ? ? ? ?           3.025 ? ? 
metalc17 metalc ?    ? A DT  17 O2    ? ? ? 1_555 B K   .  K  ? ? A DT  17  A K   101 1_555 ? ? ? ? ? ? ?           2.838 ? ? 
metalc18 metalc ?    ? A DG  19 O6    ? ? ? 1_555 B K   .  K  ? ? A DG  19  A K   101 1_555 ? ? ? ? ? ? ?           2.936 ? ? 
metalc19 metalc ?    ? A DG  19 O6    ? ? ? 1_555 C K   .  K  ? ? A DG  19  A K   102 1_555 ? ? ? ? ? ? ?           2.729 ? ? 
metalc20 metalc ?    ? A BGM 20 O6    ? ? ? 1_555 C K   .  K  ? ? A BGM 20  A K   102 1_555 ? ? ? ? ? ? ?           2.719 ? ? 
metalc21 metalc ?    ? A BGM 20 O6    ? ? ? 1_555 D K   .  K  ? ? A BGM 20  A K   103 1_555 ? ? ? ? ? ? ?           2.794 ? ? 
metalc22 metalc ?    ? A DG  21 O6    ? ? ? 1_555 D K   .  K  ? ? A DG  21  A K   103 1_555 ? ? ? ? ? ? ?           2.802 ? ? 
metalc23 metalc ?    ? B K   .  K     ? ? ? 1_555 E HOH .  O  ? ? A K   101 A HOH 257 1_555 ? ? ? ? ? ? ?           2.730 ? ? 
metalc24 metalc ?    ? B K   .  K     ? ? ? 1_555 E HOH .  O  ? ? A K   101 A HOH 261 1_555 ? ? ? ? ? ? ?           2.733 ? ? 
hydrog1  hydrog ?    ? A DG  1  N7    ? ? ? 1_555 A DG  9  N2 ? ? A DG  1   A DG  9   1_555 ? ? ? ? ? ? TYPE_6_PAIR ?     ? ? 
hydrog2  hydrog ?    ? A DG  1  O6    ? ? ? 1_555 A DG  9  N1 ? ? A DG  1   A DG  9   1_555 ? ? ? ? ? ? TYPE_6_PAIR ?     ? ? 
hydrog3  hydrog ?    ? A DG  1  N1    ? ? ? 1_555 A DG  21 O6 ? ? A DG  1   A DG  21  1_555 ? ? ? ? ? ? TYPE_6_PAIR ?     ? ? 
hydrog4  hydrog ?    ? A DG  1  N2    ? ? ? 1_555 A DG  21 N7 ? ? A DG  1   A DG  21  1_555 ? ? ? ? ? ? TYPE_6_PAIR ?     ? ? 
hydrog5  hydrog ?    ? A DG  2  N1    ? ? ? 1_555 A BGM 8  O6 ? ? A DG  2   A BGM 8   1_555 ? ? ? ? ? ? TYPE_6_PAIR ?     ? ? 
hydrog6  hydrog ?    ? A DG  2  N2    ? ? ? 1_555 A BGM 8  N7 ? ? A DG  2   A BGM 8   1_555 ? ? ? ? ? ? TYPE_6_PAIR ?     ? ? 
hydrog7  hydrog ?    ? A DG  2  N7    ? ? ? 1_555 A BGM 20 N2 ? ? A DG  2   A BGM 20  1_555 ? ? ? ? ? ? TYPE_6_PAIR ?     ? ? 
hydrog8  hydrog ?    ? A DG  2  O6    ? ? ? 1_555 A BGM 20 N1 ? ? A DG  2   A BGM 20  1_555 ? ? ? ? ? ? TYPE_6_PAIR ?     ? ? 
hydrog9  hydrog ?    ? A DG  3  N1    ? ? ? 1_555 A DG  7  O6 ? ? A DG  3   A DG  7   1_555 ? ? ? ? ? ? TYPE_6_PAIR ?     ? ? 
hydrog10 hydrog ?    ? A DG  3  N2    ? ? ? 1_555 A DG  7  N7 ? ? A DG  3   A DG  7   1_555 ? ? ? ? ? ? TYPE_6_PAIR ?     ? ? 
hydrog11 hydrog ?    ? A DG  3  N7    ? ? ? 1_555 A DG  19 N2 ? ? A DG  3   A DG  19  1_555 ? ? ? ? ? ? TYPE_6_PAIR ?     ? ? 
hydrog12 hydrog ?    ? A DG  3  O6    ? ? ? 1_555 A DG  19 N1 ? ? A DG  3   A DG  19  1_555 ? ? ? ? ? ? TYPE_6_PAIR ?     ? ? 
hydrog13 hydrog ?    ? A DA  6  N6    ? ? ? 1_555 A DA  18 N7 ? ? A DA  6   A DA  18  1_555 ? ? ? ? ? ? TYPE_2_PAIR ?     ? ? 
hydrog14 hydrog ?    ? A DA  6  N7    ? ? ? 1_555 A DA  18 N6 ? ? A DA  6   A DA  18  1_555 ? ? ? ? ? ? TYPE_2_PAIR ?     ? ? 
hydrog15 hydrog ?    ? A DG  7  N1    ? ? ? 1_555 A DG  15 O6 ? ? A DG  7   A DG  15  1_555 ? ? ? ? ? ? TYPE_6_PAIR ?     ? ? 
hydrog16 hydrog ?    ? A DG  7  N2    ? ? ? 1_555 A DG  15 N7 ? ? A DG  7   A DG  15  1_555 ? ? ? ? ? ? TYPE_6_PAIR ?     ? ? 
hydrog17 hydrog ?    ? A BGM 8  N1    ? ? ? 1_555 A DG  14 O6 ? ? A BGM 8   A DG  14  1_555 ? ? ? ? ? ? TYPE_6_PAIR ?     ? ? 
hydrog18 hydrog ?    ? A BGM 8  N2    ? ? ? 1_555 A DG  14 N7 ? ? A BGM 8   A DG  14  1_555 ? ? ? ? ? ? TYPE_6_PAIR ?     ? ? 
hydrog19 hydrog ?    ? A DG  9  N7    ? ? ? 1_555 A DG  13 N2 ? ? A DG  9   A DG  13  1_555 ? ? ? ? ? ? TYPE_6_PAIR ?     ? ? 
hydrog20 hydrog ?    ? A DG  9  O6    ? ? ? 1_555 A DG  13 N1 ? ? A DG  9   A DG  13  1_555 ? ? ? ? ? ? TYPE_6_PAIR ?     ? ? 
hydrog21 hydrog ?    ? A DT  10 N3    ? ? ? 1_555 A DA  12 N7 ? ? A DT  10  A DA  12  1_555 ? ? ? ? ? ? HOOGSTEEN   ?     ? ? 
hydrog22 hydrog ?    ? A DT  10 O4    ? ? ? 1_555 A DA  12 N6 ? ? A DT  10  A DA  12  1_555 ? ? ? ? ? ? HOOGSTEEN   ?     ? ? 
hydrog23 hydrog ?    ? A DG  13 N7    ? ? ? 1_555 A DG  21 N2 ? ? A DG  13  A DG  21  1_555 ? ? ? ? ? ? TYPE_6_PAIR ?     ? ? 
hydrog24 hydrog ?    ? A DG  13 O6    ? ? ? 1_555 A DG  21 N1 ? ? A DG  13  A DG  21  1_555 ? ? ? ? ? ? TYPE_6_PAIR ?     ? ? 
hydrog25 hydrog ?    ? A DG  14 N1    ? ? ? 1_555 A BGM 20 O6 ? ? A DG  14  A BGM 20  1_555 ? ? ? ? ? ? TYPE_6_PAIR ?     ? ? 
hydrog26 hydrog ?    ? A DG  14 N2    ? ? ? 1_555 A BGM 20 N7 ? ? A DG  14  A BGM 20  1_555 ? ? ? ? ? ? TYPE_6_PAIR ?     ? ? 
hydrog27 hydrog ?    ? A DG  15 N1    ? ? ? 1_555 A DG  19 O6 ? ? A DG  15  A DG  19  1_555 ? ? ? ? ? ? TYPE_6_PAIR ?     ? ? 
hydrog28 hydrog ?    ? A DG  15 N2    ? ? ? 1_555 A DG  19 N7 ? ? A DG  15  A DG  19  1_555 ? ? ? ? ? ? TYPE_6_PAIR ?     ? ? 
# 
loop_
_struct_conn_type.id 
_struct_conn_type.criteria 
_struct_conn_type.reference 
covale ? ? 
metalc ? ? 
hydrog ? ? 
# 
loop_
_pdbx_struct_conn_angle.id 
_pdbx_struct_conn_angle.ptnr1_label_atom_id 
_pdbx_struct_conn_angle.ptnr1_label_alt_id 
_pdbx_struct_conn_angle.ptnr1_label_asym_id 
_pdbx_struct_conn_angle.ptnr1_label_comp_id 
_pdbx_struct_conn_angle.ptnr1_label_seq_id 
_pdbx_struct_conn_angle.ptnr1_auth_atom_id 
_pdbx_struct_conn_angle.ptnr1_auth_asym_id 
_pdbx_struct_conn_angle.ptnr1_auth_comp_id 
_pdbx_struct_conn_angle.ptnr1_auth_seq_id 
_pdbx_struct_conn_angle.ptnr1_PDB_ins_code 
_pdbx_struct_conn_angle.ptnr1_symmetry 
_pdbx_struct_conn_angle.ptnr2_label_atom_id 
_pdbx_struct_conn_angle.ptnr2_label_alt_id 
_pdbx_struct_conn_angle.ptnr2_label_asym_id 
_pdbx_struct_conn_angle.ptnr2_label_comp_id 
_pdbx_struct_conn_angle.ptnr2_label_seq_id 
_pdbx_struct_conn_angle.ptnr2_auth_atom_id 
_pdbx_struct_conn_angle.ptnr2_auth_asym_id 
_pdbx_struct_conn_angle.ptnr2_auth_comp_id 
_pdbx_struct_conn_angle.ptnr2_auth_seq_id 
_pdbx_struct_conn_angle.ptnr2_PDB_ins_code 
_pdbx_struct_conn_angle.ptnr2_symmetry 
_pdbx_struct_conn_angle.ptnr3_label_atom_id 
_pdbx_struct_conn_angle.ptnr3_label_alt_id 
_pdbx_struct_conn_angle.ptnr3_label_asym_id 
_pdbx_struct_conn_angle.ptnr3_label_comp_id 
_pdbx_struct_conn_angle.ptnr3_label_seq_id 
_pdbx_struct_conn_angle.ptnr3_auth_atom_id 
_pdbx_struct_conn_angle.ptnr3_auth_asym_id 
_pdbx_struct_conn_angle.ptnr3_auth_comp_id 
_pdbx_struct_conn_angle.ptnr3_auth_seq_id 
_pdbx_struct_conn_angle.ptnr3_PDB_ins_code 
_pdbx_struct_conn_angle.ptnr3_symmetry 
_pdbx_struct_conn_angle.value 
_pdbx_struct_conn_angle.value_esd 
1  O6 ? A DG  1  ? A DG  1   ? 1_555 K ? D K . ? A K 103 ? 1_555 O6 ? A DG  2  ? A DG  2   ? 1_555 69.0  ? 
2  O6 ? A DG  1  ? A DG  1   ? 1_555 K ? D K . ? A K 103 ? 1_555 O6 ? A BGM 8  ? A BGM 8   ? 1_555 98.5  ? 
3  O6 ? A DG  2  ? A DG  2   ? 1_555 K ? D K . ? A K 103 ? 1_555 O6 ? A BGM 8  ? A BGM 8   ? 1_555 64.3  ? 
4  O6 ? A DG  1  ? A DG  1   ? 1_555 K ? D K . ? A K 103 ? 1_555 O6 ? A DG  9  ? A DG  9   ? 1_555 76.4  ? 
5  O6 ? A DG  2  ? A DG  2   ? 1_555 K ? D K . ? A K 103 ? 1_555 O6 ? A DG  9  ? A DG  9   ? 1_555 116.9 ? 
6  O6 ? A BGM 8  ? A BGM 8   ? 1_555 K ? D K . ? A K 103 ? 1_555 O6 ? A DG  9  ? A DG  9   ? 1_555 71.1  ? 
7  O6 ? A DG  1  ? A DG  1   ? 1_555 K ? D K . ? A K 103 ? 1_555 O6 ? A DG  13 ? A DG  13  ? 1_555 121.9 ? 
8  O6 ? A DG  2  ? A DG  2   ? 1_555 K ? D K . ? A K 103 ? 1_555 O6 ? A DG  13 ? A DG  13  ? 1_555 166.6 ? 
9  O6 ? A BGM 8  ? A BGM 8   ? 1_555 K ? D K . ? A K 103 ? 1_555 O6 ? A DG  13 ? A DG  13  ? 1_555 117.9 ? 
10 O6 ? A DG  9  ? A DG  9   ? 1_555 K ? D K . ? A K 103 ? 1_555 O6 ? A DG  13 ? A DG  13  ? 1_555 75.1  ? 
11 O6 ? A DG  1  ? A DG  1   ? 1_555 K ? D K . ? A K 103 ? 1_555 O6 ? A DG  14 ? A DG  14  ? 1_555 163.4 ? 
12 O6 ? A DG  2  ? A DG  2   ? 1_555 K ? D K . ? A K 103 ? 1_555 O6 ? A DG  14 ? A DG  14  ? 1_555 98.0  ? 
13 O6 ? A BGM 8  ? A BGM 8   ? 1_555 K ? D K . ? A K 103 ? 1_555 O6 ? A DG  14 ? A DG  14  ? 1_555 65.7  ? 
14 O6 ? A DG  9  ? A DG  9   ? 1_555 K ? D K . ? A K 103 ? 1_555 O6 ? A DG  14 ? A DG  14  ? 1_555 101.8 ? 
15 O6 ? A DG  13 ? A DG  13  ? 1_555 K ? D K . ? A K 103 ? 1_555 O6 ? A DG  14 ? A DG  14  ? 1_555 72.5  ? 
16 O6 ? A DG  1  ? A DG  1   ? 1_555 K ? D K . ? A K 103 ? 1_555 O6 ? A BGM 20 ? A BGM 20  ? 1_555 112.2 ? 
17 O6 ? A DG  2  ? A DG  2   ? 1_555 K ? D K . ? A K 103 ? 1_555 O6 ? A BGM 20 ? A BGM 20  ? 1_555 64.4  ? 
18 O6 ? A BGM 8  ? A BGM 8   ? 1_555 K ? D K . ? A K 103 ? 1_555 O6 ? A BGM 20 ? A BGM 20  ? 1_555 102.2 ? 
19 O6 ? A DG  9  ? A DG  9   ? 1_555 K ? D K . ? A K 103 ? 1_555 O6 ? A BGM 20 ? A BGM 20  ? 1_555 170.1 ? 
20 O6 ? A DG  13 ? A DG  13  ? 1_555 K ? D K . ? A K 103 ? 1_555 O6 ? A BGM 20 ? A BGM 20  ? 1_555 102.8 ? 
21 O6 ? A DG  14 ? A DG  14  ? 1_555 K ? D K . ? A K 103 ? 1_555 O6 ? A BGM 20 ? A BGM 20  ? 1_555 68.5  ? 
22 O6 ? A DG  1  ? A DG  1   ? 1_555 K ? D K . ? A K 103 ? 1_555 O6 ? A DG  21 ? A DG  21  ? 1_555 75.0  ? 
23 O6 ? A DG  2  ? A DG  2   ? 1_555 K ? D K . ? A K 103 ? 1_555 O6 ? A DG  21 ? A DG  21  ? 1_555 104.6 ? 
24 O6 ? A BGM 8  ? A BGM 8   ? 1_555 K ? D K . ? A K 103 ? 1_555 O6 ? A DG  21 ? A DG  21  ? 1_555 168.7 ? 
25 O6 ? A DG  9  ? A DG  9   ? 1_555 K ? D K . ? A K 103 ? 1_555 O6 ? A DG  21 ? A DG  21  ? 1_555 115.3 ? 
26 O6 ? A DG  13 ? A DG  13  ? 1_555 K ? D K . ? A K 103 ? 1_555 O6 ? A DG  21 ? A DG  21  ? 1_555 73.3  ? 
27 O6 ? A DG  14 ? A DG  14  ? 1_555 K ? D K . ? A K 103 ? 1_555 O6 ? A DG  21 ? A DG  21  ? 1_555 119.6 ? 
28 O6 ? A BGM 20 ? A BGM 20  ? 1_555 K ? D K . ? A K 103 ? 1_555 O6 ? A DG  21 ? A DG  21  ? 1_555 72.6  ? 
29 O6 ? A DG  2  ? A DG  2   ? 1_555 K ? C K . ? A K 102 ? 1_555 O6 ? A DG  3  ? A DG  3   ? 1_555 79.2  ? 
30 O6 ? A DG  2  ? A DG  2   ? 1_555 K ? C K . ? A K 102 ? 1_555 O6 ? A DG  7  ? A DG  7   ? 1_555 130.4 ? 
31 O6 ? A DG  3  ? A DG  3   ? 1_555 K ? C K . ? A K 102 ? 1_555 O6 ? A DG  7  ? A DG  7   ? 1_555 68.2  ? 
32 O6 ? A DG  2  ? A DG  2   ? 1_555 K ? C K . ? A K 102 ? 1_555 O6 ? A BGM 8  ? A BGM 8   ? 1_555 69.4  ? 
33 O6 ? A DG  3  ? A DG  3   ? 1_555 K ? C K . ? A K 102 ? 1_555 O6 ? A BGM 8  ? A BGM 8   ? 1_555 101.6 ? 
34 O6 ? A DG  7  ? A DG  7   ? 1_555 K ? C K . ? A K 102 ? 1_555 O6 ? A BGM 8  ? A BGM 8   ? 1_555 81.5  ? 
35 O6 ? A DG  2  ? A DG  2   ? 1_555 K ? C K . ? A K 102 ? 1_555 O6 ? A DG  14 ? A DG  14  ? 1_555 111.5 ? 
36 O6 ? A DG  3  ? A DG  3   ? 1_555 K ? C K . ? A K 102 ? 1_555 O6 ? A DG  14 ? A DG  14  ? 1_555 158.9 ? 
37 O6 ? A DG  7  ? A DG  7   ? 1_555 K ? C K . ? A K 102 ? 1_555 O6 ? A DG  14 ? A DG  14  ? 1_555 91.7  ? 
38 O6 ? A BGM 8  ? A BGM 8   ? 1_555 K ? C K . ? A K 102 ? 1_555 O6 ? A DG  14 ? A DG  14  ? 1_555 67.5  ? 
39 O6 ? A DG  2  ? A DG  2   ? 1_555 K ? C K . ? A K 102 ? 1_555 O6 ? A DG  15 ? A DG  15  ? 1_555 159.8 ? 
40 O6 ? A DG  3  ? A DG  3   ? 1_555 K ? C K . ? A K 102 ? 1_555 O6 ? A DG  15 ? A DG  15  ? 1_555 100.6 ? 
41 O6 ? A DG  7  ? A DG  7   ? 1_555 K ? C K . ? A K 102 ? 1_555 O6 ? A DG  15 ? A DG  15  ? 1_555 65.9  ? 
42 O6 ? A BGM 8  ? A BGM 8   ? 1_555 K ? C K . ? A K 102 ? 1_555 O6 ? A DG  15 ? A DG  15  ? 1_555 129.6 ? 
43 O6 ? A DG  14 ? A DG  14  ? 1_555 K ? C K . ? A K 102 ? 1_555 O6 ? A DG  15 ? A DG  15  ? 1_555 75.8  ? 
44 O6 ? A DG  2  ? A DG  2   ? 1_555 K ? C K . ? A K 102 ? 1_555 O6 ? A DG  19 ? A DG  19  ? 1_555 95.5  ? 
45 O6 ? A DG  3  ? A DG  3   ? 1_555 K ? C K . ? A K 102 ? 1_555 O6 ? A DG  19 ? A DG  19  ? 1_555 68.7  ? 
46 O6 ? A DG  7  ? A DG  7   ? 1_555 K ? C K . ? A K 102 ? 1_555 O6 ? A DG  19 ? A DG  19  ? 1_555 105.5 ? 
47 O6 ? A BGM 8  ? A BGM 8   ? 1_555 K ? C K . ? A K 102 ? 1_555 O6 ? A DG  19 ? A DG  19  ? 1_555 163.8 ? 
48 O6 ? A DG  14 ? A DG  14  ? 1_555 K ? C K . ? A K 102 ? 1_555 O6 ? A DG  19 ? A DG  19  ? 1_555 125.8 ? 
49 O6 ? A DG  15 ? A DG  15  ? 1_555 K ? C K . ? A K 102 ? 1_555 O6 ? A DG  19 ? A DG  19  ? 1_555 66.2  ? 
50 O6 ? A DG  2  ? A DG  2   ? 1_555 K ? C K . ? A K 102 ? 1_555 O6 ? A BGM 20 ? A BGM 20  ? 1_555 70.8  ? 
51 O6 ? A DG  3  ? A DG  3   ? 1_555 K ? C K . ? A K 102 ? 1_555 O6 ? A BGM 20 ? A BGM 20  ? 1_555 129.6 ? 
52 O6 ? A DG  7  ? A DG  7   ? 1_555 K ? C K . ? A K 102 ? 1_555 O6 ? A BGM 20 ? A BGM 20  ? 1_555 157.8 ? 
53 O6 ? A BGM 8  ? A BGM 8   ? 1_555 K ? C K . ? A K 102 ? 1_555 O6 ? A BGM 20 ? A BGM 20  ? 1_555 104.3 ? 
54 O6 ? A DG  14 ? A DG  14  ? 1_555 K ? C K . ? A K 102 ? 1_555 O6 ? A BGM 20 ? A BGM 20  ? 1_555 71.5  ? 
55 O6 ? A DG  15 ? A DG  15  ? 1_555 K ? C K . ? A K 102 ? 1_555 O6 ? A BGM 20 ? A BGM 20  ? 1_555 95.1  ? 
56 O6 ? A DG  19 ? A DG  19  ? 1_555 K ? C K . ? A K 102 ? 1_555 O6 ? A BGM 20 ? A BGM 20  ? 1_555 74.9  ? 
57 O6 ? A DG  3  ? A DG  3   ? 1_555 K ? B K . ? A K 101 ? 1_555 O2 ? A DT  5  ? A DT  5   ? 1_555 68.5  ? 
58 O6 ? A DG  3  ? A DG  3   ? 1_555 K ? B K . ? A K 101 ? 1_555 O6 ? A DG  7  ? A DG  7   ? 1_555 67.0  ? 
59 O2 ? A DT  5  ? A DT  5   ? 1_555 K ? B K . ? A K 101 ? 1_555 O6 ? A DG  7  ? A DG  7   ? 1_555 117.2 ? 
60 O6 ? A DG  3  ? A DG  3   ? 1_555 K ? B K . ? A K 101 ? 1_555 O6 ? A DG  15 ? A DG  15  ? 1_555 107.1 ? 
61 O2 ? A DT  5  ? A DT  5   ? 1_555 K ? B K . ? A K 101 ? 1_555 O6 ? A DG  15 ? A DG  15  ? 1_555 169.6 ? 
62 O6 ? A DG  7  ? A DG  7   ? 1_555 K ? B K . ? A K 101 ? 1_555 O6 ? A DG  15 ? A DG  15  ? 1_555 67.4  ? 
63 O6 ? A DG  3  ? A DG  3   ? 1_555 K ? B K . ? A K 101 ? 1_555 O2 ? A DT  17 ? A DT  17  ? 1_555 171.1 ? 
64 O2 ? A DT  5  ? A DT  5   ? 1_555 K ? B K . ? A K 101 ? 1_555 O2 ? A DT  17 ? A DT  17  ? 1_555 113.9 ? 
65 O6 ? A DG  7  ? A DG  7   ? 1_555 K ? B K . ? A K 101 ? 1_555 O2 ? A DT  17 ? A DT  17  ? 1_555 105.1 ? 
66 O6 ? A DG  15 ? A DG  15  ? 1_555 K ? B K . ? A K 101 ? 1_555 O2 ? A DT  17 ? A DT  17  ? 1_555 72.0  ? 
67 O6 ? A DG  3  ? A DG  3   ? 1_555 K ? B K . ? A K 101 ? 1_555 O6 ? A DG  19 ? A DG  19  ? 1_555 66.4  ? 
68 O2 ? A DT  5  ? A DT  5   ? 1_555 K ? B K . ? A K 101 ? 1_555 O6 ? A DG  19 ? A DG  19  ? 1_555 103.3 ? 
69 O6 ? A DG  7  ? A DG  7   ? 1_555 K ? B K . ? A K 101 ? 1_555 O6 ? A DG  19 ? A DG  19  ? 1_555 97.0  ? 
70 O6 ? A DG  15 ? A DG  15  ? 1_555 K ? B K . ? A K 101 ? 1_555 O6 ? A DG  19 ? A DG  19  ? 1_555 66.5  ? 
71 O2 ? A DT  17 ? A DT  17  ? 1_555 K ? B K . ? A K 101 ? 1_555 O6 ? A DG  19 ? A DG  19  ? 1_555 119.9 ? 
72 O6 ? A DG  3  ? A DG  3   ? 1_555 K ? B K . ? A K 101 ? 1_555 O  ? E HOH .  ? A HOH 257 ? 1_555 111.2 ? 
73 O2 ? A DT  5  ? A DT  5   ? 1_555 K ? B K . ? A K 101 ? 1_555 O  ? E HOH .  ? A HOH 257 ? 1_555 85.4  ? 
74 O6 ? A DG  7  ? A DG  7   ? 1_555 K ? B K . ? A K 101 ? 1_555 O  ? E HOH .  ? A HOH 257 ? 1_555 72.3  ? 
75 O6 ? A DG  15 ? A DG  15  ? 1_555 K ? B K . ? A K 101 ? 1_555 O  ? E HOH .  ? A HOH 257 ? 1_555 105.0 ? 
76 O2 ? A DT  17 ? A DT  17  ? 1_555 K ? B K . ? A K 101 ? 1_555 O  ? E HOH .  ? A HOH 257 ? 1_555 61.3  ? 
77 O6 ? A DG  19 ? A DG  19  ? 1_555 K ? B K . ? A K 101 ? 1_555 O  ? E HOH .  ? A HOH 257 ? 1_555 168.7 ? 
78 O6 ? A DG  3  ? A DG  3   ? 1_555 K ? B K . ? A K 101 ? 1_555 O  ? E HOH .  ? A HOH 261 ? 1_555 104.2 ? 
79 O2 ? A DT  5  ? A DT  5   ? 1_555 K ? B K . ? A K 101 ? 1_555 O  ? E HOH .  ? A HOH 261 ? 1_555 61.5  ? 
80 O6 ? A DG  7  ? A DG  7   ? 1_555 K ? B K . ? A K 101 ? 1_555 O  ? E HOH .  ? A HOH 261 ? 1_555 169.7 ? 
81 O6 ? A DG  15 ? A DG  15  ? 1_555 K ? B K . ? A K 101 ? 1_555 O  ? E HOH .  ? A HOH 261 ? 1_555 112.2 ? 
82 O2 ? A DT  17 ? A DT  17  ? 1_555 K ? B K . ? A K 101 ? 1_555 O  ? E HOH .  ? A HOH 261 ? 1_555 84.1  ? 
83 O6 ? A DG  19 ? A DG  19  ? 1_555 K ? B K . ? A K 101 ? 1_555 O  ? E HOH .  ? A HOH 261 ? 1_555 74.0  ? 
84 O  ? E HOH .  ? A HOH 257 ? 1_555 K ? B K . ? A K 101 ? 1_555 O  ? E HOH .  ? A HOH 261 ? 1_555 116.9 ? 
# 
loop_
_struct_site.id 
_struct_site.pdbx_evidence_code 
_struct_site.pdbx_auth_asym_id 
_struct_site.pdbx_auth_comp_id 
_struct_site.pdbx_auth_seq_id 
_struct_site.pdbx_auth_ins_code 
_struct_site.pdbx_num_residues 
_struct_site.details 
AC1 Software A K 101 ? 9  'binding site for residue K A 101' 
AC2 Software A K 102 ? 10 'binding site for residue K A 102' 
AC3 Software A K 103 ? 9  'binding site for residue K A 103' 
# 
loop_
_struct_site_gen.id 
_struct_site_gen.site_id 
_struct_site_gen.pdbx_num_res 
_struct_site_gen.label_comp_id 
_struct_site_gen.label_asym_id 
_struct_site_gen.label_seq_id 
_struct_site_gen.pdbx_auth_ins_code 
_struct_site_gen.auth_comp_id 
_struct_site_gen.auth_asym_id 
_struct_site_gen.auth_seq_id 
_struct_site_gen.label_atom_id 
_struct_site_gen.label_alt_id 
_struct_site_gen.symmetry 
_struct_site_gen.details 
1  AC1 9  DG  A 3  ? DG  A 3   . ? 1_555 ? 
2  AC1 9  DT  A 5  ? DT  A 5   . ? 1_555 ? 
3  AC1 9  DG  A 7  ? DG  A 7   . ? 1_555 ? 
4  AC1 9  DG  A 15 ? DG  A 15  . ? 1_555 ? 
5  AC1 9  DT  A 17 ? DT  A 17  . ? 1_555 ? 
6  AC1 9  DG  A 19 ? DG  A 19  . ? 1_555 ? 
7  AC1 9  K   C .  ? K   A 102 . ? 1_555 ? 
8  AC1 9  HOH E .  ? HOH A 257 . ? 1_555 ? 
9  AC1 9  HOH E .  ? HOH A 261 . ? 1_555 ? 
10 AC2 10 DG  A 2  ? DG  A 2   . ? 1_555 ? 
11 AC2 10 DG  A 3  ? DG  A 3   . ? 1_555 ? 
12 AC2 10 DG  A 7  ? DG  A 7   . ? 1_555 ? 
13 AC2 10 BGM A 8  ? BGM A 8   . ? 1_555 ? 
14 AC2 10 DG  A 14 ? DG  A 14  . ? 1_555 ? 
15 AC2 10 DG  A 15 ? DG  A 15  . ? 1_555 ? 
16 AC2 10 DG  A 19 ? DG  A 19  . ? 1_555 ? 
17 AC2 10 BGM A 20 ? BGM A 20  . ? 1_555 ? 
18 AC2 10 K   B .  ? K   A 101 . ? 1_555 ? 
19 AC2 10 K   D .  ? K   A 103 . ? 1_555 ? 
20 AC3 9  DG  A 1  ? DG  A 1   . ? 1_555 ? 
21 AC3 9  DG  A 2  ? DG  A 2   . ? 1_555 ? 
22 AC3 9  BGM A 8  ? BGM A 8   . ? 1_555 ? 
23 AC3 9  DG  A 9  ? DG  A 9   . ? 1_555 ? 
24 AC3 9  DG  A 13 ? DG  A 13  . ? 1_555 ? 
25 AC3 9  DG  A 14 ? DG  A 14  . ? 1_555 ? 
26 AC3 9  BGM A 20 ? BGM A 20  . ? 1_555 ? 
27 AC3 9  DG  A 21 ? DG  A 21  . ? 1_555 ? 
28 AC3 9  K   C .  ? K   A 102 . ? 1_555 ? 
# 
loop_
_pdbx_validate_rmsd_angle.id 
_pdbx_validate_rmsd_angle.PDB_model_num 
_pdbx_validate_rmsd_angle.auth_atom_id_1 
_pdbx_validate_rmsd_angle.auth_asym_id_1 
_pdbx_validate_rmsd_angle.auth_comp_id_1 
_pdbx_validate_rmsd_angle.auth_seq_id_1 
_pdbx_validate_rmsd_angle.PDB_ins_code_1 
_pdbx_validate_rmsd_angle.label_alt_id_1 
_pdbx_validate_rmsd_angle.auth_atom_id_2 
_pdbx_validate_rmsd_angle.auth_asym_id_2 
_pdbx_validate_rmsd_angle.auth_comp_id_2 
_pdbx_validate_rmsd_angle.auth_seq_id_2 
_pdbx_validate_rmsd_angle.PDB_ins_code_2 
_pdbx_validate_rmsd_angle.label_alt_id_2 
_pdbx_validate_rmsd_angle.auth_atom_id_3 
_pdbx_validate_rmsd_angle.auth_asym_id_3 
_pdbx_validate_rmsd_angle.auth_comp_id_3 
_pdbx_validate_rmsd_angle.auth_seq_id_3 
_pdbx_validate_rmsd_angle.PDB_ins_code_3 
_pdbx_validate_rmsd_angle.label_alt_id_3 
_pdbx_validate_rmsd_angle.angle_value 
_pdbx_validate_rmsd_angle.angle_target_value 
_pdbx_validate_rmsd_angle.angle_deviation 
_pdbx_validate_rmsd_angle.angle_standard_deviation 
_pdbx_validate_rmsd_angle.linker_flag 
1 1 "O4'" A DG 7  ? ? "C1'" A DG 7  ? ? N9  A DG 7  ? ? 112.96 108.30 4.66  0.30 N 
2 1 "O5'" A DA 12 ? ? P     A DA 12 ? ? OP1 A DA 12 ? ? 99.70  105.70 -6.00 0.90 N 
3 1 "O4'" A DT 16 ? ? "C1'" A DT 16 ? ? N1  A DT 16 ? ? 110.43 108.30 2.13  0.30 N 
4 1 "O4'" A DG 19 ? ? "C1'" A DG 19 ? ? N9  A DG 19 ? ? 111.66 108.30 3.36  0.30 N 
# 
loop_
_pdbx_struct_special_symmetry.id 
_pdbx_struct_special_symmetry.PDB_model_num 
_pdbx_struct_special_symmetry.auth_asym_id 
_pdbx_struct_special_symmetry.auth_comp_id 
_pdbx_struct_special_symmetry.auth_seq_id 
_pdbx_struct_special_symmetry.PDB_ins_code 
_pdbx_struct_special_symmetry.label_asym_id 
_pdbx_struct_special_symmetry.label_comp_id 
_pdbx_struct_special_symmetry.label_seq_id 
1 1 A HOH 233 ? E HOH . 
2 1 A HOH 318 ? E HOH . 
# 
_phasing.method   SAD 
# 
loop_
_chem_comp_atom.comp_id 
_chem_comp_atom.atom_id 
_chem_comp_atom.type_symbol 
_chem_comp_atom.pdbx_aromatic_flag 
_chem_comp_atom.pdbx_stereo_config 
_chem_comp_atom.pdbx_ordinal 
BGM P      P  N N 1   
BGM OP1    O  N N 2   
BGM OP2    O  N N 3   
BGM "O5'"  O  N N 4   
BGM "C5'"  C  N N 5   
BGM "C4'"  C  N R 6   
BGM "O4'"  O  N N 7   
BGM "C1'"  C  N R 8   
BGM N9     N  Y N 9   
BGM C8     C  Y N 10  
BGM N7     N  Y N 11  
BGM C5     C  Y N 12  
BGM C4     C  Y N 13  
BGM N3     N  N N 14  
BGM C2     C  N N 15  
BGM N2     N  N N 16  
BGM N1     N  N N 17  
BGM C6     C  N N 18  
BGM O6     O  N N 19  
BGM "C2'"  C  N N 20  
BGM "C3'"  C  N S 21  
BGM "O3'"  O  N N 22  
BGM OP3    O  N N 23  
BGM BR     BR N N 24  
BGM HOP2   H  N N 25  
BGM "H5'"  H  N N 26  
BGM "H5''" H  N N 27  
BGM "H4'"  H  N N 28  
BGM "H1'"  H  N N 29  
BGM H21    H  N N 30  
BGM H22    H  N N 31  
BGM H1     H  N N 32  
BGM "H2'"  H  N N 33  
BGM "H2''" H  N N 34  
BGM "H3'"  H  N N 35  
BGM "HO3'" H  N N 36  
BGM HOP3   H  N N 37  
DA  OP3    O  N N 38  
DA  P      P  N N 39  
DA  OP1    O  N N 40  
DA  OP2    O  N N 41  
DA  "O5'"  O  N N 42  
DA  "C5'"  C  N N 43  
DA  "C4'"  C  N R 44  
DA  "O4'"  O  N N 45  
DA  "C3'"  C  N S 46  
DA  "O3'"  O  N N 47  
DA  "C2'"  C  N N 48  
DA  "C1'"  C  N R 49  
DA  N9     N  Y N 50  
DA  C8     C  Y N 51  
DA  N7     N  Y N 52  
DA  C5     C  Y N 53  
DA  C6     C  Y N 54  
DA  N6     N  N N 55  
DA  N1     N  Y N 56  
DA  C2     C  Y N 57  
DA  N3     N  Y N 58  
DA  C4     C  Y N 59  
DA  HOP3   H  N N 60  
DA  HOP2   H  N N 61  
DA  "H5'"  H  N N 62  
DA  "H5''" H  N N 63  
DA  "H4'"  H  N N 64  
DA  "H3'"  H  N N 65  
DA  "HO3'" H  N N 66  
DA  "H2'"  H  N N 67  
DA  "H2''" H  N N 68  
DA  "H1'"  H  N N 69  
DA  H8     H  N N 70  
DA  H61    H  N N 71  
DA  H62    H  N N 72  
DA  H2     H  N N 73  
DG  OP3    O  N N 74  
DG  P      P  N N 75  
DG  OP1    O  N N 76  
DG  OP2    O  N N 77  
DG  "O5'"  O  N N 78  
DG  "C5'"  C  N N 79  
DG  "C4'"  C  N R 80  
DG  "O4'"  O  N N 81  
DG  "C3'"  C  N S 82  
DG  "O3'"  O  N N 83  
DG  "C2'"  C  N N 84  
DG  "C1'"  C  N R 85  
DG  N9     N  Y N 86  
DG  C8     C  Y N 87  
DG  N7     N  Y N 88  
DG  C5     C  Y N 89  
DG  C6     C  N N 90  
DG  O6     O  N N 91  
DG  N1     N  N N 92  
DG  C2     C  N N 93  
DG  N2     N  N N 94  
DG  N3     N  N N 95  
DG  C4     C  Y N 96  
DG  HOP3   H  N N 97  
DG  HOP2   H  N N 98  
DG  "H5'"  H  N N 99  
DG  "H5''" H  N N 100 
DG  "H4'"  H  N N 101 
DG  "H3'"  H  N N 102 
DG  "HO3'" H  N N 103 
DG  "H2'"  H  N N 104 
DG  "H2''" H  N N 105 
DG  "H1'"  H  N N 106 
DG  H8     H  N N 107 
DG  H1     H  N N 108 
DG  H21    H  N N 109 
DG  H22    H  N N 110 
DT  OP3    O  N N 111 
DT  P      P  N N 112 
DT  OP1    O  N N 113 
DT  OP2    O  N N 114 
DT  "O5'"  O  N N 115 
DT  "C5'"  C  N N 116 
DT  "C4'"  C  N R 117 
DT  "O4'"  O  N N 118 
DT  "C3'"  C  N S 119 
DT  "O3'"  O  N N 120 
DT  "C2'"  C  N N 121 
DT  "C1'"  C  N R 122 
DT  N1     N  N N 123 
DT  C2     C  N N 124 
DT  O2     O  N N 125 
DT  N3     N  N N 126 
DT  C4     C  N N 127 
DT  O4     O  N N 128 
DT  C5     C  N N 129 
DT  C7     C  N N 130 
DT  C6     C  N N 131 
DT  HOP3   H  N N 132 
DT  HOP2   H  N N 133 
DT  "H5'"  H  N N 134 
DT  "H5''" H  N N 135 
DT  "H4'"  H  N N 136 
DT  "H3'"  H  N N 137 
DT  "HO3'" H  N N 138 
DT  "H2'"  H  N N 139 
DT  "H2''" H  N N 140 
DT  "H1'"  H  N N 141 
DT  H3     H  N N 142 
DT  H71    H  N N 143 
DT  H72    H  N N 144 
DT  H73    H  N N 145 
DT  H6     H  N N 146 
HOH O      O  N N 147 
HOH H1     H  N N 148 
HOH H2     H  N N 149 
K   K      K  N N 150 
# 
loop_
_chem_comp_bond.comp_id 
_chem_comp_bond.atom_id_1 
_chem_comp_bond.atom_id_2 
_chem_comp_bond.value_order 
_chem_comp_bond.pdbx_aromatic_flag 
_chem_comp_bond.pdbx_stereo_config 
_chem_comp_bond.pdbx_ordinal 
BGM P     OP1    doub N N 1   
BGM P     OP2    sing N N 2   
BGM P     "O5'"  sing N N 3   
BGM P     OP3    sing N N 4   
BGM OP2   HOP2   sing N N 5   
BGM "O5'" "C5'"  sing N N 6   
BGM "C5'" "C4'"  sing N N 7   
BGM "C5'" "H5'"  sing N N 8   
BGM "C5'" "H5''" sing N N 9   
BGM "C4'" "O4'"  sing N N 10  
BGM "C4'" "C3'"  sing N N 11  
BGM "C4'" "H4'"  sing N N 12  
BGM "O4'" "C1'"  sing N N 13  
BGM "C1'" N9     sing N N 14  
BGM "C1'" "C2'"  sing N N 15  
BGM "C1'" "H1'"  sing N N 16  
BGM N9    C8     sing Y N 17  
BGM N9    C4     sing Y N 18  
BGM C8    N7     doub Y N 19  
BGM C8    BR     sing N N 20  
BGM N7    C5     sing Y N 21  
BGM C5    C4     doub Y N 22  
BGM C5    C6     sing N N 23  
BGM C4    N3     sing N N 24  
BGM N3    C2     doub N N 25  
BGM C2    N2     sing N N 26  
BGM C2    N1     sing N N 27  
BGM N2    H21    sing N N 28  
BGM N2    H22    sing N N 29  
BGM N1    C6     sing N N 30  
BGM N1    H1     sing N N 31  
BGM C6    O6     doub N N 32  
BGM "C2'" "C3'"  sing N N 33  
BGM "C2'" "H2'"  sing N N 34  
BGM "C2'" "H2''" sing N N 35  
BGM "C3'" "O3'"  sing N N 36  
BGM "C3'" "H3'"  sing N N 37  
BGM "O3'" "HO3'" sing N N 38  
BGM OP3   HOP3   sing N N 39  
DA  OP3   P      sing N N 40  
DA  OP3   HOP3   sing N N 41  
DA  P     OP1    doub N N 42  
DA  P     OP2    sing N N 43  
DA  P     "O5'"  sing N N 44  
DA  OP2   HOP2   sing N N 45  
DA  "O5'" "C5'"  sing N N 46  
DA  "C5'" "C4'"  sing N N 47  
DA  "C5'" "H5'"  sing N N 48  
DA  "C5'" "H5''" sing N N 49  
DA  "C4'" "O4'"  sing N N 50  
DA  "C4'" "C3'"  sing N N 51  
DA  "C4'" "H4'"  sing N N 52  
DA  "O4'" "C1'"  sing N N 53  
DA  "C3'" "O3'"  sing N N 54  
DA  "C3'" "C2'"  sing N N 55  
DA  "C3'" "H3'"  sing N N 56  
DA  "O3'" "HO3'" sing N N 57  
DA  "C2'" "C1'"  sing N N 58  
DA  "C2'" "H2'"  sing N N 59  
DA  "C2'" "H2''" sing N N 60  
DA  "C1'" N9     sing N N 61  
DA  "C1'" "H1'"  sing N N 62  
DA  N9    C8     sing Y N 63  
DA  N9    C4     sing Y N 64  
DA  C8    N7     doub Y N 65  
DA  C8    H8     sing N N 66  
DA  N7    C5     sing Y N 67  
DA  C5    C6     sing Y N 68  
DA  C5    C4     doub Y N 69  
DA  C6    N6     sing N N 70  
DA  C6    N1     doub Y N 71  
DA  N6    H61    sing N N 72  
DA  N6    H62    sing N N 73  
DA  N1    C2     sing Y N 74  
DA  C2    N3     doub Y N 75  
DA  C2    H2     sing N N 76  
DA  N3    C4     sing Y N 77  
DG  OP3   P      sing N N 78  
DG  OP3   HOP3   sing N N 79  
DG  P     OP1    doub N N 80  
DG  P     OP2    sing N N 81  
DG  P     "O5'"  sing N N 82  
DG  OP2   HOP2   sing N N 83  
DG  "O5'" "C5'"  sing N N 84  
DG  "C5'" "C4'"  sing N N 85  
DG  "C5'" "H5'"  sing N N 86  
DG  "C5'" "H5''" sing N N 87  
DG  "C4'" "O4'"  sing N N 88  
DG  "C4'" "C3'"  sing N N 89  
DG  "C4'" "H4'"  sing N N 90  
DG  "O4'" "C1'"  sing N N 91  
DG  "C3'" "O3'"  sing N N 92  
DG  "C3'" "C2'"  sing N N 93  
DG  "C3'" "H3'"  sing N N 94  
DG  "O3'" "HO3'" sing N N 95  
DG  "C2'" "C1'"  sing N N 96  
DG  "C2'" "H2'"  sing N N 97  
DG  "C2'" "H2''" sing N N 98  
DG  "C1'" N9     sing N N 99  
DG  "C1'" "H1'"  sing N N 100 
DG  N9    C8     sing Y N 101 
DG  N9    C4     sing Y N 102 
DG  C8    N7     doub Y N 103 
DG  C8    H8     sing N N 104 
DG  N7    C5     sing Y N 105 
DG  C5    C6     sing N N 106 
DG  C5    C4     doub Y N 107 
DG  C6    O6     doub N N 108 
DG  C6    N1     sing N N 109 
DG  N1    C2     sing N N 110 
DG  N1    H1     sing N N 111 
DG  C2    N2     sing N N 112 
DG  C2    N3     doub N N 113 
DG  N2    H21    sing N N 114 
DG  N2    H22    sing N N 115 
DG  N3    C4     sing N N 116 
DT  OP3   P      sing N N 117 
DT  OP3   HOP3   sing N N 118 
DT  P     OP1    doub N N 119 
DT  P     OP2    sing N N 120 
DT  P     "O5'"  sing N N 121 
DT  OP2   HOP2   sing N N 122 
DT  "O5'" "C5'"  sing N N 123 
DT  "C5'" "C4'"  sing N N 124 
DT  "C5'" "H5'"  sing N N 125 
DT  "C5'" "H5''" sing N N 126 
DT  "C4'" "O4'"  sing N N 127 
DT  "C4'" "C3'"  sing N N 128 
DT  "C4'" "H4'"  sing N N 129 
DT  "O4'" "C1'"  sing N N 130 
DT  "C3'" "O3'"  sing N N 131 
DT  "C3'" "C2'"  sing N N 132 
DT  "C3'" "H3'"  sing N N 133 
DT  "O3'" "HO3'" sing N N 134 
DT  "C2'" "C1'"  sing N N 135 
DT  "C2'" "H2'"  sing N N 136 
DT  "C2'" "H2''" sing N N 137 
DT  "C1'" N1     sing N N 138 
DT  "C1'" "H1'"  sing N N 139 
DT  N1    C2     sing N N 140 
DT  N1    C6     sing N N 141 
DT  C2    O2     doub N N 142 
DT  C2    N3     sing N N 143 
DT  N3    C4     sing N N 144 
DT  N3    H3     sing N N 145 
DT  C4    O4     doub N N 146 
DT  C4    C5     sing N N 147 
DT  C5    C7     sing N N 148 
DT  C5    C6     doub N N 149 
DT  C7    H71    sing N N 150 
DT  C7    H72    sing N N 151 
DT  C7    H73    sing N N 152 
DT  C6    H6     sing N N 153 
HOH O     H1     sing N N 154 
HOH O     H2     sing N N 155 
# 
loop_
_ndb_struct_conf_na.entry_id 
_ndb_struct_conf_na.feature 
6JKN 'double helix'    
6JKN 'quadruple helix' 
# 
loop_
_ndb_struct_na_base_pair.model_number 
_ndb_struct_na_base_pair.i_label_asym_id 
_ndb_struct_na_base_pair.i_label_comp_id 
_ndb_struct_na_base_pair.i_label_seq_id 
_ndb_struct_na_base_pair.i_symmetry 
_ndb_struct_na_base_pair.j_label_asym_id 
_ndb_struct_na_base_pair.j_label_comp_id 
_ndb_struct_na_base_pair.j_label_seq_id 
_ndb_struct_na_base_pair.j_symmetry 
_ndb_struct_na_base_pair.shear 
_ndb_struct_na_base_pair.stretch 
_ndb_struct_na_base_pair.stagger 
_ndb_struct_na_base_pair.buckle 
_ndb_struct_na_base_pair.propeller 
_ndb_struct_na_base_pair.opening 
_ndb_struct_na_base_pair.pair_number 
_ndb_struct_na_base_pair.pair_name 
_ndb_struct_na_base_pair.i_auth_asym_id 
_ndb_struct_na_base_pair.i_auth_seq_id 
_ndb_struct_na_base_pair.i_PDB_ins_code 
_ndb_struct_na_base_pair.j_auth_asym_id 
_ndb_struct_na_base_pair.j_auth_seq_id 
_ndb_struct_na_base_pair.j_PDB_ins_code 
_ndb_struct_na_base_pair.hbond_type_28 
_ndb_struct_na_base_pair.hbond_type_12 
1 A DG  3  1_555 A DG  7  1_555 -1.487 3.473  0.030  -1.856  -15.485 88.865   1 A_DG3:DG7_A   A 3  ? A 7  ? 6  3 
1 A DG  19 1_555 A DG  15 1_555 1.532  -3.481 -0.436 14.661  15.595  -88.644  2 A_DG19:DG15_A A 19 ? A 15 ? 6  3 
1 A BGM 8  1_555 A DG  14 1_555 -1.389 3.501  -0.500 18.170  0.068   90.921   3 A_BGM8:DG14_A A 8  ? A 14 ? 6  3 
1 A DA  6  1_555 A DA  18 1_555 -5.585 5.202  0.078  -19.808 35.229  -178.563 4 A_DA6:DA18_A  A 6  ? A 18 ? 2  7 
1 A DG  9  1_555 A DG  13 1_555 -1.680 -3.372 -0.440 9.457   11.930  91.046   5 A_DG9:DG13_A  A 9  ? A 13 ? 6  3 
1 A DT  10 1_555 A DA  12 1_555 -0.440 3.683  0.177  -16.879 -24.274 -63.675  6 A_DT10:DA12_A A 10 ? A 12 ? 23 3 
1 A DG  2  1_555 A BGM 20 1_555 -1.508 -3.405 -0.268 18.675  -3.241  92.117   7 A_DG2:BGM20_A A 2  ? A 20 ? 6  3 
# 
loop_
_ndb_struct_na_base_pair_step.model_number 
_ndb_struct_na_base_pair_step.i_label_asym_id_1 
_ndb_struct_na_base_pair_step.i_label_comp_id_1 
_ndb_struct_na_base_pair_step.i_label_seq_id_1 
_ndb_struct_na_base_pair_step.i_symmetry_1 
_ndb_struct_na_base_pair_step.j_label_asym_id_1 
_ndb_struct_na_base_pair_step.j_label_comp_id_1 
_ndb_struct_na_base_pair_step.j_label_seq_id_1 
_ndb_struct_na_base_pair_step.j_symmetry_1 
_ndb_struct_na_base_pair_step.i_label_asym_id_2 
_ndb_struct_na_base_pair_step.i_label_comp_id_2 
_ndb_struct_na_base_pair_step.i_label_seq_id_2 
_ndb_struct_na_base_pair_step.i_symmetry_2 
_ndb_struct_na_base_pair_step.j_label_asym_id_2 
_ndb_struct_na_base_pair_step.j_label_comp_id_2 
_ndb_struct_na_base_pair_step.j_label_seq_id_2 
_ndb_struct_na_base_pair_step.j_symmetry_2 
_ndb_struct_na_base_pair_step.shift 
_ndb_struct_na_base_pair_step.slide 
_ndb_struct_na_base_pair_step.rise 
_ndb_struct_na_base_pair_step.tilt 
_ndb_struct_na_base_pair_step.roll 
_ndb_struct_na_base_pair_step.twist 
_ndb_struct_na_base_pair_step.x_displacement 
_ndb_struct_na_base_pair_step.y_displacement 
_ndb_struct_na_base_pair_step.helical_rise 
_ndb_struct_na_base_pair_step.inclination 
_ndb_struct_na_base_pair_step.tip 
_ndb_struct_na_base_pair_step.helical_twist 
_ndb_struct_na_base_pair_step.step_number 
_ndb_struct_na_base_pair_step.step_name 
_ndb_struct_na_base_pair_step.i_auth_asym_id_1 
_ndb_struct_na_base_pair_step.i_auth_seq_id_1 
_ndb_struct_na_base_pair_step.i_PDB_ins_code_1 
_ndb_struct_na_base_pair_step.j_auth_asym_id_1 
_ndb_struct_na_base_pair_step.j_auth_seq_id_1 
_ndb_struct_na_base_pair_step.j_PDB_ins_code_1 
_ndb_struct_na_base_pair_step.i_auth_asym_id_2 
_ndb_struct_na_base_pair_step.i_auth_seq_id_2 
_ndb_struct_na_base_pair_step.i_PDB_ins_code_2 
_ndb_struct_na_base_pair_step.j_auth_asym_id_2 
_ndb_struct_na_base_pair_step.j_auth_seq_id_2 
_ndb_struct_na_base_pair_step.j_PDB_ins_code_2 
1 A DG 3  1_555 A DG 7  1_555 A DG  19 1_555 A DG 15 1_555 -1.510 3.358  0.188 9.347   12.936  179.243 1.679  0.755 0.190 6.468  
-4.674 179.251 1 AA_DG3DG19:DG15DG7_AA   A 3  ? A 7  ? A 19 ? A 15 ? 
1 A DG 19 1_555 A DG 15 1_555 A BGM 8  1_555 A DG 14 1_555 -1.456 2.514  3.573 -5.549  11.048  117.361 1.343  0.788 3.755 6.457  
3.243  117.766 2 AA_DG19BGM8:DG14DG15_AA A 19 ? A 15 ? A 8  ? A 14 ? 
1 A DG 9  1_555 A DG 13 1_555 A DT  10 1_555 A DA 12 1_555 -4.065 -0.514 0.096 -94.813 128.937 177.938 -0.258 2.032 0.131 64.470 
47.407 179.643 3 AA_DG9DT10:DA12DG13_AA  A 9  ? A 13 ? A 10 ? A 12 ? 
# 
_atom_sites.entry_id                    6JKN 
_atom_sites.fract_transf_matrix[1][1]   0.01164262 
_atom_sites.fract_transf_matrix[1][2]   0.01078800 
_atom_sites.fract_transf_matrix[1][3]   -0.01927074 
_atom_sites.fract_transf_matrix[2][1]   0.01961919 
_atom_sites.fract_transf_matrix[2][2]   0.01490425 
_atom_sites.fract_transf_matrix[2][3]   0.00402516 
_atom_sites.fract_transf_matrix[3][1]   0.00510261 
_atom_sites.fract_transf_matrix[3][2]   -0.00655790 
_atom_sites.fract_transf_matrix[3][3]   -0.00058840 
_atom_sites.fract_transf_vector[1]      0.101203 
_atom_sites.fract_transf_vector[2]      0.300453 
_atom_sites.fract_transf_vector[3]      0.424147 
# 
loop_
_atom_type.symbol 
BR 
C  
K  
N  
O  
P  
# 
loop_
_atom_site.group_PDB 
_atom_site.id 
_atom_site.type_symbol 
_atom_site.label_atom_id 
_atom_site.label_alt_id 
_atom_site.label_comp_id 
_atom_site.label_asym_id 
_atom_site.label_entity_id 
_atom_site.label_seq_id 
_atom_site.pdbx_PDB_ins_code 
_atom_site.Cartn_x 
_atom_site.Cartn_y 
_atom_site.Cartn_z 
_atom_site.occupancy 
_atom_site.B_iso_or_equiv 
_atom_site.pdbx_formal_charge 
_atom_site.auth_seq_id 
_atom_site.auth_comp_id 
_atom_site.auth_asym_id 
_atom_site.auth_atom_id 
_atom_site.pdbx_PDB_model_num 
ATOM   1   O  "O5'" . DG  A 1 1  ? 0.418   9.504   -1.260  1.00 29.31 ? 1   DG  A "O5'" 1 
ATOM   2   C  "C5'" . DG  A 1 1  ? 1.298   10.573  -1.634  1.00 28.95 ? 1   DG  A "C5'" 1 
ATOM   3   C  "C4'" . DG  A 1 1  ? 2.226   10.155  -2.765  1.00 28.64 ? 1   DG  A "C4'" 1 
ATOM   4   O  "O4'" . DG  A 1 1  ? 3.118   9.111   -2.299  1.00 27.59 ? 1   DG  A "O4'" 1 
ATOM   5   C  "C3'" . DG  A 1 1  ? 1.540   9.595   -4.011  1.00 27.84 ? 1   DG  A "C3'" 1 
ATOM   6   O  "O3'" . DG  A 1 1  ? 2.261   10.000  -5.162  1.00 28.98 ? 1   DG  A "O3'" 1 
ATOM   7   C  "C2'" . DG  A 1 1  ? 1.640   8.088   -3.811  1.00 24.96 ? 1   DG  A "C2'" 1 
ATOM   8   C  "C1'" . DG  A 1 1  ? 2.996   7.976   -3.139  1.00 26.35 ? 1   DG  A "C1'" 1 
ATOM   9   N  N9    . DG  A 1 1  ? 3.139   6.759   -2.336  1.00 25.10 ? 1   DG  A N9    1 
ATOM   10  C  C8    . DG  A 1 1  ? 3.976   5.705   -2.600  1.00 25.87 ? 1   DG  A C8    1 
ATOM   11  N  N7    . DG  A 1 1  ? 3.901   4.744   -1.715  1.00 24.49 ? 1   DG  A N7    1 
ATOM   12  C  C5    . DG  A 1 1  ? 2.946   5.186   -0.809  1.00 22.49 ? 1   DG  A C5    1 
ATOM   13  C  C6    . DG  A 1 1  ? 2.443   4.558   0.348   1.00 21.68 ? 1   DG  A C6    1 
ATOM   14  O  O6    . DG  A 1 1  ? 2.759   3.457   0.811   1.00 22.28 ? 1   DG  A O6    1 
ATOM   15  N  N1    . DG  A 1 1  ? 1.479   5.345   0.996   1.00 23.00 ? 1   DG  A N1    1 
ATOM   16  C  C2    . DG  A 1 1  ? 1.067   6.578   0.567   1.00 22.64 ? 1   DG  A C2    1 
ATOM   17  N  N2    . DG  A 1 1  ? 0.144   7.185   1.332   1.00 23.41 ? 1   DG  A N2    1 
ATOM   18  N  N3    . DG  A 1 1  ? 1.526   7.178   -0.529  1.00 22.36 ? 1   DG  A N3    1 
ATOM   19  C  C4    . DG  A 1 1  ? 2.461   6.422   -1.171  1.00 24.40 ? 1   DG  A C4    1 
ATOM   20  P  P     . DG  A 1 2  ? 1.713   9.671   -6.636  0.96 30.49 ? 2   DG  A P     1 
ATOM   21  O  OP1   . DG  A 1 2  ? 2.401   10.605  -7.559  1.00 32.96 ? 2   DG  A OP1   1 
ATOM   22  O  OP2   . DG  A 1 2  ? 0.241   9.584   -6.614  1.00 30.65 ? 2   DG  A OP2   1 
ATOM   23  O  "O5'" . DG  A 1 2  ? 2.216   8.188   -6.900  1.00 29.15 ? 2   DG  A "O5'" 1 
ATOM   24  C  "C5'" . DG  A 1 2  ? 3.603   7.858   -6.877  1.00 27.89 ? 2   DG  A "C5'" 1 
ATOM   25  C  "C4'" . DG  A 1 2  ? 3.770   6.361   -7.045  1.00 28.09 ? 2   DG  A "C4'" 1 
ATOM   26  O  "O4'" . DG  A 1 2  ? 3.386   5.696   -5.814  1.00 26.55 ? 2   DG  A "O4'" 1 
ATOM   27  C  "C3'" . DG  A 1 2  ? 2.901   5.740   -8.148  1.00 27.08 ? 2   DG  A "C3'" 1 
ATOM   28  O  "O3'" . DG  A 1 2  ? 3.708   4.871   -8.967  1.00 29.45 ? 2   DG  A "O3'" 1 
ATOM   29  C  "C2'" . DG  A 1 2  ? 1.836   4.965   -7.363  1.00 26.32 ? 2   DG  A "C2'" 1 
ATOM   30  C  "C1'" . DG  A 1 2  ? 2.637   4.551   -6.141  1.00 24.75 ? 2   DG  A "C1'" 1 
ATOM   31  N  N9    . DG  A 1 2  ? 1.838   4.181   -4.975  1.00 22.87 ? 2   DG  A N9    1 
ATOM   32  C  C8    . DG  A 1 2  ? 0.692   4.796   -4.515  1.00 22.24 ? 2   DG  A C8    1 
ATOM   33  N  N7    . DG  A 1 2  ? 0.218   4.258   -3.414  1.00 21.42 ? 2   DG  A N7    1 
ATOM   34  C  C5    . DG  A 1 2  ? 1.127   3.239   -3.122  1.00 20.83 ? 2   DG  A C5    1 
ATOM   35  C  C6    . DG  A 1 2  ? 1.153   2.317   -2.047  1.00 19.97 ? 2   DG  A C6    1 
ATOM   36  O  O6    . DG  A 1 2  ? 0.344   2.195   -1.119  1.00 20.68 ? 2   DG  A O6    1 
ATOM   37  N  N1    . DG  A 1 2  ? 2.238   1.445   -2.132  1.00 21.74 ? 2   DG  A N1    1 
ATOM   38  C  C2    . DG  A 1 2  ? 3.201   1.486   -3.100  1.00 21.38 ? 2   DG  A C2    1 
ATOM   39  N  N2    . DG  A 1 2  ? 4.177   0.555   -3.003  1.00 23.38 ? 2   DG  A N2    1 
ATOM   40  N  N3    . DG  A 1 2  ? 3.194   2.342   -4.114  1.00 22.06 ? 2   DG  A N3    1 
ATOM   41  C  C4    . DG  A 1 2  ? 2.130   3.194   -4.061  1.00 20.95 ? 2   DG  A C4    1 
ATOM   42  P  P     . DG  A 1 3  ? 3.267   4.514   -10.470 1.00 31.74 ? 3   DG  A P     1 
ATOM   43  O  OP1   . DG  A 1 3  ? 4.489   3.999   -11.138 1.00 34.83 ? 3   DG  A OP1   1 
ATOM   44  O  OP2   . DG  A 1 3  ? 2.448   5.617   -11.034 1.00 33.47 ? 3   DG  A OP2   1 
ATOM   45  O  "O5'" . DG  A 1 3  ? 2.253   3.283   -10.272 1.00 29.17 ? 3   DG  A "O5'" 1 
ATOM   46  C  "C5'" . DG  A 1 3  ? 2.695   1.936   -10.417 1.00 28.28 ? 3   DG  A "C5'" 1 
ATOM   47  C  "C4'" . DG  A 1 3  ? 3.530   1.504   -9.237  1.00 26.40 ? 3   DG  A "C4'" 1 
ATOM   48  O  "O4'" . DG  A 1 3  ? 2.814   1.783   -8.001  1.00 25.50 ? 3   DG  A "O4'" 1 
ATOM   49  C  "C3'" . DG  A 1 3  ? 3.841   0.003   -9.199  1.00 26.10 ? 3   DG  A "C3'" 1 
ATOM   50  O  "O3'" . DG  A 1 3  ? 5.163   -0.201  -8.722  1.00 27.09 ? 3   DG  A "O3'" 1 
ATOM   51  C  "C2'" . DG  A 1 3  ? 2.801   -0.535  -8.208  1.00 24.01 ? 3   DG  A "C2'" 1 
ATOM   52  C  "C1'" . DG  A 1 3  ? 2.762   0.600   -7.222  1.00 21.59 ? 3   DG  A "C1'" 1 
ATOM   53  N  N9    . DG  A 1 3  ? 1.556   0.642   -6.381  1.00 20.96 ? 3   DG  A N9    1 
ATOM   54  C  C8    . DG  A 1 3  ? 0.523   1.549   -6.460  1.00 20.43 ? 3   DG  A C8    1 
ATOM   55  N  N7    . DG  A 1 3  ? -0.401  1.356   -5.553  1.00 20.24 ? 3   DG  A N7    1 
ATOM   56  C  C5    . DG  A 1 3  ? 0.058   0.272   -4.812  1.00 18.55 ? 3   DG  A C5    1 
ATOM   57  C  C6    . DG  A 1 3  ? -0.514  -0.389  -3.688  1.00 18.63 ? 3   DG  A C6    1 
ATOM   58  O  O6    . DG  A 1 3  ? -1.566  -0.118  -3.092  1.00 19.72 ? 3   DG  A O6    1 
ATOM   59  N  N1    . DG  A 1 3  ? 0.304   -1.442  -3.232  1.00 20.55 ? 3   DG  A N1    1 
ATOM   60  C  C2    . DG  A 1 3  ? 1.483   -1.815  -3.828  1.00 20.39 ? 3   DG  A C2    1 
ATOM   61  N  N2    . DG  A 1 3  ? 2.120   -2.874  -3.293  1.00 21.93 ? 3   DG  A N2    1 
ATOM   62  N  N3    . DG  A 1 3  ? 2.018   -1.186  -4.869  1.00 21.71 ? 3   DG  A N3    1 
ATOM   63  C  C4    . DG  A 1 3  ? 1.260   -0.174  -5.311  1.00 20.62 ? 3   DG  A C4    1 
ATOM   64  P  P     . DT  A 1 4  ? 6.181   -1.135  -9.539  0.97 29.11 ? 4   DT  A P     1 
ATOM   65  O  OP1   . DT  A 1 4  ? 7.427   -1.177  -8.756  1.00 30.67 ? 4   DT  A OP1   1 
ATOM   66  O  OP2   . DT  A 1 4  ? 6.206   -0.664  -10.946 1.00 30.48 ? 4   DT  A OP2   1 
ATOM   67  O  "O5'" . DT  A 1 4  ? 5.513   -2.580  -9.461  1.00 27.60 ? 4   DT  A "O5'" 1 
ATOM   68  C  "C5'" . DT  A 1 4  ? 4.790   -3.126  -10.548 1.00 27.59 ? 4   DT  A "C5'" 1 
ATOM   69  C  "C4'" . DT  A 1 4  ? 4.199   -4.477  -10.146 1.00 27.02 ? 4   DT  A "C4'" 1 
ATOM   70  O  "O4'" . DT  A 1 4  ? 5.284   -5.409  -9.845  1.00 25.95 ? 4   DT  A "O4'" 1 
ATOM   71  C  "C3'" . DT  A 1 4  ? 3.322   -4.442  -8.889  1.00 27.52 ? 4   DT  A "C3'" 1 
ATOM   72  O  "O3'" . DT  A 1 4  ? 2.296   -5.418  -8.977  1.00 29.28 ? 4   DT  A "O3'" 1 
ATOM   73  C  "C2'" . DT  A 1 4  ? 4.299   -4.806  -7.790  1.00 26.60 ? 4   DT  A "C2'" 1 
ATOM   74  C  "C1'" . DT  A 1 4  ? 5.173   -5.839  -8.498  1.00 26.91 ? 4   DT  A "C1'" 1 
ATOM   75  N  N1    . DT  A 1 4  ? 6.522   -5.945  -7.891  1.00 28.56 ? 4   DT  A N1    1 
ATOM   76  C  C2    . DT  A 1 4  ? 6.796   -7.028  -7.084  1.00 30.36 ? 4   DT  A C2    1 
ATOM   77  O  O2    . DT  A 1 4  ? 5.985   -7.920  -6.867  1.00 29.98 ? 4   DT  A O2    1 
ATOM   78  N  N3    . DT  A 1 4  ? 8.056   -7.041  -6.543  1.00 29.57 ? 4   DT  A N3    1 
ATOM   79  C  C4    . DT  A 1 4  ? 9.044   -6.089  -6.703  1.00 28.87 ? 4   DT  A C4    1 
ATOM   80  O  O4    . DT  A 1 4  ? 10.145  -6.181  -6.156  1.00 30.56 ? 4   DT  A O4    1 
ATOM   81  C  C5    . DT  A 1 4  ? 8.687   -4.962  -7.536  1.00 28.57 ? 4   DT  A C5    1 
ATOM   82  C  C7    . DT  A 1 4  ? 9.680   -3.867  -7.775  1.00 28.02 ? 4   DT  A C7    1 
ATOM   83  C  C6    . DT  A 1 4  ? 7.451   -4.934  -8.082  1.00 27.90 ? 4   DT  A C6    1 
ATOM   84  P  P     . DT  A 1 5  ? 0.749   -4.999  -8.985  1.00 30.45 ? 5   DT  A P     1 
ATOM   85  O  OP1   . DT  A 1 5  ? 0.026   -6.268  -8.782  1.00 31.21 ? 5   DT  A OP1   1 
ATOM   86  O  OP2   . DT  A 1 5  ? 0.456   -4.148  -10.151 1.00 33.70 ? 5   DT  A OP2   1 
ATOM   87  O  "O5'" . DT  A 1 5  ? 0.594   -4.092  -7.681  1.00 26.25 ? 5   DT  A "O5'" 1 
ATOM   88  C  "C5'" . DT  A 1 5  ? 0.896   -4.622  -6.390  1.00 24.44 ? 5   DT  A "C5'" 1 
ATOM   89  C  "C4'" . DT  A 1 5  ? -0.310  -4.529  -5.478  1.00 21.08 ? 5   DT  A "C4'" 1 
ATOM   90  O  "O4'" . DT  A 1 5  ? -0.755  -3.149  -5.398  1.00 22.01 ? 5   DT  A "O4'" 1 
ATOM   91  C  "C3'" . DT  A 1 5  ? -1.528  -5.329  -5.951  1.00 22.42 ? 5   DT  A "C3'" 1 
ATOM   92  O  "O3'" . DT  A 1 5  ? -2.148  -5.950  -4.850  1.00 23.49 ? 5   DT  A "O3'" 1 
ATOM   93  C  "C2'" . DT  A 1 5  ? -2.441  -4.280  -6.581  1.00 21.58 ? 5   DT  A "C2'" 1 
ATOM   94  C  "C1'" . DT  A 1 5  ? -2.139  -3.073  -5.709  1.00 20.82 ? 5   DT  A "C1'" 1 
ATOM   95  N  N1    . DT  A 1 5  ? -2.388  -1.799  -6.393  1.00 19.19 ? 5   DT  A N1    1 
ATOM   96  C  C2    . DT  A 1 5  ? -3.326  -0.933  -5.881  1.00 20.06 ? 5   DT  A C2    1 
ATOM   97  O  O2    . DT  A 1 5  ? -3.975  -1.183  -4.886  1.00 19.98 ? 5   DT  A O2    1 
ATOM   98  N  N3    . DT  A 1 5  ? -3.491  0.221   -6.590  1.00 22.15 ? 5   DT  A N3    1 
ATOM   99  C  C4    . DT  A 1 5  ? -2.814  0.611   -7.725  1.00 22.18 ? 5   DT  A C4    1 
ATOM   100 O  O4    . DT  A 1 5  ? -3.041  1.682   -8.292  1.00 23.48 ? 5   DT  A O4    1 
ATOM   101 C  C5    . DT  A 1 5  ? -1.844  -0.336  -8.210  1.00 22.70 ? 5   DT  A C5    1 
ATOM   102 C  C7    . DT  A 1 5  ? -1.054  -0.042  -9.443  1.00 24.59 ? 5   DT  A C7    1 
ATOM   103 C  C6    . DT  A 1 5  ? -1.678  -1.487  -7.526  1.00 20.95 ? 5   DT  A C6    1 
ATOM   104 P  P     . DA  A 1 6  ? -1.997  -7.529  -4.662  1.00 23.35 ? 6   DA  A P     1 
ATOM   105 O  OP1   . DA  A 1 6  ? -0.569  -7.898  -4.387  1.00 23.07 ? 6   DA  A OP1   1 
ATOM   106 O  OP2   . DA  A 1 6  ? -2.662  -8.179  -5.825  1.00 24.62 ? 6   DA  A OP2   1 
ATOM   107 O  "O5'" . DA  A 1 6  ? -2.922  -7.816  -3.405  1.00 22.45 ? 6   DA  A "O5'" 1 
ATOM   108 C  "C5'" . DA  A 1 6  ? -2.481  -7.468  -2.101  1.00 22.58 ? 6   DA  A "C5'" 1 
ATOM   109 C  "C4'" . DA  A 1 6  ? -3.484  -7.944  -1.067  1.00 23.21 ? 6   DA  A "C4'" 1 
ATOM   110 O  "O4'" . DA  A 1 6  ? -4.685  -7.123  -1.116  1.00 23.48 ? 6   DA  A "O4'" 1 
ATOM   111 C  "C3'" . DA  A 1 6  ? -3.968  -9.369  -1.261  1.00 25.13 ? 6   DA  A "C3'" 1 
ATOM   112 O  "O3'" . DA  A 1 6  ? -4.203  -9.950  0.008   1.00 28.50 ? 6   DA  A "O3'" 1 
ATOM   113 C  "C2'" . DA  A 1 6  ? -5.264  -9.214  -2.087  1.00 22.73 ? 6   DA  A "C2'" 1 
ATOM   114 C  "C1'" . DA  A 1 6  ? -5.819  -7.898  -1.544  1.00 22.91 ? 6   DA  A "C1'" 1 
ATOM   115 N  N9    . DA  A 1 6  ? -6.488  -7.039  -2.492  1.00 22.79 ? 6   DA  A N9    1 
ATOM   116 C  C8    . DA  A 1 6  ? -5.931  -6.494  -3.612  1.00 22.49 ? 6   DA  A C8    1 
ATOM   117 N  N7    . DA  A 1 6  ? -6.692  -5.600  -4.193  1.00 22.20 ? 6   DA  A N7    1 
ATOM   118 C  C5    . DA  A 1 6  ? -7.814  -5.530  -3.381  1.00 22.35 ? 6   DA  A C5    1 
ATOM   119 C  C6    . DA  A 1 6  ? -8.997  -4.756  -3.453  1.00 21.83 ? 6   DA  A C6    1 
ATOM   120 N  N6    . DA  A 1 6  ? -9.230  -3.884  -4.420  1.00 24.28 ? 6   DA  A N6    1 
ATOM   121 N  N1    . DA  A 1 6  ? -9.919  -4.930  -2.497  1.00 23.25 ? 6   DA  A N1    1 
ATOM   122 C  C2    . DA  A 1 6  ? -9.671  -5.797  -1.509  1.00 23.24 ? 6   DA  A C2    1 
ATOM   123 N  N3    . DA  A 1 6  ? -8.602  -6.571  -1.327  1.00 24.40 ? 6   DA  A N3    1 
ATOM   124 C  C4    . DA  A 1 6  ? -7.692  -6.378  -2.309  1.00 23.44 ? 6   DA  A C4    1 
ATOM   125 P  P     . DG  A 1 7  ? -3.354  -11.224 0.466   1.00 30.97 ? 7   DG  A P     1 
ATOM   126 O  OP1   . DG  A 1 7  ? -3.637  -12.277 -0.533  1.00 32.82 ? 7   DG  A OP1   1 
ATOM   127 O  OP2   . DG  A 1 7  ? -3.621  -11.475 1.894   1.00 34.81 ? 7   DG  A OP2   1 
ATOM   128 O  "O5'" . DG  A 1 7  ? -1.839  -10.769 0.268   1.00 30.43 ? 7   DG  A "O5'" 1 
ATOM   129 C  "C5'" . DG  A 1 7  ? -1.100  -10.170 1.334   1.00 28.49 ? 7   DG  A "C5'" 1 
ATOM   130 C  "C4'" . DG  A 1 7  ? 0.313   -9.918  0.857   1.00 26.21 ? 7   DG  A "C4'" 1 
ATOM   131 O  "O4'" . DG  A 1 7  ? 0.267   -8.946  -0.236  1.00 24.96 ? 7   DG  A "O4'" 1 
ATOM   132 C  "C3'" . DG  A 1 7  ? 1.293   -9.345  1.895   1.00 25.75 ? 7   DG  A "C3'" 1 
ATOM   133 O  "O3'" . DG  A 1 7  ? 2.614   -9.834  1.601   1.00 26.82 ? 7   DG  A "O3'" 1 
ATOM   134 C  "C2'" . DG  A 1 7  ? 1.199   -7.867  1.610   1.00 25.41 ? 7   DG  A "C2'" 1 
ATOM   135 C  "C1'" . DG  A 1 7  ? 1.128   -7.896  0.087   1.00 24.85 ? 7   DG  A "C1'" 1 
ATOM   136 N  N9    . DG  A 1 7  ? 0.691   -6.616  -0.456  1.00 23.21 ? 7   DG  A N9    1 
ATOM   137 C  C8    . DG  A 1 7  ? 1.393   -5.872  -1.366  1.00 22.69 ? 7   DG  A C8    1 
ATOM   138 N  N7    . DG  A 1 7  ? 0.879   -4.720  -1.605  1.00 21.38 ? 7   DG  A N7    1 
ATOM   139 C  C5    . DG  A 1 7  ? -0.235  -4.663  -0.766  1.00 20.17 ? 7   DG  A C5    1 
ATOM   140 C  C6    . DG  A 1 7  ? -1.170  -3.625  -0.575  1.00 19.57 ? 7   DG  A C6    1 
ATOM   141 O  O6    . DG  A 1 7  ? -1.209  -2.525  -1.143  1.00 21.13 ? 7   DG  A O6    1 
ATOM   142 N  N1    . DG  A 1 7  ? -2.129  -3.969  0.373   1.00 20.31 ? 7   DG  A N1    1 
ATOM   143 C  C2    . DG  A 1 7  ? -2.177  -5.166  1.051   1.00 20.33 ? 7   DG  A C2    1 
ATOM   144 N  N2    . DG  A 1 7  ? -3.197  -5.329  1.927   1.00 21.08 ? 7   DG  A N2    1 
ATOM   145 N  N3    . DG  A 1 7  ? -1.293  -6.137  0.881   1.00 21.35 ? 7   DG  A N3    1 
ATOM   146 C  C4    . DG  A 1 7  ? -0.342  -5.804  -0.015  1.00 21.48 ? 7   DG  A C4    1 
HETATM 147 P  P     . BGM A 1 8  ? 3.882   -9.525  2.548   1.00 28.62 ? 8   BGM A P     1 
HETATM 148 O  OP1   . BGM A 1 8  ? 4.575   -10.836 2.780   1.00 29.07 ? 8   BGM A OP1   1 
HETATM 149 O  OP2   . BGM A 1 8  ? 3.477   -8.680  3.729   1.00 29.68 ? 8   BGM A OP2   1 
HETATM 150 O  "O5'" . BGM A 1 8  ? 4.897   -8.715  1.590   1.00 29.37 ? 8   BGM A "O5'" 1 
HETATM 151 C  "C5'" . BGM A 1 8  ? 4.592   -7.454  1.006   1.00 27.31 ? 8   BGM A "C5'" 1 
HETATM 152 C  "C4'" . BGM A 1 8  ? 5.846   -6.942  0.303   1.00 26.21 ? 8   BGM A "C4'" 1 
HETATM 153 O  "O4'" . BGM A 1 8  ? 5.415   -5.882  -0.553  1.00 25.80 ? 8   BGM A "O4'" 1 
HETATM 154 C  "C1'" . BGM A 1 8  ? 6.074   -4.667  -0.172  1.00 26.42 ? 8   BGM A "C1'" 1 
HETATM 155 N  N9    . BGM A 1 8  ? 5.132   -3.540  -0.301  1.00 24.01 ? 8   BGM A N9    1 
HETATM 156 C  C8    . BGM A 1 8  ? 5.243   -2.503  -1.110  1.00 23.64 ? 8   BGM A C8    1 
HETATM 157 N  N7    . BGM A 1 8  ? 4.288   -1.590  -1.109  1.00 23.32 ? 8   BGM A N7    1 
HETATM 158 C  C5    . BGM A 1 8  ? 3.453   -2.081  -0.194  1.00 23.59 ? 8   BGM A C5    1 
HETATM 159 C  C4    . BGM A 1 8  ? 3.990   -3.346  0.336   1.00 23.76 ? 8   BGM A C4    1 
HETATM 160 N  N3    . BGM A 1 8  ? 3.318   -4.032  1.284   1.00 23.77 ? 8   BGM A N3    1 
HETATM 161 C  C2    . BGM A 1 8  ? 2.159   -3.555  1.753   1.00 22.64 ? 8   BGM A C2    1 
HETATM 162 N  N2    . BGM A 1 8  ? 1.514   -4.276  2.689   1.00 22.89 ? 8   BGM A N2    1 
HETATM 163 N  N1    . BGM A 1 8  ? 1.632   -2.407  1.292   1.00 22.46 ? 8   BGM A N1    1 
HETATM 164 C  C6    . BGM A 1 8  ? 2.191   -1.629  0.360   1.00 21.72 ? 8   BGM A C6    1 
HETATM 165 O  O6    . BGM A 1 8  ? 1.662   -0.549  -0.049  1.00 21.36 ? 8   BGM A O6    1 
HETATM 166 C  "C2'" . BGM A 1 8  ? 6.566   -4.887  1.254   1.00 26.41 ? 8   BGM A "C2'" 1 
HETATM 167 C  "C3'" . BGM A 1 8  ? 6.905   -6.373  1.241   1.00 26.50 ? 8   BGM A "C3'" 1 
HETATM 168 O  "O3'" . BGM A 1 8  ? 8.202   -6.616  0.647   1.00 28.45 ? 8   BGM A "O3'" 1 
HETATM 169 BR BR    . BGM A 1 8  ? 6.754   -2.256  -2.332  1.00 28.68 ? 8   BGM A BR    1 
ATOM   170 P  P     . DG  A 1 9  ? 9.573   -6.223  1.417   1.00 31.88 ? 9   DG  A P     1 
ATOM   171 O  OP1   . DG  A 1 9  ? 10.653  -7.078  0.853   1.00 34.89 ? 9   DG  A OP1   1 
ATOM   172 O  OP2   . DG  A 1 9  ? 9.301   -6.264  2.872   1.00 33.23 ? 9   DG  A OP2   1 
ATOM   173 O  "O5'" . DG  A 1 9  ? 9.821   -4.671  1.055   1.00 34.12 ? 9   DG  A "O5'" 1 
ATOM   174 C  "C5'" . DG  A 1 9  ? 10.320  -4.309  -0.221  1.00 34.36 ? 9   DG  A "C5'" 1 
ATOM   175 C  "C4'" . DG  A 1 9  ? 10.341  -2.798  -0.419  1.00 34.44 ? 9   DG  A "C4'" 1 
ATOM   176 O  "O4'" . DG  A 1 9  ? 9.033   -2.249  -0.187  1.00 31.26 ? 9   DG  A "O4'" 1 
ATOM   177 C  "C3'" . DG  A 1 9  ? 11.280  -1.991  0.482   1.00 36.09 ? 9   DG  A "C3'" 1 
ATOM   178 O  "O3'" . DG  A 1 9  ? 11.846  -0.952  -0.312  1.00 37.87 ? 9   DG  A "O3'" 1 
ATOM   179 C  "C2'" . DG  A 1 9  ? 10.312  -1.401  1.517   1.00 31.86 ? 9   DG  A "C2'" 1 
ATOM   180 C  "C1'" . DG  A 1 9  ? 9.152   -1.091  0.601   1.00 28.74 ? 9   DG  A "C1'" 1 
ATOM   181 N  N9    . DG  A 1 9  ? 7.867   -0.883  1.253   1.00 25.41 ? 9   DG  A N9    1 
ATOM   182 C  C8    . DG  A 1 9  ? 7.311   -1.627  2.258   1.00 24.61 ? 9   DG  A C8    1 
ATOM   183 N  N7    . DG  A 1 9  ? 6.096   -1.240  2.580   1.00 25.07 ? 9   DG  A N7    1 
ATOM   184 C  C5    . DG  A 1 9  ? 5.837   -0.182  1.723   1.00 24.28 ? 9   DG  A C5    1 
ATOM   185 C  C6    . DG  A 1 9  ? 4.692   0.638   1.616   1.00 22.64 ? 9   DG  A C6    1 
ATOM   186 O  O6    . DG  A 1 9  ? 3.647   0.582   2.280   1.00 22.92 ? 9   DG  A O6    1 
ATOM   187 N  N1    . DG  A 1 9  ? 4.833   1.596   0.612   1.00 23.16 ? 9   DG  A N1    1 
ATOM   188 C  C2    . DG  A 1 9  ? 5.954   1.748   -0.176  1.00 23.67 ? 9   DG  A C2    1 
ATOM   189 N  N2    . DG  A 1 9  ? 5.916   2.736   -1.089  1.00 24.42 ? 9   DG  A N2    1 
ATOM   190 N  N3    . DG  A 1 9  ? 7.030   0.967   -0.093  1.00 24.22 ? 9   DG  A N3    1 
ATOM   191 C  C4    . DG  A 1 9  ? 6.903   0.037   0.885   1.00 24.27 ? 9   DG  A C4    1 
ATOM   192 P  P     . DT  A 1 10 ? 13.417  -0.893  -0.631  0.79 43.63 ? 10  DT  A P     1 
ATOM   193 O  OP1   . DT  A 1 10 ? 13.586  0.122   -1.697  1.00 45.87 ? 10  DT  A OP1   1 
ATOM   194 O  OP2   . DT  A 1 10 ? 13.932  -2.266  -0.815  1.00 44.62 ? 10  DT  A OP2   1 
ATOM   195 O  "O5'" . DT  A 1 10 ? 14.031  -0.345  0.726   1.00 51.25 ? 10  DT  A "O5'" 1 
ATOM   196 C  "C5'" . DT  A 1 10 ? 15.281  0.314   0.750   1.00 57.35 ? 10  DT  A "C5'" 1 
ATOM   197 C  "C4'" . DT  A 1 10 ? 15.531  0.846   2.144   1.00 62.99 ? 10  DT  A "C4'" 1 
ATOM   198 O  "O4'" . DT  A 1 10 ? 14.744  2.047   2.354   1.00 67.69 ? 10  DT  A "O4'" 1 
ATOM   199 C  "C3'" . DT  A 1 10 ? 15.119  -0.111  3.248   1.00 63.08 ? 10  DT  A "C3'" 1 
ATOM   200 O  "O3'" . DT  A 1 10 ? 15.946  0.047   4.360   1.00 57.53 ? 10  DT  A "O3'" 1 
ATOM   201 C  "C2'" . DT  A 1 10 ? 13.686  0.303   3.568   1.00 68.21 ? 10  DT  A "C2'" 1 
ATOM   202 C  "C1'" . DT  A 1 10 ? 13.695  1.800   3.273   1.00 72.07 ? 10  DT  A "C1'" 1 
ATOM   203 N  N1    . DT  A 1 10 ? 12.430  2.273   2.665   1.00 79.53 ? 10  DT  A N1    1 
ATOM   204 C  C2    . DT  A 1 10 ? 11.271  2.214   3.400   1.00 82.66 ? 10  DT  A C2    1 
ATOM   205 O  O2    . DT  A 1 10 ? 11.225  1.790   4.543   1.00 82.81 ? 10  DT  A O2    1 
ATOM   206 N  N3    . DT  A 1 10 ? 10.153  2.673   2.747   1.00 84.75 ? 10  DT  A N3    1 
ATOM   207 C  C4    . DT  A 1 10 ? 10.082  3.173   1.456   1.00 85.76 ? 10  DT  A C4    1 
ATOM   208 O  O4    . DT  A 1 10 ? 9.028   3.565   0.958   1.00 85.91 ? 10  DT  A O4    1 
ATOM   209 C  C5    . DT  A 1 10 ? 11.338  3.205   0.737   1.00 85.22 ? 10  DT  A C5    1 
ATOM   210 C  C7    . DT  A 1 10 ? 11.389  3.725   -0.668  1.00 85.79 ? 10  DT  A C7    1 
ATOM   211 C  C6    . DT  A 1 10 ? 12.438  2.755   1.369   1.00 82.89 ? 10  DT  A C6    1 
ATOM   212 P  P     . DT  A 1 11 ? 15.833  -1.003  5.566   1.00 52.52 ? 11  DT  A P     1 
ATOM   213 O  OP1   . DT  A 1 11 ? 17.108  -0.960  6.336   1.00 55.79 ? 11  DT  A OP1   1 
ATOM   214 O  OP2   . DT  A 1 11 ? 15.365  -2.280  4.955   1.00 55.08 ? 11  DT  A OP2   1 
ATOM   215 O  "O5'" . DT  A 1 11 ? 14.645  -0.423  6.478   1.00 47.42 ? 11  DT  A "O5'" 1 
ATOM   216 C  "C5'" . DT  A 1 11 ? 14.745  0.876   7.057   1.00 42.81 ? 11  DT  A "C5'" 1 
ATOM   217 C  "C4'" . DT  A 1 11 ? 13.817  0.979   8.249   1.00 36.45 ? 11  DT  A "C4'" 1 
ATOM   218 O  "O4'" . DT  A 1 11 ? 13.821  2.348   8.751   1.00 33.07 ? 11  DT  A "O4'" 1 
ATOM   219 C  "C3'" . DT  A 1 11 ? 12.352  0.634   7.965   1.00 36.86 ? 11  DT  A "C3'" 1 
ATOM   220 O  "O3'" . DT  A 1 11 ? 11.775  -0.029  9.092   1.00 39.49 ? 11  DT  A "O3'" 1 
ATOM   221 C  "C2'" . DT  A 1 11 ? 11.726  2.009   7.761   1.00 32.24 ? 11  DT  A "C2'" 1 
ATOM   222 C  "C1'" . DT  A 1 11 ? 12.500  2.843   8.775   1.00 32.49 ? 11  DT  A "C1'" 1 
ATOM   223 N  N1    . DT  A 1 11 ? 12.530  4.292   8.429   1.00 32.61 ? 11  DT  A N1    1 
ATOM   224 C  C2    . DT  A 1 11 ? 11.686  5.159   9.094   1.00 32.26 ? 11  DT  A C2    1 
ATOM   225 O  O2    . DT  A 1 11 ? 10.930  4.806   9.991   1.00 31.31 ? 11  DT  A O2    1 
ATOM   226 N  N3    . DT  A 1 11 ? 11.771  6.463   8.683   1.00 30.76 ? 11  DT  A N3    1 
ATOM   227 C  C4    . DT  A 1 11 ? 12.577  6.976   7.681   1.00 31.73 ? 11  DT  A C4    1 
ATOM   228 O  O4    . DT  A 1 11 ? 12.569  8.167   7.379   1.00 32.19 ? 11  DT  A O4    1 
ATOM   229 C  C5    . DT  A 1 11 ? 13.428  6.007   7.013   1.00 32.69 ? 11  DT  A C5    1 
ATOM   230 C  C7    . DT  A 1 11 ? 14.353  6.445   5.915   1.00 32.74 ? 11  DT  A C7    1 
ATOM   231 C  C6    . DT  A 1 11 ? 13.361  4.728   7.414   1.00 32.40 ? 11  DT  A C6    1 
ATOM   232 P  P     . DA  A 1 12 ? 10.874  -1.353  8.910   0.90 41.14 ? 12  DA  A P     1 
ATOM   233 O  OP1   . DA  A 1 12 ? 11.190  -2.280  10.003  1.00 43.17 ? 12  DA  A OP1   1 
ATOM   234 O  OP2   . DA  A 1 12 ? 10.971  -1.824  7.512   1.00 44.12 ? 12  DA  A OP2   1 
ATOM   235 O  "O5'" . DA  A 1 12 ? 9.391   -0.922  9.342   1.00 45.04 ? 12  DA  A "O5'" 1 
ATOM   236 C  "C5'" . DA  A 1 12 ? 8.658   -0.040  8.610   1.00 41.78 ? 12  DA  A "C5'" 1 
ATOM   237 C  "C4'" . DA  A 1 12 ? 7.230   -0.553  8.492   1.00 37.56 ? 12  DA  A "C4'" 1 
ATOM   238 O  "O4'" . DA  A 1 12 ? 6.477   0.368   7.689   1.00 35.65 ? 12  DA  A "O4'" 1 
ATOM   239 C  "C3'" . DA  A 1 12 ? 7.101   -1.896  7.780   1.00 35.48 ? 12  DA  A "C3'" 1 
ATOM   240 O  "O3'" . DA  A 1 12 ? 5.918   -2.587  8.197   1.00 38.27 ? 12  DA  A "O3'" 1 
ATOM   241 C  "C2'" . DA  A 1 12 ? 7.006   -1.468  6.324   1.00 32.53 ? 12  DA  A "C2'" 1 
ATOM   242 C  "C1'" . DA  A 1 12 ? 6.154   -0.224  6.445   1.00 32.78 ? 12  DA  A "C1'" 1 
ATOM   243 N  N9    . DA  A 1 12 ? 6.438   0.752   5.417   1.00 30.36 ? 12  DA  A N9    1 
ATOM   244 C  C8    . DA  A 1 12 ? 7.599   0.887   4.704   1.00 29.98 ? 12  DA  A C8    1 
ATOM   245 N  N7    . DA  A 1 12 ? 7.576   1.878   3.846   1.00 28.59 ? 12  DA  A N7    1 
ATOM   246 C  C5    . DA  A 1 12 ? 6.312   2.440   4.028   1.00 27.33 ? 12  DA  A C5    1 
ATOM   247 C  C6    . DA  A 1 12 ? 5.656   3.534   3.422   1.00 27.31 ? 12  DA  A C6    1 
ATOM   248 N  N6    . DA  A 1 12 ? 6.213   4.283   2.472   1.00 27.30 ? 12  DA  A N6    1 
ATOM   249 N  N1    . DA  A 1 12 ? 4.399   3.819   3.834   1.00 26.24 ? 12  DA  A N1    1 
ATOM   250 C  C2    . DA  A 1 12 ? 3.837   3.064   4.788   1.00 26.36 ? 12  DA  A C2    1 
ATOM   251 N  N3    . DA  A 1 12 ? 4.354   2.016   5.435   1.00 28.48 ? 12  DA  A N3    1 
ATOM   252 C  C4    . DA  A 1 12 ? 5.609   1.757   5.000   1.00 29.54 ? 12  DA  A C4    1 
ATOM   253 P  P     . DG  A 1 13 ? 6.046   -4.006  8.944   0.50 37.41 ? 13  DG  A P     1 
ATOM   254 O  OP1   . DG  A 1 13 ? 6.672   -3.725  10.254  1.00 43.08 ? 13  DG  A OP1   1 
ATOM   255 O  OP2   . DG  A 1 13 ? 6.692   -5.015  8.043   1.00 38.49 ? 13  DG  A OP2   1 
ATOM   256 O  "O5'" . DG  A 1 13 ? 4.536   -4.399  9.276   1.00 39.50 ? 13  DG  A "O5'" 1 
ATOM   257 C  "C5'" . DG  A 1 13 ? 3.729   -5.137  8.363   1.00 37.07 ? 13  DG  A "C5'" 1 
ATOM   258 C  "C4'" . DG  A 1 13 ? 2.320   -5.189  8.920   1.00 34.16 ? 13  DG  A "C4'" 1 
ATOM   259 O  "O4'" . DG  A 1 13 ? 1.755   -3.854  8.891   1.00 32.84 ? 13  DG  A "O4'" 1 
ATOM   260 C  "C3'" . DG  A 1 13 ? 1.330   -6.079  8.186   1.00 32.76 ? 13  DG  A "C3'" 1 
ATOM   261 O  "O3'" . DG  A 1 13 ? 0.405   -6.605  9.148   1.00 36.41 ? 13  DG  A "O3'" 1 
ATOM   262 C  "C2'" . DG  A 1 13 ? 0.655   -5.093  7.233   1.00 31.49 ? 13  DG  A "C2'" 1 
ATOM   263 C  "C1'" . DG  A 1 13 ? 0.582   -3.851  8.110   1.00 29.43 ? 13  DG  A "C1'" 1 
ATOM   264 N  N9    . DG  A 1 13 ? 0.517   -2.599  7.360   1.00 25.86 ? 13  DG  A N9    1 
ATOM   265 C  C8    . DG  A 1 13 ? -0.431  -1.622  7.507   1.00 24.91 ? 13  DG  A C8    1 
ATOM   266 N  N7    . DG  A 1 13 ? -0.265  -0.604  6.713   1.00 24.60 ? 13  DG  A N7    1 
ATOM   267 C  C5    . DG  A 1 13 ? 0.870   -0.914  5.986   1.00 22.83 ? 13  DG  A C5    1 
ATOM   268 C  C6    . DG  A 1 13 ? 1.530   -0.179  4.977   1.00 22.40 ? 13  DG  A C6    1 
ATOM   269 O  O6    . DG  A 1 13 ? 1.222   0.926   4.502   1.00 22.14 ? 13  DG  A O6    1 
ATOM   270 N  N1    . DG  A 1 13 ? 2.648   -0.863  4.483   1.00 23.65 ? 13  DG  A N1    1 
ATOM   271 C  C2    . DG  A 1 13 ? 3.086   -2.089  4.932   1.00 24.30 ? 13  DG  A C2    1 
ATOM   272 N  N2    . DG  A 1 13 ? 4.190   -2.579  4.331   1.00 26.31 ? 13  DG  A N2    1 
ATOM   273 N  N3    . DG  A 1 13 ? 2.475   -2.795  5.884   1.00 24.74 ? 13  DG  A N3    1 
ATOM   274 C  C4    . DG  A 1 13 ? 1.374   -2.147  6.365   1.00 23.50 ? 13  DG  A C4    1 
ATOM   275 P  P     . DG  A 1 14 ? -0.770  -7.599  8.703   0.94 39.18 ? 14  DG  A P     1 
ATOM   276 O  OP1   . DG  A 1 14 ? -1.209  -8.334  9.906   1.00 39.89 ? 14  DG  A OP1   1 
ATOM   277 O  OP2   . DG  A 1 14 ? -0.350  -8.296  7.469   1.00 39.36 ? 14  DG  A OP2   1 
ATOM   278 O  "O5'" . DG  A 1 14 ? -1.947  -6.613  8.258   1.00 34.39 ? 14  DG  A "O5'" 1 
ATOM   279 C  "C5'" . DG  A 1 14 ? -2.545  -5.726  9.182   1.00 33.30 ? 14  DG  A "C5'" 1 
ATOM   280 C  "C4'" . DG  A 1 14 ? -3.539  -4.857  8.459   1.00 31.05 ? 14  DG  A "C4'" 1 
ATOM   281 O  "O4'" . DG  A 1 14 ? -2.814  -3.926  7.606   1.00 28.74 ? 14  DG  A "O4'" 1 
ATOM   282 C  "C3'" . DG  A 1 14 ? -4.491  -5.621  7.523   1.00 31.98 ? 14  DG  A "C3'" 1 
ATOM   283 O  "O3'" . DG  A 1 14 ? -5.814  -5.109  7.649   1.00 36.82 ? 14  DG  A "O3'" 1 
ATOM   284 C  "C2'" . DG  A 1 14 ? -3.925  -5.308  6.137   1.00 29.88 ? 14  DG  A "C2'" 1 
ATOM   285 C  "C1'" . DG  A 1 14 ? -3.481  -3.867  6.366   1.00 27.26 ? 14  DG  A "C1'" 1 
ATOM   286 N  N9    . DG  A 1 14 ? -2.580  -3.358  5.335   1.00 24.62 ? 14  DG  A N9    1 
ATOM   287 C  C8    . DG  A 1 14 ? -1.633  -4.066  4.642   1.00 24.06 ? 14  DG  A C8    1 
ATOM   288 N  N7    . DG  A 1 14 ? -0.994  -3.358  3.760   1.00 22.81 ? 14  DG  A N7    1 
ATOM   289 C  C5    . DG  A 1 14 ? -1.567  -2.098  3.849   1.00 22.43 ? 14  DG  A C5    1 
ATOM   290 C  C6    . DG  A 1 14 ? -1.284  -0.918  3.122   1.00 21.77 ? 14  DG  A C6    1 
ATOM   291 O  O6    . DG  A 1 14 ? -0.452  -0.755  2.227   1.00 21.02 ? 14  DG  A O6    1 
ATOM   292 N  N1    . DG  A 1 14 ? -2.090  0.152   3.525   1.00 20.24 ? 14  DG  A N1    1 
ATOM   293 C  C2    . DG  A 1 14 ? -3.065  0.091   4.512   1.00 21.54 ? 14  DG  A C2    1 
ATOM   294 N  N2    . DG  A 1 14 ? -3.760  1.244   4.765   1.00 22.05 ? 14  DG  A N2    1 
ATOM   295 N  N3    . DG  A 1 14 ? -3.331  -1.022  5.211   1.00 24.09 ? 14  DG  A N3    1 
ATOM   296 C  C4    . DG  A 1 14 ? -2.554  -2.076  4.811   1.00 24.06 ? 14  DG  A C4    1 
ATOM   297 P  P     . DG  A 1 15 ? -7.068  -6.042  7.280   1.00 36.09 ? 15  DG  A P     1 
ATOM   298 O  OP1   . DG  A 1 15 ? -7.223  -6.988  8.400   1.00 41.60 ? 15  DG  A OP1   1 
ATOM   299 O  OP2   . DG  A 1 15 ? -6.924  -6.559  5.895   1.00 38.60 ? 15  DG  A OP2   1 
ATOM   300 O  "O5'" . DG  A 1 15 ? -8.291  -5.009  7.199   1.00 37.01 ? 15  DG  A "O5'" 1 
ATOM   301 C  "C5'" . DG  A 1 15 ? -8.293  -3.811  7.956   1.00 38.88 ? 15  DG  A "C5'" 1 
ATOM   302 C  "C4'" . DG  A 1 15 ? -8.441  -2.568  7.068   1.00 33.57 ? 15  DG  A "C4'" 1 
ATOM   303 O  "O4'" . DG  A 1 15 ? -7.269  -2.414  6.253   1.00 31.62 ? 15  DG  A "O4'" 1 
ATOM   304 C  "C3'" . DG  A 1 15 ? -9.634  -2.508  6.081   1.00 28.30 ? 15  DG  A "C3'" 1 
ATOM   305 O  "O3'" . DG  A 1 15 ? -10.244 -1.236  6.167   1.00 28.14 ? 15  DG  A "O3'" 1 
ATOM   306 C  "C2'" . DG  A 1 15 ? -8.966  -2.614  4.728   1.00 27.32 ? 15  DG  A "C2'" 1 
ATOM   307 C  "C1'" . DG  A 1 15 ? -7.675  -1.894  5.025   1.00 26.26 ? 15  DG  A "C1'" 1 
ATOM   308 N  N9    . DG  A 1 15 ? -6.627  -2.139  4.051   1.00 20.99 ? 15  DG  A N9    1 
ATOM   309 C  C8    . DG  A 1 15 ? -5.958  -3.324  3.794   1.00 22.27 ? 15  DG  A C8    1 
ATOM   310 N  N7    . DG  A 1 15 ? -5.069  -3.207  2.848   1.00 22.09 ? 15  DG  A N7    1 
ATOM   311 C  C5    . DG  A 1 15 ? -5.159  -1.874  2.455   1.00 18.99 ? 15  DG  A C5    1 
ATOM   312 C  C6    . DG  A 1 15 ? -4.434  -1.158  1.467   1.00 19.77 ? 15  DG  A C6    1 
ATOM   313 O  O6    . DG  A 1 15 ? -3.538  -1.571  0.714   1.00 20.60 ? 15  DG  A O6    1 
ATOM   314 N  N1    . DG  A 1 15 ? -4.843  0.167   1.388   1.00 18.90 ? 15  DG  A N1    1 
ATOM   315 C  C2    . DG  A 1 15 ? -5.816  0.731   2.181   1.00 19.07 ? 15  DG  A C2    1 
ATOM   316 N  N2    . DG  A 1 15 ? -6.081  2.024   1.958   1.00 20.78 ? 15  DG  A N2    1 
ATOM   317 N  N3    . DG  A 1 15 ? -6.484  0.075   3.114   1.00 19.66 ? 15  DG  A N3    1 
ATOM   318 C  C4    . DG  A 1 15 ? -6.103  -1.216  3.193   1.00 19.79 ? 15  DG  A C4    1 
ATOM   319 P  P     . DT  A 1 16 ? -11.106 -0.841  7.455   0.96 33.89 ? 16  DT  A P     1 
ATOM   320 O  OP1   . DT  A 1 16 ? -10.206 -0.065  8.328   1.00 35.67 ? 16  DT  A OP1   1 
ATOM   321 O  OP2   . DT  A 1 16 ? -11.811 -2.042  7.932   1.00 35.74 ? 16  DT  A OP2   1 
ATOM   322 O  "O5'" . DT  A 1 16 ? -12.158 0.201   6.875   1.00 32.89 ? 16  DT  A "O5'" 1 
ATOM   323 C  "C5'" . DT  A 1 16 ? -13.011 -0.161  5.802   1.00 30.89 ? 16  DT  A "C5'" 1 
ATOM   324 C  "C4'" . DT  A 1 16 ? -13.162 1.012   4.869   1.00 29.93 ? 16  DT  A "C4'" 1 
ATOM   325 O  "O4'" . DT  A 1 16 ? -13.464 2.199   5.666   1.00 27.18 ? 16  DT  A "O4'" 1 
ATOM   326 C  "C3'" . DT  A 1 16 ? -11.893 1.311   4.050   1.00 29.27 ? 16  DT  A "C3'" 1 
ATOM   327 O  "O3'" . DT  A 1 16 ? -12.171 1.302   2.642   1.00 28.28 ? 16  DT  A "O3'" 1 
ATOM   328 C  "C2'" . DT  A 1 16 ? -11.438 2.695   4.510   1.00 29.03 ? 16  DT  A "C2'" 1 
ATOM   329 C  "C1'" . DT  A 1 16 ? -12.639 3.275   5.281   1.00 26.80 ? 16  DT  A "C1'" 1 
ATOM   330 N  N1    . DT  A 1 16 ? -12.160 4.016   6.477   1.00 26.13 ? 16  DT  A N1    1 
ATOM   331 C  C2    . DT  A 1 16 ? -12.356 5.377   6.569   1.00 27.51 ? 16  DT  A C2    1 
ATOM   332 O  O2    . DT  A 1 16 ? -13.019 6.012   5.764   1.00 27.39 ? 16  DT  A O2    1 
ATOM   333 N  N3    . DT  A 1 16 ? -11.784 5.964   7.675   1.00 27.62 ? 16  DT  A N3    1 
ATOM   334 C  C4    . DT  A 1 16 ? -11.015 5.333   8.649   1.00 30.83 ? 16  DT  A C4    1 
ATOM   335 O  O4    . DT  A 1 16 ? -10.524 5.929   9.597   1.00 34.47 ? 16  DT  A O4    1 
ATOM   336 C  C5    . DT  A 1 16 ? -10.850 3.927   8.481   1.00 29.82 ? 16  DT  A C5    1 
ATOM   337 C  C7    . DT  A 1 16 ? -10.053 3.149   9.478   1.00 32.55 ? 16  DT  A C7    1 
ATOM   338 C  C6    . DT  A 1 16 ? -11.397 3.346   7.407   1.00 27.98 ? 16  DT  A C6    1 
ATOM   339 P  P     . DT  A 1 17 ? -11.990 -0.028  1.748   0.97 27.96 ? 17  DT  A P     1 
ATOM   340 O  OP1   . DT  A 1 17 ? -12.402 0.418   0.397   1.00 29.85 ? 17  DT  A OP1   1 
ATOM   341 O  OP2   . DT  A 1 17 ? -12.716 -1.142  2.391   1.00 30.10 ? 17  DT  A OP2   1 
ATOM   342 O  "O5'" . DT  A 1 17 ? -10.399 -0.353  1.769   1.00 24.37 ? 17  DT  A "O5'" 1 
ATOM   343 C  "C5'" . DT  A 1 17 ? -9.465  0.637   1.388   1.00 23.80 ? 17  DT  A "C5'" 1 
ATOM   344 C  "C4'" . DT  A 1 17 ? -8.595  0.171   0.227   1.00 21.19 ? 17  DT  A "C4'" 1 
ATOM   345 O  "O4'" . DT  A 1 17 ? -7.857  -1.000  0.632   1.00 21.49 ? 17  DT  A "O4'" 1 
ATOM   346 C  "C3'" . DT  A 1 17 ? -9.339  -0.243  -1.058  1.00 22.10 ? 17  DT  A "C3'" 1 
ATOM   347 O  "O3'" . DT  A 1 17 ? -8.672  0.300   -2.173  1.00 22.01 ? 17  DT  A "O3'" 1 
ATOM   348 C  "C2'" . DT  A 1 17 ? -9.210  -1.768  -1.061  1.00 21.78 ? 17  DT  A "C2'" 1 
ATOM   349 C  "C1'" . DT  A 1 17 ? -7.837  -1.914  -0.436  1.00 21.69 ? 17  DT  A "C1'" 1 
ATOM   350 N  N1    . DT  A 1 17 ? -7.555  -3.266  0.134   1.00 21.26 ? 17  DT  A N1    1 
ATOM   351 C  C2    . DT  A 1 17 ? -6.410  -3.931  -0.247  1.00 21.52 ? 17  DT  A C2    1 
ATOM   352 O  O2    . DT  A 1 17 ? -5.603  -3.481  -1.042  1.00 21.15 ? 17  DT  A O2    1 
ATOM   353 N  N3    . DT  A 1 17 ? -6.238  -5.134  0.342   1.00 22.67 ? 17  DT  A N3    1 
ATOM   354 C  C4    . DT  A 1 17 ? -7.050  -5.760  1.251   1.00 24.35 ? 17  DT  A C4    1 
ATOM   355 O  O4    . DT  A 1 17 ? -6.767  -6.873  1.709   1.00 25.40 ? 17  DT  A O4    1 
ATOM   356 C  C5    . DT  A 1 17 ? -8.234  -5.024  1.633   1.00 24.21 ? 17  DT  A C5    1 
ATOM   357 C  C7    . DT  A 1 17 ? -9.200  -5.613  2.623   1.00 25.50 ? 17  DT  A C7    1 
ATOM   358 C  C6    . DT  A 1 17 ? -8.430  -3.815  1.064   1.00 21.74 ? 17  DT  A C6    1 
ATOM   359 P  P     . DA  A 1 18 ? -9.335  1.497   -3.024  1.00 21.97 ? 18  DA  A P     1 
ATOM   360 O  OP1   . DA  A 1 18 ? -9.395  2.725   -2.196  1.00 22.56 ? 18  DA  A OP1   1 
ATOM   361 O  OP2   . DA  A 1 18 ? -10.593 0.987   -3.636  1.00 24.51 ? 18  DA  A OP2   1 
ATOM   362 O  "O5'" . DA  A 1 18 ? -8.315  1.648   -4.238  1.00 20.73 ? 18  DA  A "O5'" 1 
ATOM   363 C  "C5'" . DA  A 1 18 ? -7.193  2.509   -4.165  1.00 20.36 ? 18  DA  A "C5'" 1 
ATOM   364 C  "C4'" . DA  A 1 18 ? -6.645  2.761   -5.559  1.00 20.13 ? 18  DA  A "C4'" 1 
ATOM   365 O  "O4'" . DA  A 1 18 ? -6.013  1.549   -6.084  1.00 20.95 ? 18  DA  A "O4'" 1 
ATOM   366 C  "C3'" . DA  A 1 18 ? -7.694  3.147   -6.588  1.00 19.65 ? 18  DA  A "C3'" 1 
ATOM   367 O  "O3'" . DA  A 1 18 ? -7.134  4.034   -7.503  1.00 20.90 ? 18  DA  A "O3'" 1 
ATOM   368 C  "C2'" . DA  A 1 18 ? -8.065  1.812   -7.246  1.00 20.43 ? 18  DA  A "C2'" 1 
ATOM   369 C  "C1'" . DA  A 1 18 ? -6.729  1.062   -7.225  1.00 20.01 ? 18  DA  A "C1'" 1 
ATOM   370 N  N9    . DA  A 1 18 ? -6.815  -0.372  -7.015  1.00 20.50 ? 18  DA  A N9    1 
ATOM   371 C  C8    . DA  A 1 18 ? -7.451  -1.000  -5.985  1.00 19.83 ? 18  DA  A C8    1 
ATOM   372 N  N7    . DA  A 1 18 ? -7.263  -2.303  -5.962  1.00 20.53 ? 18  DA  A N7    1 
ATOM   373 C  C5    . DA  A 1 18 ? -6.414  -2.534  -7.037  1.00 19.29 ? 18  DA  A C5    1 
ATOM   374 C  C6    . DA  A 1 18 ? -5.832  -3.711  -7.556  1.00 20.35 ? 18  DA  A C6    1 
ATOM   375 N  N6    . DA  A 1 18 ? -6.034  -4.913  -7.020  1.00 21.42 ? 18  DA  A N6    1 
ATOM   376 N  N1    . DA  A 1 18 ? -5.049  -3.596  -8.644  1.00 21.73 ? 18  DA  A N1    1 
ATOM   377 C  C2    . DA  A 1 18 ? -4.827  -2.372  -9.158  1.00 20.37 ? 18  DA  A C2    1 
ATOM   378 N  N3    . DA  A 1 18 ? -5.333  -1.197  -8.771  1.00 20.46 ? 18  DA  A N3    1 
ATOM   379 C  C4    . DA  A 1 18 ? -6.103  -1.354  -7.679  1.00 20.05 ? 18  DA  A C4    1 
ATOM   380 P  P     . DG  A 1 19 ? -7.861  5.446   -7.724  1.00 22.61 ? 19  DG  A P     1 
ATOM   381 O  OP1   . DG  A 1 19 ? -9.287  5.202   -8.009  1.00 22.39 ? 19  DG  A OP1   1 
ATOM   382 O  OP2   . DG  A 1 19 ? -6.993  6.215   -8.657  1.00 25.72 ? 19  DG  A OP2   1 
ATOM   383 O  "O5'" . DG  A 1 19 ? -7.794  6.136   -6.286  1.00 21.76 ? 19  DG  A "O5'" 1 
ATOM   384 C  "C5'" . DG  A 1 19 ? -6.599  6.757   -5.837  1.00 21.97 ? 19  DG  A "C5'" 1 
ATOM   385 C  "C4'" . DG  A 1 19 ? -6.807  7.303   -4.435  1.00 20.93 ? 19  DG  A "C4'" 1 
ATOM   386 O  "O4'" . DG  A 1 19 ? -6.984  6.200   -3.503  1.00 21.28 ? 19  DG  A "O4'" 1 
ATOM   387 C  "C3'" . DG  A 1 19 ? -5.672  8.157   -3.879  1.00 21.92 ? 19  DG  A "C3'" 1 
ATOM   388 O  "O3'" . DG  A 1 19 ? -6.250  9.219   -3.103  1.00 23.42 ? 19  DG  A "O3'" 1 
ATOM   389 C  "C2'" . DG  A 1 19 ? -4.918  7.181   -2.996  1.00 21.00 ? 19  DG  A "C2'" 1 
ATOM   390 C  "C1'" . DG  A 1 19 ? -6.078  6.364   -2.434  1.00 19.56 ? 19  DG  A "C1'" 1 
ATOM   391 N  N9    . DG  A 1 19 ? -5.666  5.078   -1.876  1.00 19.47 ? 19  DG  A N9    1 
ATOM   392 C  C8    . DG  A 1 19 ? -6.004  4.596   -0.634  1.00 20.89 ? 19  DG  A C8    1 
ATOM   393 N  N7    . DG  A 1 19 ? -5.436  3.448   -0.352  1.00 20.79 ? 19  DG  A N7    1 
ATOM   394 C  C5    . DG  A 1 19 ? -4.657  3.163   -1.468  1.00 19.19 ? 19  DG  A C5    1 
ATOM   395 C  C6    . DG  A 1 19 ? -3.805  2.054   -1.722  1.00 18.99 ? 19  DG  A C6    1 
ATOM   396 O  O6    . DG  A 1 19 ? -3.574  1.086   -0.980  1.00 19.23 ? 19  DG  A O6    1 
ATOM   397 N  N1    . DG  A 1 19 ? -3.188  2.150   -2.977  1.00 19.96 ? 19  DG  A N1    1 
ATOM   398 C  C2    . DG  A 1 19 ? -3.386  3.194   -3.869  1.00 18.57 ? 19  DG  A C2    1 
ATOM   399 N  N2    . DG  A 1 19 ? -2.718  3.121   -5.043  1.00 20.12 ? 19  DG  A N2    1 
ATOM   400 N  N3    . DG  A 1 19 ? -4.186  4.231   -3.630  1.00 19.44 ? 19  DG  A N3    1 
ATOM   401 C  C4    . DG  A 1 19 ? -4.771  4.155   -2.414  1.00 19.54 ? 19  DG  A C4    1 
HETATM 402 P  P     . BGM A 1 20 ? -5.342  10.174  -2.191  1.00 25.58 ? 20  BGM A P     1 
HETATM 403 O  OP1   . BGM A 1 20 ? -6.136  11.445  -1.997  1.00 28.03 ? 20  BGM A OP1   1 
HETATM 404 O  OP2   . BGM A 1 20 ? -3.941  10.269  -2.744  1.00 25.81 ? 20  BGM A OP2   1 
HETATM 405 O  "O5'" . BGM A 1 20 ? -5.210  9.391   -0.786  1.00 27.00 ? 20  BGM A "O5'" 1 
HETATM 406 C  "C5'" . BGM A 1 20 ? -6.319  9.297   0.096   1.00 24.35 ? 20  BGM A "C5'" 1 
HETATM 407 C  "C4'" . BGM A 1 20 ? -5.859  8.761   1.446   1.00 23.86 ? 20  BGM A "C4'" 1 
HETATM 408 O  "O4'" . BGM A 1 20 ? -5.658  7.346   1.399   1.00 24.07 ? 20  BGM A "O4'" 1 
HETATM 409 C  "C1'" . BGM A 1 20 ? -4.837  7.066   2.518   1.00 22.83 ? 20  BGM A "C1'" 1 
HETATM 410 N  N9    . BGM A 1 20 ? -4.156  5.762   2.469   1.00 22.20 ? 20  BGM A N9    1 
HETATM 411 C  C8    . BGM A 1 20 ? -4.200  4.788   3.365   1.00 22.77 ? 20  BGM A C8    1 
HETATM 412 N  N7    . BGM A 1 20 ? -3.472  3.699   3.135   1.00 23.35 ? 20  BGM A N7    1 
HETATM 413 C  C5    . BGM A 1 20 ? -2.893  3.981   1.967   1.00 21.03 ? 20  BGM A C5    1 
HETATM 414 C  C4    . BGM A 1 20 ? -3.335  5.313   1.522   1.00 20.74 ? 20  BGM A C4    1 
HETATM 415 N  N3    . BGM A 1 20 ? -2.878  5.818   0.366   1.00 20.54 ? 20  BGM A N3    1 
HETATM 416 C  C2    . BGM A 1 20 ? -2.011  5.114   -0.379  1.00 20.34 ? 20  BGM A C2    1 
HETATM 417 N  N2    . BGM A 1 20 ? -1.572  5.652   -1.532  1.00 22.63 ? 20  BGM A N2    1 
HETATM 418 N  N1    . BGM A 1 20 ? -1.586  3.884   -0.018  1.00 20.82 ? 20  BGM A N1    1 
HETATM 419 C  C6    . BGM A 1 20 ? -1.968  3.260   1.099   1.00 20.03 ? 20  BGM A C6    1 
HETATM 420 O  O6    . BGM A 1 20 ? -1.554  2.111   1.436   1.00 19.94 ? 20  BGM A O6    1 
HETATM 421 C  "C2'" . BGM A 1 20 ? -3.795  8.178   2.499   1.00 24.91 ? 20  BGM A "C2'" 1 
HETATM 422 C  "C3'" . BGM A 1 20 ? -4.564  9.385   1.980   1.00 24.60 ? 20  BGM A "C3'" 1 
HETATM 423 O  "O3'" . BGM A 1 20 ? -4.915  10.279  3.042   1.00 24.15 ? 20  BGM A "O3'" 1 
HETATM 424 BR BR    . BGM A 1 20 ? -5.312  4.873   4.996   1.00 28.08 ? 20  BGM A BR    1 
ATOM   425 P  P     . DG  A 1 21 ? -3.818  11.192  3.784   0.99 25.79 ? 21  DG  A P     1 
ATOM   426 O  OP1   . DG  A 1 21 ? -4.527  12.423  4.198   1.00 27.77 ? 21  DG  A OP1   1 
ATOM   427 O  OP2   . DG  A 1 21 ? -2.554  11.281  3.003   1.00 26.65 ? 21  DG  A OP2   1 
ATOM   428 O  "O5'" . DG  A 1 21 ? -3.475  10.345  5.099   1.00 24.19 ? 21  DG  A "O5'" 1 
ATOM   429 C  "C5'" . DG  A 1 21 ? -4.500  10.131  6.086   1.00 25.41 ? 21  DG  A "C5'" 1 
ATOM   430 C  "C4'" . DG  A 1 21 ? -4.064  9.091   7.089   1.00 25.73 ? 21  DG  A "C4'" 1 
ATOM   431 O  "O4'" . DG  A 1 21 ? -3.950  7.825   6.423   1.00 25.45 ? 21  DG  A "O4'" 1 
ATOM   432 C  "C3'" . DG  A 1 21 ? -2.688  9.334   7.674   1.00 29.84 ? 21  DG  A "C3'" 1 
ATOM   433 O  "O3'" . DG  A 1 21 ? -2.800  10.157  8.812   1.00 34.29 ? 21  DG  A "O3'" 1 
ATOM   434 C  "C2'" . DG  A 1 21 ? -2.223  7.934   8.046   1.00 27.36 ? 21  DG  A "C2'" 1 
ATOM   435 C  "C1'" . DG  A 1 21 ? -2.930  7.055   7.019   1.00 26.43 ? 21  DG  A "C1'" 1 
ATOM   436 N  N9    . DG  A 1 21 ? -2.051  6.567   5.960   1.00 24.60 ? 21  DG  A N9    1 
ATOM   437 C  C8    . DG  A 1 21 ? -1.554  7.275   4.887   1.00 23.60 ? 21  DG  A C8    1 
ATOM   438 N  N7    . DG  A 1 21 ? -0.799  6.547   4.088   1.00 23.88 ? 21  DG  A N7    1 
ATOM   439 C  C5    . DG  A 1 21 ? -0.816  5.280   4.664   1.00 23.13 ? 21  DG  A C5    1 
ATOM   440 C  C6    . DG  A 1 21 ? -0.179  4.089   4.266   1.00 22.14 ? 21  DG  A C6    1 
ATOM   441 O  O6    . DG  A 1 21 ? 0.535   3.904   3.275   1.00 22.47 ? 21  DG  A O6    1 
ATOM   442 N  N1    . DG  A 1 21 ? -0.456  3.040   5.138   1.00 21.62 ? 21  DG  A N1    1 
ATOM   443 C  C2    . DG  A 1 21 ? -1.229  3.134   6.269   1.00 23.29 ? 21  DG  A C2    1 
ATOM   444 N  N2    . DG  A 1 21 ? -1.375  2.008   6.990   1.00 24.55 ? 21  DG  A N2    1 
ATOM   445 N  N3    . DG  A 1 21 ? -1.833  4.250   6.661   1.00 22.70 ? 21  DG  A N3    1 
ATOM   446 C  C4    . DG  A 1 21 ? -1.579  5.279   5.819   1.00 23.49 ? 21  DG  A C4    1 
HETATM 447 K  K     . K   B 2 .  ? -3.722  -1.631  -2.086  1.00 19.37 ? 101 K   A K     1 
HETATM 448 K  K     . K   C 2 .  ? -1.163  0.027   -0.266  1.00 19.81 ? 102 K   A K     1 
HETATM 449 K  K     . K   D 2 .  ? 1.151   1.562   1.866   1.00 21.38 ? 103 K   A K     1 
HETATM 450 O  O     . HOH E 3 .  ? -11.880 -3.399  2.880   1.00 41.24 ? 201 HOH A O     1 
HETATM 451 O  O     . HOH E 3 .  ? 9.721   -3.892  7.050   1.00 51.83 ? 202 HOH A O     1 
HETATM 452 O  O     . HOH E 3 .  ? 4.973   -0.530  -13.165 1.00 54.74 ? 203 HOH A O     1 
HETATM 453 O  O     . HOH E 3 .  ? -13.168 2.843   0.385   1.00 30.60 ? 204 HOH A O     1 
HETATM 454 O  O     . HOH E 3 .  ? 10.598  -1.421  5.024   1.00 41.80 ? 205 HOH A O     1 
HETATM 455 O  O     . HOH E 3 .  ? 4.852   3.146   -13.512 1.00 56.50 ? 206 HOH A O     1 
HETATM 456 O  O     . HOH E 3 .  ? -3.680  14.687  5.031   1.00 46.77 ? 207 HOH A O     1 
HETATM 457 O  O     . HOH E 3 .  ? 3.331   10.041  -9.902  1.00 51.04 ? 208 HOH A O     1 
HETATM 458 O  O     . HOH E 3 .  ? 0.450   -9.856  -3.013  1.00 29.16 ? 209 HOH A O     1 
HETATM 459 O  O     . HOH E 3 .  ? -4.530  -7.439  -7.503  1.00 24.67 ? 210 HOH A O     1 
HETATM 460 O  O     . HOH E 3 .  ? -3.691  8.851   10.919  1.00 57.00 ? 211 HOH A O     1 
HETATM 461 O  O     . HOH E 3 .  ? -10.315 4.495   -10.339 1.00 35.05 ? 212 HOH A O     1 
HETATM 462 O  O     . HOH E 3 .  ? -1.876  -3.266  -11.040 1.00 30.78 ? 213 HOH A O     1 
HETATM 463 O  O     . HOH E 3 .  ? -4.038  11.084  -5.262  1.00 39.51 ? 214 HOH A O     1 
HETATM 464 O  O     . HOH E 3 .  ? 2.204   -6.483  4.505   1.00 31.39 ? 215 HOH A O     1 
HETATM 465 O  O     . HOH E 3 .  ? 14.595  2.579   -1.996  1.00 53.26 ? 216 HOH A O     1 
HETATM 466 O  O     . HOH E 3 .  ? -11.074 -1.444  -4.658  1.00 26.73 ? 217 HOH A O     1 
HETATM 467 O  O     . HOH E 3 .  ? -2.560  13.212  1.142   1.00 46.91 ? 218 HOH A O     1 
HETATM 468 O  O     . HOH E 3 .  ? 5.012   -11.927 5.197   1.00 51.15 ? 219 HOH A O     1 
HETATM 469 O  O     . HOH E 3 .  ? -15.387 -1.313  2.651   1.00 45.84 ? 220 HOH A O     1 
HETATM 470 O  O     . HOH E 3 .  ? 13.263  -6.530  1.262   1.00 52.03 ? 221 HOH A O     1 
HETATM 471 O  O     . HOH E 3 .  ? -6.581  8.820   -9.259  1.00 29.30 ? 222 HOH A O     1 
HETATM 472 O  O     . HOH E 3 .  ? -3.951  3.990   8.344   1.00 43.38 ? 223 HOH A O     1 
HETATM 473 O  O     . HOH E 3 .  ? -11.340 3.483   -8.512  1.00 43.04 ? 224 HOH A O     1 
HETATM 474 O  O     . HOH E 3 .  ? -1.590  11.501  -5.954  1.00 44.05 ? 225 HOH A O     1 
HETATM 475 O  O     . HOH E 3 .  ? 6.979   -1.752  -6.121  1.00 28.57 ? 226 HOH A O     1 
HETATM 476 O  O     . HOH E 3 .  ? 13.109  9.731   5.198   1.00 36.66 ? 227 HOH A O     1 
HETATM 477 O  O     . HOH E 3 .  ? -5.595  -8.577  4.594   1.00 47.89 ? 228 HOH A O     1 
HETATM 478 O  O     . HOH E 3 .  ? -2.408  -7.300  -9.559  1.00 31.73 ? 229 HOH A O     1 
HETATM 479 O  O     . HOH E 3 .  ? 8.328   -4.055  4.206   1.00 29.78 ? 230 HOH A O     1 
HETATM 480 O  O     . HOH E 3 .  ? -0.601  10.091  1.455   1.00 28.88 ? 231 HOH A O     1 
HETATM 481 O  O     . HOH E 3 .  ? 8.084   5.402   -0.881  1.00 41.70 ? 232 HOH A O     1 
HETATM 482 O  O     . HOH E 3 .  ? -10.893 5.896   -5.866  0.50 11.13 ? 233 HOH A O     1 
HETATM 483 O  O     . HOH E 3 .  ? -6.699  13.133  2.632   1.00 46.83 ? 234 HOH A O     1 
HETATM 484 O  O     . HOH E 3 .  ? -6.547  5.501   -11.297 1.00 28.69 ? 235 HOH A O     1 
HETATM 485 O  O     . HOH E 3 .  ? -9.913  3.980   0.233   1.00 33.30 ? 236 HOH A O     1 
HETATM 486 O  O     . HOH E 3 .  ? -12.429 -3.766  -2.164  1.00 34.22 ? 237 HOH A O     1 
HETATM 487 O  O     . HOH E 3 .  ? -9.714  5.221   -3.398  1.00 22.87 ? 238 HOH A O     1 
HETATM 488 O  O     . HOH E 3 .  ? -2.133  11.574  -1.066  1.00 39.26 ? 239 HOH A O     1 
HETATM 489 O  O     . HOH E 3 .  ? 1.197   -8.631  -6.425  1.00 40.95 ? 240 HOH A O     1 
HETATM 490 O  O     . HOH E 3 .  ? -5.959  -9.482  2.355   1.00 31.97 ? 241 HOH A O     1 
HETATM 491 O  O     . HOH E 3 .  ? -13.166 1.199   -2.533  1.00 43.88 ? 242 HOH A O     1 
HETATM 492 O  O     . HOH E 3 .  ? 1.473   -4.537  -12.740 1.00 42.77 ? 243 HOH A O     1 
HETATM 493 O  O     . HOH E 3 .  ? -4.968  3.430   -9.354  1.00 30.12 ? 244 HOH A O     1 
HETATM 494 O  O     . HOH E 3 .  ? -4.414  -0.763  7.794   1.00 36.13 ? 245 HOH A O     1 
HETATM 495 O  O     . HOH E 3 .  ? 4.959   -10.082 -8.350  1.00 27.27 ? 246 HOH A O     1 
HETATM 496 O  O     . HOH E 3 .  ? 9.491   2.925   11.519  1.00 52.96 ? 247 HOH A O     1 
HETATM 497 O  O     . HOH E 3 .  ? -1.781  8.458   -2.777  1.00 24.86 ? 248 HOH A O     1 
HETATM 498 O  O     . HOH E 3 .  ? -0.516  -7.282  4.844   1.00 34.56 ? 249 HOH A O     1 
HETATM 499 O  O     . HOH E 3 .  ? -3.810  -5.294  -10.527 1.00 24.35 ? 250 HOH A O     1 
HETATM 500 O  O     . HOH E 3 .  ? -1.154  3.775   -8.434  1.00 29.29 ? 251 HOH A O     1 
HETATM 501 O  O     . HOH E 3 .  ? -1.511  -10.402 -7.138  1.00 55.70 ? 252 HOH A O     1 
HETATM 502 O  O     . HOH E 3 .  ? -3.002  -14.078 2.809   1.00 58.16 ? 253 HOH A O     1 
HETATM 503 O  O     . HOH E 3 .  ? -8.103  -0.009  10.222  1.00 51.09 ? 254 HOH A O     1 
HETATM 504 O  O     . HOH E 3 .  ? 3.343   -13.145 1.695   1.00 43.87 ? 255 HOH A O     1 
HETATM 505 O  O     . HOH E 3 .  ? 4.424   -2.588  -5.389  1.00 25.15 ? 256 HOH A O     1 
HETATM 506 O  O     . HOH E 3 .  ? -3.475  -4.266  -2.753  1.00 21.33 ? 257 HOH A O     1 
HETATM 507 O  O     . HOH E 3 .  ? 8.588   -9.385  -5.010  1.00 32.20 ? 258 HOH A O     1 
HETATM 508 O  O     . HOH E 3 .  ? -5.087  10.995  10.293  1.00 42.16 ? 259 HOH A O     1 
HETATM 509 O  O     . HOH E 3 .  ? -1.242  7.521   -5.321  1.00 27.52 ? 260 HOH A O     1 
HETATM 510 O  O     . HOH E 3 .  ? -5.940  -0.324  -3.004  1.00 21.69 ? 261 HOH A O     1 
HETATM 511 O  O     . HOH E 3 .  ? -8.224  1.697   4.691   1.00 29.74 ? 262 HOH A O     1 
HETATM 512 O  O     . HOH E 3 .  ? 12.136  -7.328  -4.460  1.00 55.09 ? 263 HOH A O     1 
HETATM 513 O  O     . HOH E 3 .  ? -9.171  5.830   12.118  1.00 34.82 ? 264 HOH A O     1 
HETATM 514 O  O     . HOH E 3 .  ? 18.527  1.498   5.904   1.00 48.95 ? 265 HOH A O     1 
HETATM 515 O  O     . HOH E 3 .  ? -4.142  6.580   -8.713  1.00 30.07 ? 266 HOH A O     1 
HETATM 516 O  O     . HOH E 3 .  ? 5.719   -4.928  5.334   1.00 31.70 ? 267 HOH A O     1 
HETATM 517 O  O     . HOH E 3 .  ? -8.993  -9.020  0.138   1.00 37.29 ? 268 HOH A O     1 
HETATM 518 O  O     . HOH E 3 .  ? 8.574   1.108   -2.528  1.00 32.34 ? 269 HOH A O     1 
HETATM 519 O  O     . HOH E 3 .  ? 0.093   -10.820 10.584  1.00 55.19 ? 270 HOH A O     1 
HETATM 520 O  O     . HOH E 3 .  ? 5.850   -7.527  4.918   1.00 46.52 ? 271 HOH A O     1 
HETATM 521 O  O     . HOH E 3 .  ? 12.856  -2.980  3.698   1.00 49.34 ? 272 HOH A O     1 
HETATM 522 O  O     . HOH E 3 .  ? -4.860  0.593   -11.002 1.00 29.71 ? 273 HOH A O     1 
HETATM 523 O  O     . HOH E 3 .  ? -14.050 -2.626  9.711   1.00 42.43 ? 274 HOH A O     1 
HETATM 524 O  O     . HOH E 3 .  ? -0.941  8.540   -9.070  1.00 42.36 ? 275 HOH A O     1 
HETATM 525 O  O     . HOH E 3 .  ? 5.718   3.034   -5.437  1.00 40.57 ? 276 HOH A O     1 
HETATM 526 O  O     . HOH E 3 .  ? 2.302   -9.736  6.200   1.00 48.68 ? 277 HOH A O     1 
HETATM 527 O  O     . HOH E 3 .  ? -10.771 -1.808  10.671  1.00 56.05 ? 278 HOH A O     1 
HETATM 528 O  O     . HOH E 3 .  ? -13.348 -1.619  -1.517  1.00 43.95 ? 279 HOH A O     1 
HETATM 529 O  O     . HOH E 3 .  ? -4.293  -10.567 -5.225  1.00 39.43 ? 280 HOH A O     1 
HETATM 530 O  O     . HOH E 3 .  ? -2.510  5.489   -6.805  1.00 24.88 ? 281 HOH A O     1 
HETATM 531 O  O     . HOH E 3 .  ? 9.483   -1.904  12.397  1.00 59.54 ? 282 HOH A O     1 
HETATM 532 O  O     . HOH E 3 .  ? -0.381  5.816   -10.165 1.00 45.77 ? 283 HOH A O     1 
HETATM 533 O  O     . HOH E 3 .  ? 12.533  -4.703  -5.174  1.00 50.15 ? 284 HOH A O     1 
HETATM 534 O  O     . HOH E 3 .  ? -11.388 3.043   -5.640  1.00 32.89 ? 285 HOH A O     1 
HETATM 535 O  O     . HOH E 3 .  ? 6.594   0.485   -4.761  1.00 30.42 ? 286 HOH A O     1 
HETATM 536 O  O     . HOH E 3 .  ? -5.200  14.023  -3.197  1.00 60.00 ? 287 HOH A O     1 
HETATM 537 O  O     . HOH E 3 .  ? -7.989  -9.119  3.276   1.00 51.57 ? 288 HOH A O     1 
HETATM 538 O  O     . HOH E 3 .  ? -3.364  -7.896  3.502   1.00 33.08 ? 289 HOH A O     1 
HETATM 539 O  O     . HOH E 3 .  ? 12.890  -5.690  -7.311  1.00 52.19 ? 290 HOH A O     1 
HETATM 540 O  O     . HOH E 3 .  ? -5.504  1.650   7.217   1.00 32.18 ? 291 HOH A O     1 
HETATM 541 O  O     . HOH E 3 .  ? -1.007  -13.622 -1.281  1.00 39.95 ? 292 HOH A O     1 
HETATM 542 O  O     . HOH E 3 .  ? 6.096   -8.032  7.737   1.00 55.33 ? 293 HOH A O     1 
HETATM 543 O  O     . HOH E 3 .  ? -0.285  2.725   -11.958 1.00 49.17 ? 294 HOH A O     1 
HETATM 544 O  O     . HOH E 3 .  ? 1.806   -1.595  -11.384 1.00 37.68 ? 295 HOH A O     1 
HETATM 545 O  O     . HOH E 3 .  ? -6.644  -11.586 2.793   1.00 56.87 ? 296 HOH A O     1 
HETATM 546 O  O     . HOH E 3 .  ? 3.112   1.760   8.345   1.00 52.05 ? 297 HOH A O     1 
HETATM 547 O  O     . HOH E 3 .  ? 2.885   -0.885  9.234   1.00 48.90 ? 298 HOH A O     1 
HETATM 548 O  O     . HOH E 3 .  ? -2.969  2.840   -11.417 1.00 42.21 ? 299 HOH A O     1 
HETATM 549 O  O     . HOH E 3 .  ? 7.980   4.313   -3.200  1.00 47.45 ? 300 HOH A O     1 
HETATM 550 O  O     . HOH E 3 .  ? -12.068 -3.928  0.640   1.00 52.86 ? 301 HOH A O     1 
HETATM 551 O  O     . HOH E 3 .  ? -0.614  -6.354  -12.511 1.00 42.49 ? 302 HOH A O     1 
HETATM 552 O  O     . HOH E 3 .  ? -7.516  -11.074 0.594   1.00 54.04 ? 303 HOH A O     1 
HETATM 553 O  O     . HOH E 3 .  ? 16.516  3.377   5.777   1.00 39.14 ? 304 HOH A O     1 
HETATM 554 O  O     . HOH E 3 .  ? 6.858   3.456   -7.670  1.00 48.72 ? 305 HOH A O     1 
HETATM 555 O  O     . HOH E 3 .  ? -3.067  13.584  7.383   1.00 53.73 ? 306 HOH A O     1 
HETATM 556 O  O     . HOH E 3 .  ? 6.401   7.565   -4.774  1.00 44.61 ? 307 HOH A O     1 
HETATM 557 O  O     . HOH E 3 .  ? 1.373   -9.288  -10.438 1.00 46.48 ? 308 HOH A O     1 
HETATM 558 O  O     . HOH E 3 .  ? 1.758   13.632  -3.879  1.00 55.04 ? 309 HOH A O     1 
HETATM 559 O  O     . HOH E 3 .  ? 8.063   4.285   7.308   1.00 59.74 ? 310 HOH A O     1 
HETATM 560 O  O     . HOH E 3 .  ? -3.786  5.265   -11.086 1.00 27.20 ? 311 HOH A O     1 
HETATM 561 O  O     . HOH E 3 .  ? 8.501   1.273   12.767  1.00 59.02 ? 312 HOH A O     1 
HETATM 562 O  O     . HOH E 3 .  ? -6.662  2.477   -11.448 1.00 23.26 ? 313 HOH A O     1 
HETATM 563 O  O     . HOH E 3 .  ? 0.363   0.223   -12.766 1.00 40.76 ? 314 HOH A O     1 
HETATM 564 O  O     . HOH E 3 .  ? -8.955  14.764  -1.310  1.00 43.98 ? 315 HOH A O     1 
HETATM 565 O  O     . HOH E 3 .  ? 10.215  -0.914  -4.410  1.00 51.79 ? 316 HOH A O     1 
HETATM 566 O  O     . HOH E 3 .  ? -5.612  13.269  -6.015  1.00 51.71 ? 317 HOH A O     1 
HETATM 567 O  O     . HOH E 3 .  ? 7.425   6.331   6.354   0.50 51.10 ? 318 HOH A O     1 
HETATM 568 O  O     . HOH E 3 .  ? -1.856  -1.459  -13.015 1.00 45.31 ? 319 HOH A O     1 
# 
loop_
_atom_site_anisotrop.id 
_atom_site_anisotrop.type_symbol 
_atom_site_anisotrop.pdbx_label_atom_id 
_atom_site_anisotrop.pdbx_label_alt_id 
_atom_site_anisotrop.pdbx_label_comp_id 
_atom_site_anisotrop.pdbx_label_asym_id 
_atom_site_anisotrop.pdbx_label_seq_id 
_atom_site_anisotrop.pdbx_PDB_ins_code 
_atom_site_anisotrop.U[1][1] 
_atom_site_anisotrop.U[2][2] 
_atom_site_anisotrop.U[3][3] 
_atom_site_anisotrop.U[1][2] 
_atom_site_anisotrop.U[1][3] 
_atom_site_anisotrop.U[2][3] 
_atom_site_anisotrop.pdbx_auth_seq_id 
_atom_site_anisotrop.pdbx_auth_comp_id 
_atom_site_anisotrop.pdbx_auth_asym_id 
_atom_site_anisotrop.pdbx_auth_atom_id 
1   O  "O5'" . DG  A 1  ? 0.3272 0.2829 0.5034 0.0394 -0.0140 -0.1026 1   DG  A "O5'" 
2   C  "C5'" . DG  A 1  ? 0.3673 0.2526 0.4802 0.0392 0.0316  -0.0562 1   DG  A "C5'" 
3   C  "C4'" . DG  A 1  ? 0.3681 0.2744 0.4459 0.0597 -0.0202 -0.0627 1   DG  A "C4'" 
4   O  "O4'" . DG  A 1  ? 0.3332 0.2697 0.4454 0.0532 -0.0451 -0.0303 1   DG  A "O4'" 
5   C  "C3'" . DG  A 1  ? 0.3833 0.2474 0.4270 0.0520 -0.0089 -0.0334 1   DG  A "C3'" 
6   O  "O3'" . DG  A 1  ? 0.4039 0.2596 0.4378 0.0444 -0.0045 -0.0432 1   DG  A "O3'" 
7   C  "C2'" . DG  A 1  ? 0.3057 0.2339 0.4088 0.0300 -0.0002 -0.0240 1   DG  A "C2'" 
8   C  "C1'" . DG  A 1  ? 0.3097 0.2872 0.4045 0.0596 -0.0235 -0.0409 1   DG  A "C1'" 
9   N  N9    . DG  A 1  ? 0.2838 0.2781 0.3920 0.0524 -0.0199 -0.0377 1   DG  A N9    
10  C  C8    . DG  A 1  ? 0.3025 0.2819 0.3986 0.0639 -0.0221 -0.0516 1   DG  A C8    
11  N  N7    . DG  A 1  ? 0.2710 0.2915 0.3683 0.0518 0.0227  -0.0329 1   DG  A N7    
12  C  C5    . DG  A 1  ? 0.2318 0.2875 0.3352 0.0412 -0.0317 -0.0732 1   DG  A C5    
13  C  C6    . DG  A 1  ? 0.2081 0.2792 0.3365 0.0494 -0.0325 -0.0659 1   DG  A C6    
14  O  O6    . DG  A 1  ? 0.2165 0.2666 0.3636 0.0454 -0.0361 -0.0355 1   DG  A O6    
15  N  N1    . DG  A 1  ? 0.2355 0.2729 0.3656 0.0471 -0.0176 -0.0718 1   DG  A N1    
16  C  C2    . DG  A 1  ? 0.2127 0.2900 0.3575 0.0455 -0.0184 -0.0515 1   DG  A C2    
17  N  N2    . DG  A 1  ? 0.2919 0.2540 0.3437 0.0733 -0.0017 -0.0306 1   DG  A N2    
18  N  N3    . DG  A 1  ? 0.2517 0.2441 0.3537 0.0233 -0.0290 -0.0511 1   DG  A N3    
19  C  C4    . DG  A 1  ? 0.2672 0.2918 0.3681 0.0531 -0.0429 -0.0621 1   DG  A C4    
20  P  P     . DG  A 2  ? 0.4556 0.2643 0.4386 0.0534 0.0340  -0.0197 2   DG  A P     
21  O  OP1   . DG  A 2  ? 0.4815 0.3049 0.4659 0.0727 0.0644  -0.0066 2   DG  A OP1   
22  O  OP2   . DG  A 2  ? 0.4162 0.2795 0.4688 0.0731 0.0463  -0.0223 2   DG  A OP2   
23  O  "O5'" . DG  A 2  ? 0.3786 0.3006 0.4282 0.0665 0.0741  -0.0189 2   DG  A "O5'" 
24  C  "C5'" . DG  A 2  ? 0.3661 0.2470 0.4464 0.0633 0.0639  -0.0172 2   DG  A "C5'" 
25  C  "C4'" . DG  A 2  ? 0.3609 0.2735 0.4329 0.0713 0.0451  -0.0220 2   DG  A "C4'" 
26  O  "O4'" . DG  A 2  ? 0.3340 0.2547 0.4201 0.0673 0.0507  -0.0061 2   DG  A "O4'" 
27  C  "C3'" . DG  A 2  ? 0.3566 0.2754 0.3971 0.0827 0.0435  -0.0480 2   DG  A "C3'" 
28  O  "O3'" . DG  A 2  ? 0.3891 0.2972 0.4327 0.0856 0.0790  -0.0539 2   DG  A "O3'" 
29  C  "C2'" . DG  A 2  ? 0.3215 0.2902 0.3884 0.0805 0.0146  -0.0148 2   DG  A "C2'" 
30  C  "C1'" . DG  A 2  ? 0.2839 0.2667 0.3900 0.0650 0.0442  -0.0138 2   DG  A "C1'" 
31  N  N9    . DG  A 2  ? 0.2324 0.2594 0.3772 0.0649 0.0346  -0.0438 2   DG  A N9    
32  C  C8    . DG  A 2  ? 0.2198 0.2631 0.3621 0.0734 0.0103  -0.0620 2   DG  A C8    
33  N  N7    . DG  A 2  ? 0.2231 0.2079 0.3829 0.0570 -0.0339 -0.0732 2   DG  A N7    
34  C  C5    . DG  A 2  ? 0.2196 0.2027 0.3690 0.0601 -0.0275 -0.0869 2   DG  A C5    
35  C  C6    . DG  A 2  ? 0.1706 0.2335 0.3545 0.0681 0.0062  -0.0700 2   DG  A C6    
36  O  O6    . DG  A 2  ? 0.1940 0.2385 0.3532 0.0787 -0.0018 -0.0516 2   DG  A O6    
37  N  N1    . DG  A 2  ? 0.1772 0.2702 0.3787 0.0900 0.0078  -0.0868 2   DG  A N1    
38  C  C2    . DG  A 2  ? 0.2028 0.2375 0.3719 0.0740 -0.0161 -0.0724 2   DG  A C2    
39  N  N2    . DG  A 2  ? 0.2181 0.2745 0.3959 0.1022 -0.0295 -0.1028 2   DG  A N2    
40  N  N3    . DG  A 2  ? 0.2245 0.2546 0.3594 0.0879 -0.0126 -0.0512 2   DG  A N3    
41  C  C4    . DG  A 2  ? 0.2324 0.2277 0.3361 0.0798 -0.0021 -0.0576 2   DG  A C4    
42  P  P     . DG  A 3  ? 0.4629 0.3046 0.4387 0.1111 0.0681  -0.0283 3   DG  A P     
43  O  OP1   . DG  A 3  ? 0.4931 0.3510 0.4791 0.1157 0.0817  -0.0536 3   DG  A OP1   
44  O  OP2   . DG  A 3  ? 0.5303 0.3237 0.4176 0.1559 0.0032  -0.0739 3   DG  A OP2   
45  O  "O5'" . DG  A 3  ? 0.4508 0.2710 0.3864 0.0947 0.0550  -0.0428 3   DG  A "O5'" 
46  C  "C5'" . DG  A 3  ? 0.3824 0.3074 0.3847 0.1165 0.0298  -0.0673 3   DG  A "C5'" 
47  C  "C4'" . DG  A 3  ? 0.3128 0.3026 0.3877 0.0964 0.0870  -0.0582 3   DG  A "C4'" 
48  O  "O4'" . DG  A 3  ? 0.2828 0.2764 0.4098 0.0773 0.0455  -0.0546 3   DG  A "O4'" 
49  C  "C3'" . DG  A 3  ? 0.2473 0.3253 0.4190 0.1111 0.0280  -0.0502 3   DG  A "C3'" 
50  O  "O3'" . DG  A 3  ? 0.2566 0.3257 0.4472 0.1385 0.0320  -0.0661 3   DG  A "O3'" 
51  C  "C2'" . DG  A 3  ? 0.2505 0.3100 0.3517 0.1066 0.0592  -0.0575 3   DG  A "C2'" 
52  C  "C1'" . DG  A 3  ? 0.2505 0.2207 0.3489 0.0632 0.0503  -0.0372 3   DG  A "C1'" 
53  N  N9    . DG  A 3  ? 0.2076 0.2527 0.3362 0.0682 0.0214  -0.0495 3   DG  A N9    
54  C  C8    . DG  A 3  ? 0.2270 0.1944 0.3549 0.0778 -0.0103 -0.0442 3   DG  A C8    
55  N  N7    . DG  A 3  ? 0.2406 0.1996 0.3288 0.0857 0.0027  -0.0382 3   DG  A N7    
56  C  C5    . DG  A 3  ? 0.2202 0.1899 0.2947 0.0785 0.0100  -0.0583 3   DG  A C5    
57  C  C6    . DG  A 3  ? 0.1574 0.2306 0.3197 0.0924 -0.0161 -0.0622 3   DG  A C6    
58  O  O6    . DG  A 3  ? 0.1964 0.2139 0.3389 0.0850 -0.0028 -0.0488 3   DG  A O6    
59  N  N1    . DG  A 3  ? 0.1835 0.2566 0.3408 0.1057 -0.0140 -0.0787 3   DG  A N1    
60  C  C2    . DG  A 3  ? 0.1774 0.2706 0.3265 0.1017 0.0180  -0.0317 3   DG  A C2    
61  N  N2    . DG  A 3  ? 0.2315 0.2503 0.3515 0.1056 -0.0631 -0.0564 3   DG  A N2    
62  N  N3    . DG  A 3  ? 0.2077 0.2786 0.3386 0.0937 -0.0118 -0.0700 3   DG  A N3    
63  C  C4    . DG  A 3  ? 0.2302 0.2558 0.2976 0.0866 0.0340  -0.0499 3   DG  A C4    
64  P  P     . DT  A 4  ? 0.2973 0.3523 0.4564 0.1171 0.0496  -0.0658 4   DT  A P     
65  O  OP1   . DT  A 4  ? 0.3026 0.3948 0.4680 0.1142 0.0187  -0.0561 4   DT  A OP1   
66  O  OP2   . DT  A 4  ? 0.3672 0.3170 0.4739 0.0934 0.0592  -0.0684 4   DT  A OP2   
67  O  "O5'" . DT  A 4  ? 0.2966 0.2931 0.4592 0.1121 0.0064  -0.0997 4   DT  A "O5'" 
68  C  "C5'" . DT  A 4  ? 0.2731 0.3177 0.4572 0.1350 -0.0039 -0.1074 4   DT  A "C5'" 
69  C  "C4'" . DT  A 4  ? 0.2473 0.3413 0.4380 0.1329 0.0408  -0.0980 4   DT  A "C4'" 
70  O  "O4'" . DT  A 4  ? 0.2503 0.3394 0.3961 0.1371 0.0198  -0.1078 4   DT  A "O4'" 
71  C  "C3'" . DT  A 4  ? 0.2622 0.3613 0.4222 0.1273 0.0049  -0.1417 4   DT  A "C3'" 
72  O  "O3'" . DT  A 4  ? 0.3189 0.3498 0.4438 0.1045 -0.0031 -0.1391 4   DT  A "O3'" 
73  C  "C2'" . DT  A 4  ? 0.2661 0.3191 0.4253 0.1330 0.0147  -0.1178 4   DT  A "C2'" 
74  C  "C1'" . DT  A 4  ? 0.2583 0.3417 0.4226 0.1388 0.0047  -0.1150 4   DT  A "C1'" 
75  N  N1    . DT  A 4  ? 0.2888 0.3423 0.4541 0.0917 -0.0004 -0.1013 4   DT  A N1    
76  C  C2    . DT  A 4  ? 0.3275 0.3613 0.4646 0.1293 -0.0267 -0.1238 4   DT  A C2    
77  O  O2    . DT  A 4  ? 0.3174 0.3481 0.4737 0.1141 0.0280  -0.0655 4   DT  A O2    
78  N  N3    . DT  A 4  ? 0.2908 0.3792 0.4535 0.1204 0.0064  -0.1352 4   DT  A N3    
79  C  C4    . DT  A 4  ? 0.2451 0.3684 0.4836 0.0875 0.0339  -0.0813 4   DT  A C4    
80  O  O4    . DT  A 4  ? 0.2889 0.3699 0.5023 0.0858 0.0312  -0.0856 4   DT  A O4    
81  C  C5    . DT  A 4  ? 0.2725 0.3579 0.4553 0.0815 0.0233  -0.0606 4   DT  A C5    
82  C  C7    . DT  A 4  ? 0.2811 0.3432 0.4402 0.0665 -0.0186 -0.0692 4   DT  A C7    
83  C  C6    . DT  A 4  ? 0.2779 0.3486 0.4335 0.0811 0.0327  -0.0710 4   DT  A C6    
84  P  P     . DT  A 5  ? 0.2856 0.4368 0.4346 0.1288 -0.0160 -0.1385 5   DT  A P     
85  O  OP1   . DT  A 5  ? 0.2927 0.4596 0.4335 0.1029 -0.0081 -0.2024 5   DT  A OP1   
86  O  OP2   . DT  A 5  ? 0.2779 0.5472 0.4554 0.1424 -0.0003 -0.1309 5   DT  A OP2   
87  O  "O5'" . DT  A 5  ? 0.2748 0.3370 0.3856 0.1451 -0.0160 -0.1059 5   DT  A "O5'" 
88  C  "C5'" . DT  A 5  ? 0.2603 0.3065 0.3617 0.1419 -0.0190 -0.0752 5   DT  A "C5'" 
89  C  "C4'" . DT  A 5  ? 0.2279 0.2382 0.3349 0.1187 -0.0192 -0.0834 5   DT  A "C4'" 
90  O  "O4'" . DT  A 5  ? 0.2416 0.2359 0.3587 0.1314 -0.0277 -0.0542 5   DT  A "O4'" 
91  C  "C3'" . DT  A 5  ? 0.2716 0.2219 0.3584 0.1117 -0.0507 -0.0590 5   DT  A "C3'" 
92  O  "O3'" . DT  A 5  ? 0.2881 0.2304 0.3737 0.1403 -0.0548 -0.0509 5   DT  A "O3'" 
93  C  "C2'" . DT  A 5  ? 0.2345 0.2038 0.3817 0.1046 -0.0728 -0.0631 5   DT  A "C2'" 
94  C  "C1'" . DT  A 5  ? 0.2053 0.2319 0.3539 0.1082 -0.0713 -0.0613 5   DT  A "C1'" 
95  N  N1    . DT  A 5  ? 0.1960 0.2370 0.2963 0.1011 -0.0148 -0.0692 5   DT  A N1    
96  C  C2    . DT  A 5  ? 0.2369 0.2246 0.3007 0.1196 -0.0011 -0.0641 5   DT  A C2    
97  O  O2    . DT  A 5  ? 0.2293 0.2237 0.3062 0.1204 -0.0328 -0.0735 5   DT  A O2    
98  N  N3    . DT  A 5  ? 0.2846 0.2486 0.3083 0.1114 -0.0354 -0.0756 5   DT  A N3    
99  C  C4    . DT  A 5  ? 0.2883 0.2387 0.3157 0.1037 -0.0237 -0.0920 5   DT  A C4    
100 O  O4    . DT  A 5  ? 0.2609 0.2500 0.3813 0.0998 -0.0008 -0.0822 5   DT  A O4    
101 C  C5    . DT  A 5  ? 0.2433 0.2916 0.3277 0.1142 -0.0271 -0.0860 5   DT  A C5    
102 C  C7    . DT  A 5  ? 0.2869 0.3089 0.3384 0.1074 0.0167  -0.0666 5   DT  A C7    
103 C  C6    . DT  A 5  ? 0.2371 0.2716 0.2874 0.1113 -0.0135 -0.0837 5   DT  A C6    
104 P  P     . DA  A 6  ? 0.2729 0.2374 0.3766 0.1388 -0.0395 -0.0592 6   DA  A P     
105 O  OP1   . DA  A 6  ? 0.2546 0.2327 0.3890 0.1247 -0.0239 -0.0747 6   DA  A OP1   
106 O  OP2   . DA  A 6  ? 0.2565 0.2405 0.4385 0.1067 -0.0650 -0.1054 6   DA  A OP2   
107 O  "O5'" . DA  A 6  ? 0.2597 0.2208 0.3723 0.1132 -0.0190 -0.0665 6   DA  A "O5'" 
108 C  "C5'" . DA  A 6  ? 0.3036 0.1574 0.3968 0.1010 -0.0059 -0.0249 6   DA  A "C5'" 
109 C  "C4'" . DA  A 6  ? 0.2798 0.1914 0.4108 0.1221 -0.0173 -0.0199 6   DA  A "C4'" 
110 O  "O4'" . DA  A 6  ? 0.2928 0.2144 0.3848 0.1341 -0.0178 -0.0556 6   DA  A "O4'" 
111 C  "C3'" . DA  A 6  ? 0.2820 0.2122 0.4605 0.1239 -0.0099 -0.0317 6   DA  A "C3'" 
112 O  "O3'" . DA  A 6  ? 0.2940 0.2770 0.5118 0.1527 -0.0095 -0.0049 6   DA  A "O3'" 
113 C  "C2'" . DA  A 6  ? 0.2509 0.1808 0.4318 0.1005 -0.0067 -0.0218 6   DA  A "C2'" 
114 C  "C1'" . DA  A 6  ? 0.2970 0.1732 0.4002 0.1113 -0.0223 -0.0374 6   DA  A "C1'" 
115 N  N9    . DA  A 6  ? 0.2912 0.1835 0.3912 0.1182 -0.0093 -0.0402 6   DA  A N9    
116 C  C8    . DA  A 6  ? 0.2839 0.2058 0.3649 0.1016 -0.0335 -0.0647 6   DA  A C8    
117 N  N7    . DA  A 6  ? 0.2690 0.2222 0.3524 0.1163 -0.0241 -0.0730 6   DA  A N7    
118 C  C5    . DA  A 6  ? 0.2302 0.2703 0.3485 0.1249 -0.0804 -0.1033 6   DA  A C5    
119 C  C6    . DA  A 6  ? 0.2049 0.2699 0.3546 0.1126 -0.0573 -0.0811 6   DA  A C6    
120 N  N6    . DA  A 6  ? 0.2801 0.2633 0.3789 0.1435 -0.0642 -0.0776 6   DA  A N6    
121 N  N1    . DA  A 6  ? 0.2414 0.2678 0.3743 0.1289 -0.0433 -0.0851 6   DA  A N1    
122 C  C2    . DA  A 6  ? 0.2288 0.2516 0.4023 0.1080 -0.0625 -0.0735 6   DA  A C2    
123 N  N3    . DA  A 6  ? 0.2503 0.2269 0.4497 0.1079 -0.0370 -0.0423 6   DA  A N3    
124 C  C4    . DA  A 6  ? 0.2648 0.2331 0.3927 0.1261 -0.0086 -0.0629 6   DA  A C4    
125 P  P     . DG  A 7  ? 0.3374 0.3148 0.5246 0.1532 -0.0099 0.0061  7   DG  A P     
126 O  OP1   . DG  A 7  ? 0.3574 0.3152 0.5744 0.1484 0.0097  -0.0232 7   DG  A OP1   
127 O  OP2   . DG  A 7  ? 0.3695 0.4170 0.5361 0.1721 -0.0400 -0.0291 7   DG  A OP2   
128 O  "O5'" . DG  A 7  ? 0.3088 0.3390 0.5085 0.1467 -0.0125 -0.0021 7   DG  A "O5'" 
129 C  "C5'" . DG  A 7  ? 0.2718 0.3420 0.4688 0.1556 0.0058  -0.0048 7   DG  A "C5'" 
130 C  "C4'" . DG  A 7  ? 0.2783 0.2976 0.4198 0.1642 -0.0176 -0.0318 7   DG  A "C4'" 
131 O  "O4'" . DG  A 7  ? 0.2975 0.2673 0.3835 0.1636 -0.0126 -0.0421 7   DG  A "O4'" 
132 C  "C3'" . DG  A 7  ? 0.2957 0.2734 0.4095 0.1679 -0.0130 -0.0206 7   DG  A "C3'" 
133 O  "O3'" . DG  A 7  ? 0.2948 0.3039 0.4203 0.1685 -0.0345 -0.0632 7   DG  A "O3'" 
134 C  "C2'" . DG  A 7  ? 0.3330 0.2641 0.3682 0.1693 -0.0112 -0.0071 7   DG  A "C2'" 
135 C  "C1'" . DG  A 7  ? 0.3220 0.2703 0.3519 0.1717 -0.0340 -0.0393 7   DG  A "C1'" 
136 N  N9    . DG  A 7  ? 0.2826 0.2562 0.3429 0.1485 -0.0316 -0.0634 7   DG  A N9    
137 C  C8    . DG  A 7  ? 0.2786 0.2373 0.3460 0.1201 -0.0211 -0.0381 7   DG  A C8    
138 N  N7    . DG  A 7  ? 0.2104 0.2471 0.3546 0.1202 -0.0354 -0.0422 7   DG  A N7    
139 C  C5    . DG  A 7  ? 0.1822 0.2458 0.3384 0.1179 -0.0256 -0.0155 7   DG  A C5    
140 C  C6    . DG  A 7  ? 0.1822 0.2290 0.3323 0.1095 -0.0392 -0.0267 7   DG  A C6    
141 O  O6    . DG  A 7  ? 0.2356 0.2130 0.3542 0.1196 -0.0165 -0.0561 7   DG  A O6    
142 N  N1    . DG  A 7  ? 0.2142 0.2269 0.3308 0.1077 -0.0187 -0.0306 7   DG  A N1    
143 C  C2    . DG  A 7  ? 0.2061 0.2450 0.3214 0.1212 0.0221  -0.0412 7   DG  A C2    
144 N  N2    . DG  A 7  ? 0.2448 0.2295 0.3266 0.1119 0.0115  -0.0583 7   DG  A N2    
145 N  N3    . DG  A 7  ? 0.2432 0.2310 0.3371 0.1377 0.0091  -0.0337 7   DG  A N3    
146 C  C4    . DG  A 7  ? 0.2564 0.2250 0.3348 0.1216 0.0001  -0.0508 7   DG  A C4    
147 P  P     . BGM A 8  ? 0.3293 0.3265 0.4315 0.1887 -0.0126 -0.0119 8   BGM A P     
148 O  OP1   . BGM A 8  ? 0.3510 0.3072 0.4461 0.1943 -0.0260 -0.0129 8   BGM A OP1   
149 O  OP2   . BGM A 8  ? 0.3620 0.3597 0.4061 0.1992 -0.0063 -0.0158 8   BGM A OP2   
150 O  "O5'" . BGM A 8  ? 0.3279 0.3415 0.4464 0.1901 -0.0588 -0.0590 8   BGM A "O5'" 
151 C  "C5'" . BGM A 8  ? 0.2963 0.3127 0.4286 0.1661 -0.0449 -0.0365 8   BGM A "C5'" 
152 C  "C4'" . BGM A 8  ? 0.2627 0.3442 0.3890 0.1688 -0.0446 -0.0590 8   BGM A "C4'" 
153 O  "O4'" . BGM A 8  ? 0.2997 0.3110 0.3695 0.1651 -0.0353 -0.0189 8   BGM A "O4'" 
154 C  "C1'" . BGM A 8  ? 0.2942 0.3606 0.3491 0.1749 -0.0459 -0.0819 8   BGM A "C1'" 
155 N  N9    . BGM A 8  ? 0.2102 0.3610 0.3409 0.1262 0.0140  -0.0484 8   BGM A N9    
156 C  C8    . BGM A 8  ? 0.1993 0.3385 0.3602 0.1167 0.0493  -0.0719 8   BGM A C8    
157 N  N7    . BGM A 8  ? 0.2132 0.3318 0.3412 0.1069 -0.0152 -0.0645 8   BGM A N7    
158 C  C5    . BGM A 8  ? 0.2822 0.2897 0.3246 0.0871 -0.0173 -0.0483 8   BGM A C5    
159 C  C4    . BGM A 8  ? 0.2547 0.3200 0.3281 0.1119 -0.0006 -0.0736 8   BGM A C4    
160 N  N3    . BGM A 8  ? 0.2783 0.2932 0.3317 0.1114 -0.0172 -0.0664 8   BGM A N3    
161 C  C2    . BGM A 8  ? 0.2441 0.2957 0.3203 0.1013 -0.0082 -0.0480 8   BGM A C2    
162 N  N2    . BGM A 8  ? 0.2851 0.2646 0.3201 0.0969 -0.0109 -0.0322 8   BGM A N2    
163 N  N1    . BGM A 8  ? 0.2527 0.2691 0.3316 0.1063 -0.0040 -0.0169 8   BGM A N1    
164 C  C6    . BGM A 8  ? 0.2266 0.2864 0.3124 0.1067 -0.0415 -0.0625 8   BGM A C6    
165 O  O6    . BGM A 8  ? 0.2264 0.2580 0.3270 0.0934 -0.0025 -0.0491 8   BGM A O6    
166 C  "C2'" . BGM A 8  ? 0.2903 0.3272 0.3857 0.1606 -0.0517 -0.0744 8   BGM A "C2'" 
167 C  "C3'" . BGM A 8  ? 0.2452 0.3469 0.4148 0.1545 -0.0318 -0.0827 8   BGM A "C3'" 
168 O  "O3'" . BGM A 8  ? 0.2895 0.3475 0.4438 0.1741 -0.0556 -0.0762 8   BGM A "O3'" 
169 BR BR    . BGM A 8  ? 0.3028 0.3320 0.4549 0.1644 -0.0428 -0.1021 8   BGM A BR    
170 P  P     . DG  A 9  ? 0.2974 0.4443 0.4697 0.1922 -0.0737 -0.1025 9   DG  A P     
171 O  OP1   . DG  A 9  ? 0.3308 0.4882 0.5066 0.1984 -0.1063 -0.1796 9   DG  A OP1   
172 O  OP2   . DG  A 9  ? 0.3763 0.4683 0.4179 0.2124 -0.0766 -0.0896 9   DG  A OP2   
173 O  "O5'" . DG  A 9  ? 0.3081 0.4664 0.5218 0.2013 -0.0677 -0.0906 9   DG  A "O5'" 
174 C  "C5'" . DG  A 9  ? 0.2711 0.4755 0.5588 0.1703 -0.0208 -0.0936 9   DG  A "C5'" 
175 C  "C4'" . DG  A 9  ? 0.2668 0.4930 0.5487 0.1261 -0.0278 -0.1427 9   DG  A "C4'" 
176 O  "O4'" . DG  A 9  ? 0.2219 0.4797 0.4860 0.1121 -0.0202 -0.1426 9   DG  A "O4'" 
177 C  "C3'" . DG  A 9  ? 0.2920 0.5362 0.5428 0.1218 -0.0067 -0.1654 9   DG  A "C3'" 
178 O  "O3'" . DG  A 9  ? 0.2753 0.5468 0.6169 0.0634 0.0397  -0.1798 9   DG  A "O3'" 
179 C  "C2'" . DG  A 9  ? 0.2098 0.5144 0.4864 0.1092 -0.0215 -0.1437 9   DG  A "C2'" 
180 C  "C1'" . DG  A 9  ? 0.2140 0.4660 0.4121 0.1121 -0.0134 -0.1208 9   DG  A "C1'" 
181 N  N9    . DG  A 9  ? 0.2143 0.3726 0.3784 0.0977 -0.0325 -0.0922 9   DG  A N9    
182 C  C8    . DG  A 9  ? 0.1992 0.3793 0.3564 0.0994 0.0250  -0.0564 9   DG  A C8    
183 N  N7    . DG  A 9  ? 0.2465 0.3538 0.3522 0.1041 -0.0093 -0.0690 9   DG  A N7    
184 C  C5    . DG  A 9  ? 0.2274 0.3501 0.3452 0.0891 -0.0097 -0.0668 9   DG  A C5    
185 C  C6    . DG  A 9  ? 0.2077 0.3030 0.3497 0.0485 -0.0071 -0.0514 9   DG  A C6    
186 O  O6    . DG  A 9  ? 0.2020 0.3053 0.3636 0.0453 -0.0070 -0.0245 9   DG  A O6    
187 N  N1    . DG  A 9  ? 0.2330 0.3087 0.3384 0.0699 -0.0282 -0.0483 9   DG  A N1    
188 C  C2    . DG  A 9  ? 0.2349 0.3185 0.3459 0.0921 -0.0131 -0.0592 9   DG  A C2    
189 N  N2    . DG  A 9  ? 0.2741 0.2884 0.3653 0.0808 -0.0296 -0.0620 9   DG  A N2    
190 N  N3    . DG  A 9  ? 0.2271 0.3637 0.3296 0.1135 0.0110  -0.0640 9   DG  A N3    
191 C  C4    . DG  A 9  ? 0.2176 0.3624 0.3422 0.0984 -0.0136 -0.0694 9   DG  A C4    
192 P  P     . DT  A 10 ? 0.3578 0.6176 0.6823 0.0745 0.0539  -0.1833 10  DT  A P     
193 O  OP1   . DT  A 10 ? 0.3976 0.6479 0.6975 0.0950 0.0087  -0.2028 10  DT  A OP1   
194 O  OP2   . DT  A 10 ? 0.3446 0.6521 0.6989 0.1132 0.0648  -0.1795 10  DT  A OP2   
195 O  "O5'" . DT  A 10 ? 0.4941 0.6876 0.7656 0.1196 -0.0066 -0.2293 10  DT  A "O5'" 
196 C  "C5'" . DT  A 10 ? 0.5837 0.7521 0.8433 0.1724 -0.0221 -0.2283 10  DT  A "C5'" 
197 C  "C4'" . DT  A 10 ? 0.6874 0.7967 0.9093 0.2154 -0.0428 -0.2293 10  DT  A "C4'" 
198 O  "O4'" . DT  A 10 ? 0.7820 0.8102 0.9796 0.2286 -0.0498 -0.2277 10  DT  A "O4'" 
199 C  "C3'" . DT  A 10 ? 0.6875 0.8057 0.9035 0.2332 -0.0323 -0.2247 10  DT  A "C3'" 
200 O  "O3'" . DT  A 10 ? 0.5857 0.7759 0.8245 0.2289 -0.0261 -0.2454 10  DT  A "O3'" 
201 C  "C2'" . DT  A 10 ? 0.7829 0.8319 0.9769 0.2432 -0.0417 -0.2202 10  DT  A "C2'" 
202 C  "C1'" . DT  A 10 ? 0.8587 0.8430 1.0369 0.2483 -0.0508 -0.2287 10  DT  A "C1'" 
203 N  N1    . DT  A 10 ? 0.9960 0.8873 1.1385 0.2647 -0.0540 -0.2383 10  DT  A N1    
204 C  C2    . DT  A 10 ? 1.0549 0.9130 1.1727 0.2726 -0.0408 -0.2418 10  DT  A C2    
205 O  O2    . DT  A 10 ? 1.0516 0.9198 1.1750 0.2724 -0.0321 -0.2339 10  DT  A O2    
206 N  N3    . DT  A 10 ? 1.0992 0.9207 1.2002 0.2760 -0.0394 -0.2429 10  DT  A N3    
207 C  C4    . DT  A 10 ? 1.1219 0.9260 1.2107 0.2775 -0.0574 -0.2442 10  DT  A C4    
208 O  O4    . DT  A 10 ? 1.1295 0.9298 1.2049 0.2753 -0.0735 -0.2472 10  DT  A O4    
209 C  C5    . DT  A 10 ? 1.1064 0.9203 1.2112 0.2733 -0.0448 -0.2313 10  DT  A C5    
210 C  C7    . DT  A 10 ? 1.1205 0.9209 1.2183 0.2717 -0.0318 -0.2159 10  DT  A C7    
211 C  C6    . DT  A 10 ? 1.0565 0.9068 1.1860 0.2698 -0.0482 -0.2346 10  DT  A C6    
212 P  P     . DT  A 11 ? 0.5373 0.7243 0.7338 0.2433 -0.0684 -0.2900 11  DT  A P     
213 O  OP1   . DT  A 11 ? 0.5851 0.7508 0.7840 0.2707 -0.0947 -0.2823 11  DT  A OP1   
214 O  OP2   . DT  A 11 ? 0.6041 0.7246 0.7641 0.2469 -0.0956 -0.2990 11  DT  A OP2   
215 O  "O5'" . DT  A 11 ? 0.4851 0.6455 0.6714 0.2030 -0.0020 -0.2181 11  DT  A "O5'" 
216 C  "C5'" . DT  A 11 ? 0.4719 0.5306 0.6240 0.1533 -0.0420 -0.1717 11  DT  A "C5'" 
217 C  "C4'" . DT  A 11 ? 0.4188 0.4134 0.5526 0.0978 -0.0816 -0.1257 11  DT  A "C4'" 
218 O  "O4'" . DT  A 11 ? 0.3992 0.3562 0.5013 0.0814 -0.1077 -0.0978 11  DT  A "O4'" 
219 C  "C3'" . DT  A 11 ? 0.4071 0.4075 0.5861 0.1013 -0.1474 -0.0968 11  DT  A "C3'" 
220 O  "O3'" . DT  A 11 ? 0.4016 0.4309 0.6681 0.0965 -0.1623 -0.0629 11  DT  A "O3'" 
221 C  "C2'" . DT  A 11 ? 0.3795 0.3404 0.5051 0.0790 -0.1556 -0.0774 11  DT  A "C2'" 
222 C  "C1'" . DT  A 11 ? 0.3648 0.3770 0.4926 0.0777 -0.1201 -0.0667 11  DT  A "C1'" 
223 N  N1    . DT  A 11 ? 0.3818 0.3996 0.4574 0.0718 -0.1128 -0.0530 11  DT  A N1    
224 C  C2    . DT  A 11 ? 0.3934 0.3837 0.4484 0.0668 -0.1432 -0.0619 11  DT  A C2    
225 O  O2    . DT  A 11 ? 0.3656 0.3604 0.4636 0.0564 -0.1732 -0.0417 11  DT  A O2    
226 N  N3    . DT  A 11 ? 0.3703 0.3657 0.4327 0.0399 -0.1341 -0.0694 11  DT  A N3    
227 C  C4    . DT  A 11 ? 0.3920 0.3789 0.4344 0.0471 -0.1271 -0.0950 11  DT  A C4    
228 O  O4    . DT  A 11 ? 0.3861 0.3901 0.4471 0.0207 -0.0986 -0.0867 11  DT  A O4    
229 C  C5    . DT  A 11 ? 0.3902 0.4194 0.4326 0.0624 -0.1064 -0.0929 11  DT  A C5    
230 C  C7    . DT  A 11 ? 0.3757 0.4560 0.4123 0.0709 -0.0671 -0.0722 11  DT  A C7    
231 C  C6    . DT  A 11 ? 0.3614 0.4018 0.4677 0.0425 -0.1236 -0.0697 11  DT  A C6    
232 P  P     . DA  A 12 ? 0.3952 0.4675 0.7005 0.1071 -0.2502 -0.1081 12  DA  A P     
233 O  OP1   . DA  A 12 ? 0.4657 0.4656 0.7088 0.1017 -0.2117 -0.0788 12  DA  A OP1   
234 O  OP2   . DA  A 12 ? 0.4778 0.4732 0.7254 0.0985 -0.2166 -0.0665 12  DA  A OP2   
235 O  "O5'" . DA  A 12 ? 0.4455 0.5211 0.7448 0.1254 -0.2212 -0.0965 12  DA  A "O5'" 
236 C  "C5'" . DA  A 12 ? 0.4218 0.5072 0.6584 0.1161 -0.1957 -0.0934 12  DA  A "C5'" 
237 C  "C4'" . DA  A 12 ? 0.3742 0.4802 0.5728 0.0938 -0.0972 -0.0764 12  DA  A "C4'" 
238 O  "O4'" . DA  A 12 ? 0.4348 0.4046 0.5151 0.0794 -0.0381 -0.0223 12  DA  A "O4'" 
239 C  "C3'" . DA  A 12 ? 0.3569 0.4281 0.5630 0.0593 -0.0359 -0.0439 12  DA  A "C3'" 
240 O  "O3'" . DA  A 12 ? 0.3566 0.4797 0.6179 0.0806 0.0138  0.0129  12  DA  A "O3'" 
241 C  "C2'" . DA  A 12 ? 0.3927 0.3808 0.4625 0.0676 -0.0100 -0.0486 12  DA  A "C2'" 
242 C  "C1'" . DA  A 12 ? 0.4084 0.3787 0.4582 0.0677 -0.0206 -0.0450 12  DA  A "C1'" 
243 N  N9    . DA  A 12 ? 0.3834 0.3302 0.4400 0.0470 -0.0170 -0.0412 12  DA  A N9    
244 C  C8    . DA  A 12 ? 0.3786 0.3393 0.4213 0.0550 -0.0048 -0.0426 12  DA  A C8    
245 N  N7    . DA  A 12 ? 0.3656 0.3133 0.4073 0.0506 -0.0427 -0.0394 12  DA  A N7    
246 C  C5    . DA  A 12 ? 0.3062 0.3266 0.4057 0.0389 -0.0571 -0.0459 12  DA  A C5    
247 C  C6    . DA  A 12 ? 0.3680 0.2829 0.3869 0.0235 -0.0594 -0.0422 12  DA  A C6    
248 N  N6    . DA  A 12 ? 0.3613 0.2768 0.3994 0.0097 -0.0617 -0.0329 12  DA  A N6    
249 N  N1    . DA  A 12 ? 0.3672 0.2610 0.3688 0.0165 -0.0385 -0.0482 12  DA  A N1    
250 C  C2    . DA  A 12 ? 0.3686 0.2636 0.3693 0.0341 -0.0269 -0.0202 12  DA  A C2    
251 N  N3    . DA  A 12 ? 0.3636 0.3384 0.3802 0.0726 -0.0377 -0.0617 12  DA  A N3    
252 C  C4    . DA  A 12 ? 0.3624 0.3551 0.4049 0.0730 -0.0630 -0.0469 12  DA  A C4    
253 P  P     . DG  A 13 ? 0.3338 0.4856 0.6020 0.1077 -0.0177 0.0078  13  DG  A P     
254 O  OP1   . DG  A 13 ? 0.4463 0.5397 0.6509 0.1500 -0.0486 -0.0259 13  DG  A OP1   
255 O  OP2   . DG  A 13 ? 0.4028 0.4691 0.5905 0.1150 -0.0021 0.0367  13  DG  A OP2   
256 O  "O5'" . DG  A 13 ? 0.4108 0.4874 0.6027 0.1272 -0.0501 0.0087  13  DG  A "O5'" 
257 C  "C5'" . DG  A 13 ? 0.3847 0.4553 0.5684 0.1378 -0.0873 0.0278  13  DG  A "C5'" 
258 C  "C4'" . DG  A 13 ? 0.3691 0.4038 0.5248 0.1092 -0.0335 0.0826  13  DG  A "C4'" 
259 O  "O4'" . DG  A 13 ? 0.3669 0.4191 0.4618 0.1304 -0.0310 0.0735  13  DG  A "O4'" 
260 C  "C3'" . DG  A 13 ? 0.3730 0.3507 0.5210 0.1093 -0.0239 0.1225  13  DG  A "C3'" 
261 O  "O3'" . DG  A 13 ? 0.4567 0.3559 0.5707 0.1397 -0.0654 0.1236  13  DG  A "O3'" 
262 C  "C2'" . DG  A 13 ? 0.3833 0.3362 0.4768 0.1255 -0.0181 0.0907  13  DG  A "C2'" 
263 C  "C1'" . DG  A 13 ? 0.3212 0.3645 0.4325 0.1121 -0.0209 0.0611  13  DG  A "C1'" 
264 N  N9    . DG  A 13 ? 0.2665 0.3387 0.3772 0.1067 -0.0039 0.0056  13  DG  A N9    
265 C  C8    . DG  A 13 ? 0.2664 0.3181 0.3621 0.1018 -0.0226 0.0099  13  DG  A C8    
266 N  N7    . DG  A 13 ? 0.2827 0.3011 0.3508 0.0902 -0.0066 -0.0199 13  DG  A N7    
267 C  C5    . DG  A 13 ? 0.2463 0.2932 0.3281 0.0941 -0.0185 -0.0430 13  DG  A C5    
268 C  C6    . DG  A 13 ? 0.2786 0.2416 0.3308 0.1067 -0.0452 -0.0482 13  DG  A C6    
269 O  O6    . DG  A 13 ? 0.2378 0.2540 0.3494 0.1255 -0.0001 -0.0172 13  DG  A O6    
270 N  N1    . DG  A 13 ? 0.2837 0.2435 0.3713 0.0995 -0.0510 -0.0650 13  DG  A N1    
271 C  C2    . DG  A 13 ? 0.2707 0.3176 0.3348 0.1141 -0.0498 -0.0697 13  DG  A C2    
272 N  N2    . DG  A 13 ? 0.2775 0.3737 0.3484 0.1422 -0.0429 -0.0830 13  DG  A N2    
273 N  N3    . DG  A 13 ? 0.2538 0.3647 0.3217 0.1344 -0.0234 -0.0563 13  DG  A N3    
274 C  C4    . DG  A 13 ? 0.2401 0.3301 0.3224 0.1193 -0.0285 -0.0224 13  DG  A C4    
275 P  P     . DG  A 14 ? 0.4849 0.3821 0.6218 0.1812 -0.0893 0.1054  14  DG  A P     
276 O  OP1   . DG  A 14 ? 0.5069 0.3713 0.6376 0.1566 -0.0873 0.1092  14  DG  A OP1   
277 O  OP2   . DG  A 14 ? 0.4827 0.3567 0.6559 0.1728 -0.1014 0.0983  14  DG  A OP2   
278 O  "O5'" . DG  A 14 ? 0.4090 0.3413 0.5563 0.1716 -0.0451 0.0946  14  DG  A "O5'" 
279 C  "C5'" . DG  A 14 ? 0.4432 0.3404 0.4816 0.1605 -0.0458 0.0702  14  DG  A "C5'" 
280 C  "C4'" . DG  A 14 ? 0.4140 0.3262 0.4395 0.1416 -0.0283 0.0439  14  DG  A "C4'" 
281 O  "O4'" . DG  A 14 ? 0.3919 0.3434 0.3566 0.1294 0.0157  0.0276  14  DG  A "O4'" 
282 C  "C3'" . DG  A 14 ? 0.3973 0.3301 0.4879 0.1407 -0.0531 0.0370  14  DG  A "C3'" 
283 O  "O3'" . DG  A 14 ? 0.4321 0.3656 0.6015 0.1569 -0.0573 0.0240  14  DG  A "O3'" 
284 C  "C2'" . DG  A 14 ? 0.3693 0.3340 0.4318 0.1323 -0.0390 0.0238  14  DG  A "C2'" 
285 C  "C1'" . DG  A 14 ? 0.3824 0.2931 0.3604 0.1138 -0.0107 0.0490  14  DG  A "C1'" 
286 N  N9    . DG  A 14 ? 0.2948 0.2867 0.3540 0.1178 -0.0078 0.0267  14  DG  A N9    
287 C  C8    . DG  A 14 ? 0.2796 0.3123 0.3223 0.1348 -0.0449 0.0030  14  DG  A C8    
288 N  N7    . DG  A 14 ? 0.2542 0.2835 0.3292 0.1241 -0.0195 0.0156  14  DG  A N7    
289 C  C5    . DG  A 14 ? 0.2543 0.2863 0.3115 0.1199 -0.0521 -0.0205 14  DG  A C5    
290 C  C6    . DG  A 14 ? 0.2448 0.2784 0.3042 0.1013 -0.0314 -0.0719 14  DG  A C6    
291 O  O6    . DG  A 14 ? 0.2318 0.2573 0.3095 0.1047 -0.0117 -0.0638 14  DG  A O6    
292 N  N1    . DG  A 14 ? 0.1931 0.3046 0.2713 0.1038 -0.0109 -0.0718 14  DG  A N1    
293 C  C2    . DG  A 14 ? 0.2105 0.2652 0.3428 0.0794 -0.0311 -0.0843 14  DG  A C2    
294 N  N2    . DG  A 14 ? 0.2360 0.2694 0.3323 0.0972 -0.0368 -0.0784 14  DG  A N2    
295 N  N3    . DG  A 14 ? 0.2651 0.2942 0.3562 0.1053 -0.0354 -0.0141 14  DG  A N3    
296 C  C4    . DG  A 14 ? 0.2776 0.2978 0.3386 0.1117 -0.0297 -0.0168 14  DG  A C4    
297 P  P     . DG  A 15 ? 0.3929 0.3126 0.6657 0.1216 0.0076  0.0674  15  DG  A P     
298 O  OP1   . DG  A 15 ? 0.4949 0.3737 0.7120 0.1473 -0.0030 0.0182  15  DG  A OP1   
299 O  OP2   . DG  A 15 ? 0.4264 0.3012 0.7390 0.1121 -0.0493 0.0148  15  DG  A OP2   
300 O  "O5'" . DG  A 15 ? 0.4049 0.3452 0.6560 0.1684 0.0767  -0.0081 15  DG  A "O5'" 
301 C  "C5'" . DG  A 15 ? 0.4628 0.3853 0.6291 0.1802 0.0676  -0.0132 15  DG  A "C5'" 
302 C  "C4'" . DG  A 15 ? 0.3762 0.3489 0.5504 0.1684 0.0884  0.0252  15  DG  A "C4'" 
303 O  "O4'" . DG  A 15 ? 0.3186 0.3740 0.5088 0.1733 0.0845  0.0291  15  DG  A "O4'" 
304 C  "C3'" . DG  A 15 ? 0.2913 0.2916 0.4922 0.1316 0.1190  0.0096  15  DG  A "C3'" 
305 O  "O3'" . DG  A 15 ? 0.3234 0.3034 0.4424 0.1610 0.1010  -0.0048 15  DG  A "O3'" 
306 C  "C2'" . DG  A 15 ? 0.2372 0.3237 0.4771 0.1137 0.0661  -0.0248 15  DG  A "C2'" 
307 C  "C1'" . DG  A 15 ? 0.2690 0.2766 0.4520 0.1057 0.0736  0.0183  15  DG  A "C1'" 
308 N  N9    . DG  A 15 ? 0.2028 0.2363 0.3584 0.1110 0.0237  -0.0127 15  DG  A N9    
309 C  C8    . DG  A 15 ? 0.2229 0.2796 0.3439 0.1343 -0.0023 -0.0679 15  DG  A C8    
310 N  N7    . DG  A 15 ? 0.2452 0.2636 0.3306 0.1393 -0.0006 -0.0543 15  DG  A N7    
311 C  C5    . DG  A 15 ? 0.2026 0.2303 0.2885 0.1179 -0.0020 -0.0285 15  DG  A C5    
312 C  C6    . DG  A 15 ? 0.2104 0.2295 0.3114 0.1141 -0.0427 -0.0704 15  DG  A C6    
313 O  O6    . DG  A 15 ? 0.1856 0.2201 0.3769 0.0999 -0.0226 -0.0476 15  DG  A O6    
314 N  N1    . DG  A 15 ? 0.2012 0.2082 0.3088 0.1046 -0.0020 -0.0660 15  DG  A N1    
315 C  C2    . DG  A 15 ? 0.1730 0.2004 0.3510 0.0658 0.0118  -0.0767 15  DG  A C2    
316 N  N2    . DG  A 15 ? 0.2151 0.2346 0.3397 0.0976 -0.0244 -0.1120 15  DG  A N2    
317 N  N3    . DG  A 15 ? 0.2103 0.2090 0.3276 0.0971 -0.0054 -0.0487 15  DG  A N3    
318 C  C4    . DG  A 15 ? 0.2073 0.2394 0.3053 0.1054 -0.0015 -0.0286 15  DG  A C4    
319 P  P     . DT  A 16 ? 0.4298 0.3445 0.5133 0.2094 0.1090  0.0473  16  DT  A P     
320 O  OP1   . DT  A 16 ? 0.4322 0.4122 0.5109 0.2442 0.0779  0.0320  16  DT  A OP1   
321 O  OP2   . DT  A 16 ? 0.3893 0.3739 0.5946 0.1791 0.1638  0.0453  16  DT  A OP2   
322 O  "O5'" . DT  A 16 ? 0.4349 0.3187 0.4961 0.2066 0.0824  0.0323  16  DT  A "O5'" 
323 C  "C5'" . DT  A 16 ? 0.3595 0.3391 0.4749 0.1605 0.1198  0.0447  16  DT  A "C5'" 
324 C  "C4'" . DT  A 16 ? 0.3209 0.3395 0.4768 0.1453 0.1070  0.0096  16  DT  A "C4'" 
325 O  "O4'" . DT  A 16 ? 0.2496 0.3275 0.4557 0.1164 0.1157  0.0048  16  DT  A "O4'" 
326 C  "C3'" . DT  A 16 ? 0.2861 0.3388 0.4872 0.1495 0.0944  -0.0013 16  DT  A "C3'" 
327 O  "O3'" . DT  A 16 ? 0.2393 0.3498 0.4852 0.1498 0.0601  -0.0012 16  DT  A "O3'" 
328 C  "C2'" . DT  A 16 ? 0.2711 0.3444 0.4875 0.1257 0.0764  -0.0179 16  DT  A "C2'" 
329 C  "C1'" . DT  A 16 ? 0.2258 0.3420 0.4507 0.1281 0.0801  0.0163  16  DT  A "C1'" 
330 N  N1    . DT  A 16 ? 0.2329 0.3322 0.4276 0.1337 0.0436  0.0196  16  DT  A N1    
331 C  C2    . DT  A 16 ? 0.2873 0.3647 0.3932 0.1778 0.0091  0.0166  16  DT  A C2    
332 O  O2    . DT  A 16 ? 0.2949 0.3099 0.4358 0.1609 0.0159  0.0053  16  DT  A O2    
333 N  N3    . DT  A 16 ? 0.2728 0.4308 0.3459 0.1956 0.0052  -0.0003 16  DT  A N3    
334 C  C4    . DT  A 16 ? 0.3491 0.4496 0.3727 0.2192 0.0122  0.0121  16  DT  A C4    
335 O  O4    . DT  A 16 ? 0.4099 0.4868 0.4129 0.2523 -0.0885 -0.0213 16  DT  A O4    
336 C  C5    . DT  A 16 ? 0.2589 0.4423 0.4319 0.1871 0.0258  0.0243  16  DT  A C5    
337 C  C7    . DT  A 16 ? 0.3790 0.3991 0.4586 0.1898 -0.0103 0.0433  16  DT  A C7    
338 C  C6    . DT  A 16 ? 0.2284 0.4078 0.4269 0.1667 -0.0075 0.0227  16  DT  A C6    
339 P  P     . DT  A 17 ? 0.2549 0.3218 0.4858 0.1220 0.0582  0.0294  17  DT  A P     
340 O  OP1   . DT  A 17 ? 0.2087 0.4474 0.4782 0.1165 0.0039  0.0078  17  DT  A OP1   
341 O  OP2   . DT  A 17 ? 0.2599 0.3516 0.5322 0.1102 0.0802  -0.0320 17  DT  A OP2   
342 O  "O5'" . DT  A 17 ? 0.2353 0.2757 0.4150 0.1272 0.0572  -0.0014 17  DT  A "O5'" 
343 C  "C5'" . DT  A 17 ? 0.2435 0.2587 0.4021 0.1095 0.0375  -0.0101 17  DT  A "C5'" 
344 C  "C4'" . DT  A 17 ? 0.2213 0.2124 0.3714 0.1159 -0.0159 -0.0309 17  DT  A "C4'" 
345 O  "O4'" . DT  A 17 ? 0.2438 0.2065 0.3661 0.1149 -0.0432 -0.0620 17  DT  A "O4'" 
346 C  "C3'" . DT  A 17 ? 0.2413 0.2289 0.3696 0.1238 -0.0277 -0.0408 17  DT  A "C3'" 
347 O  "O3'" . DT  A 17 ? 0.2648 0.2083 0.3631 0.1203 -0.0189 -0.0557 17  DT  A "O3'" 
348 C  "C2'" . DT  A 17 ? 0.2185 0.2366 0.3723 0.1199 -0.0535 -0.0392 17  DT  A "C2'" 
349 C  "C1'" . DT  A 17 ? 0.2684 0.1971 0.3586 0.1169 -0.0611 -0.0545 17  DT  A "C1'" 
350 N  N1    . DT  A 17 ? 0.2245 0.2219 0.3614 0.1008 -0.0274 -0.0422 17  DT  A N1    
351 C  C2    . DT  A 17 ? 0.2182 0.2227 0.3769 0.0885 -0.0007 -0.0329 17  DT  A C2    
352 O  O2    . DT  A 17 ? 0.2200 0.2126 0.3708 0.0847 -0.0107 -0.0497 17  DT  A O2    
353 N  N3    . DT  A 17 ? 0.2646 0.2365 0.3603 0.1077 -0.0137 -0.0297 17  DT  A N3    
354 C  C4    . DT  A 17 ? 0.3085 0.2498 0.3667 0.1230 -0.0161 -0.0194 17  DT  A C4    
355 O  O4    . DT  A 17 ? 0.3561 0.2386 0.3704 0.1077 -0.0100 -0.0250 17  DT  A O4    
356 C  C5    . DT  A 17 ? 0.3142 0.2243 0.3815 0.0925 0.0263  -0.0163 17  DT  A C5    
357 C  C7    . DT  A 17 ? 0.3145 0.2302 0.4242 0.0869 0.0703  0.0244  17  DT  A C7    
358 C  C6    . DT  A 17 ? 0.2497 0.2048 0.3714 0.0823 -0.0047 0.0075  17  DT  A C6    
359 P  P     . DA  A 18 ? 0.2397 0.2216 0.3735 0.1184 -0.0116 -0.0493 18  DA  A P     
360 O  OP1   . DA  A 18 ? 0.2490 0.2268 0.3813 0.1157 -0.0237 -0.0863 18  DA  A OP1   
361 O  OP2   . DA  A 18 ? 0.2485 0.2863 0.3966 0.0922 -0.0267 -0.0672 18  DA  A OP2   
362 O  "O5'" . DA  A 18 ? 0.2278 0.2301 0.3297 0.1220 -0.0425 -0.0693 18  DA  A "O5'" 
363 C  "C5'" . DA  A 18 ? 0.2450 0.2324 0.2963 0.1329 -0.0252 -0.0615 18  DA  A "C5'" 
364 C  "C4'" . DA  A 18 ? 0.2719 0.1825 0.3103 0.1263 -0.0107 -0.0239 18  DA  A "C4'" 
365 O  "O4'" . DA  A 18 ? 0.2313 0.2170 0.3476 0.1134 -0.0090 -0.0733 18  DA  A "O4'" 
366 C  "C3'" . DA  A 18 ? 0.2654 0.1548 0.3264 0.0932 -0.0414 -0.0062 18  DA  A "C3'" 
367 O  "O3'" . DA  A 18 ? 0.2484 0.1857 0.3599 0.0973 -0.0454 -0.0676 18  DA  A "O3'" 
368 C  "C2'" . DA  A 18 ? 0.2404 0.1848 0.3511 0.1069 -0.0001 -0.0552 18  DA  A "C2'" 
369 C  "C1'" . DA  A 18 ? 0.2570 0.1781 0.3251 0.1066 -0.0438 -0.0630 18  DA  A "C1'" 
370 N  N9    . DA  A 18 ? 0.2305 0.2145 0.3339 0.1250 -0.0228 -0.0400 18  DA  A N9    
371 C  C8    . DA  A 18 ? 0.2683 0.1572 0.3279 0.0925 -0.0345 -0.0277 18  DA  A C8    
372 N  N7    . DA  A 18 ? 0.2460 0.2122 0.3219 0.1244 -0.0383 -0.0575 18  DA  A N7    
373 C  C5    . DA  A 18 ? 0.1995 0.2184 0.3151 0.0963 -0.0621 -0.1049 18  DA  A C5    
374 C  C6    . DA  A 18 ? 0.2134 0.2070 0.3530 0.0920 -0.0319 -0.0977 18  DA  A C6    
375 N  N6    . DA  A 18 ? 0.2544 0.1774 0.3821 0.1003 -0.0409 -0.0562 18  DA  A N6    
376 N  N1    . DA  A 18 ? 0.2275 0.2174 0.3809 0.0999 -0.0687 -0.0713 18  DA  A N1    
377 C  C2    . DA  A 18 ? 0.2296 0.1916 0.3529 0.1010 -0.0427 -0.0725 18  DA  A C2    
378 N  N3    . DA  A 18 ? 0.2231 0.2138 0.3405 0.1113 -0.0268 -0.0725 18  DA  A N3    
379 C  C4    . DA  A 18 ? 0.2018 0.2137 0.3464 0.1051 -0.0363 -0.0645 18  DA  A C4    
380 P  P     . DG  A 19 ? 0.2875 0.2072 0.3642 0.1150 -0.0350 -0.0487 19  DG  A P     
381 O  OP1   . DG  A 19 ? 0.2445 0.2371 0.3691 0.1260 -0.0296 -0.0733 19  DG  A OP1   
382 O  OP2   . DG  A 19 ? 0.3409 0.2307 0.4059 0.1399 -0.0571 -0.0243 19  DG  A OP2   
383 O  "O5'" . DG  A 19 ? 0.2978 0.1951 0.3338 0.0912 -0.0523 -0.0749 19  DG  A "O5'" 
384 C  "C5'" . DG  A 19 ? 0.2908 0.2154 0.3286 0.0930 -0.0361 -0.0793 19  DG  A "C5'" 
385 C  "C4'" . DG  A 19 ? 0.2528 0.2091 0.3333 0.0940 -0.0323 -0.0897 19  DG  A "C4'" 
386 O  "O4'" . DG  A 19 ? 0.2462 0.2211 0.3413 0.0911 -0.0142 -0.0399 19  DG  A "O4'" 
387 C  "C3'" . DG  A 19 ? 0.2847 0.2071 0.3409 0.1130 -0.0257 -0.0933 19  DG  A "C3'" 
388 O  "O3'" . DG  A 19 ? 0.3032 0.2486 0.3379 0.1331 -0.0386 -0.0649 19  DG  A "O3'" 
389 C  "C2'" . DG  A 19 ? 0.2592 0.2003 0.3382 0.1038 -0.0037 -0.0523 19  DG  A "C2'" 
390 C  "C1'" . DG  A 19 ? 0.2095 0.1965 0.3371 0.0821 -0.0221 -0.0386 19  DG  A "C1'" 
391 N  N9    . DG  A 19 ? 0.2021 0.2154 0.3223 0.0956 -0.0058 -0.0494 19  DG  A N9    
392 C  C8    . DG  A 19 ? 0.2260 0.2248 0.3427 0.1100 -0.0146 -0.0446 19  DG  A C8    
393 N  N7    . DG  A 19 ? 0.2060 0.2368 0.3472 0.1161 0.0116  -0.0566 19  DG  A N7    
394 C  C5    . DG  A 19 ? 0.2163 0.2177 0.2949 0.1080 0.0032  -0.0770 19  DG  A C5    
395 C  C6    . DG  A 19 ? 0.2139 0.2048 0.3029 0.0945 -0.0095 -0.0773 19  DG  A C6    
396 O  O6    . DG  A 19 ? 0.1955 0.2245 0.3105 0.0895 -0.0219 -0.0477 19  DG  A O6    
397 N  N1    . DG  A 19 ? 0.2250 0.2175 0.3158 0.0902 -0.0234 -0.0582 19  DG  A N1    
398 C  C2    . DG  A 19 ? 0.1938 0.2012 0.3105 0.0738 0.0030  -0.0808 19  DG  A C2    
399 N  N2    . DG  A 19 ? 0.2192 0.2339 0.3114 0.0896 -0.0138 -0.0711 19  DG  A N2    
400 N  N3    . DG  A 19 ? 0.2288 0.2058 0.3041 0.1148 0.0037  -0.0617 19  DG  A N3    
401 C  C4    . DG  A 19 ? 0.2206 0.2023 0.3193 0.1066 -0.0108 -0.0713 19  DG  A C4    
402 P  P     . BGM A 20 ? 0.3703 0.2148 0.3867 0.1166 -0.0512 -0.0778 20  BGM A P     
403 O  OP1   . BGM A 20 ? 0.3975 0.2457 0.4220 0.1434 -0.0774 -0.0809 20  BGM A OP1   
404 O  OP2   . BGM A 20 ? 0.2997 0.2372 0.4438 0.0974 0.0048  -0.0901 20  BGM A OP2   
405 O  "O5'" . BGM A 20 ? 0.3979 0.2453 0.3827 0.1298 -0.0226 -0.0858 20  BGM A "O5'" 
406 C  "C5'" . BGM A 20 ? 0.3284 0.2316 0.3652 0.1064 -0.0024 -0.0444 20  BGM A "C5'" 
407 C  "C4'" . BGM A 20 ? 0.2864 0.2648 0.3555 0.1140 -0.0242 -0.0730 20  BGM A "C4'" 
408 O  "O4'" . BGM A 20 ? 0.2782 0.2829 0.3536 0.1233 -0.0455 -0.0759 20  BGM A "O4'" 
409 C  "C1'" . BGM A 20 ? 0.2411 0.2443 0.3822 0.1026 -0.0327 -0.0979 20  BGM A "C1'" 
410 N  N9    . BGM A 20 ? 0.2060 0.2878 0.3496 0.0847 0.0256  -0.0987 20  BGM A N9    
411 C  C8    . BGM A 20 ? 0.1862 0.3400 0.3389 0.0836 0.0527  -0.1026 20  BGM A C8    
412 N  N7    . BGM A 20 ? 0.1857 0.3337 0.3681 0.0694 0.0066  -0.1042 20  BGM A N7    
413 C  C5    . BGM A 20 ? 0.2058 0.2339 0.3595 0.0249 -0.0011 -0.0643 20  BGM A C5    
414 C  C4    . BGM A 20 ? 0.2017 0.2578 0.3286 0.0613 0.0130  -0.0706 20  BGM A C4    
415 N  N3    . BGM A 20 ? 0.2064 0.2632 0.3110 0.0764 -0.0098 -0.0762 20  BGM A N3    
416 C  C2    . BGM A 20 ? 0.2137 0.2354 0.3238 0.0701 -0.0122 -0.0557 20  BGM A C2    
417 N  N2    . BGM A 20 ? 0.2413 0.2255 0.3933 0.0876 -0.0300 -0.0555 20  BGM A N2    
418 N  N1    . BGM A 20 ? 0.2402 0.2143 0.3366 0.0744 -0.0303 -0.0354 20  BGM A N1    
419 C  C6    . BGM A 20 ? 0.2072 0.2180 0.3358 0.0444 -0.0243 -0.0799 20  BGM A C6    
420 O  O6    . BGM A 20 ? 0.2076 0.2192 0.3310 0.0658 -0.0180 -0.0720 20  BGM A O6    
421 C  "C2'" . BGM A 20 ? 0.2799 0.2724 0.3943 0.1258 -0.0479 -0.1310 20  BGM A "C2'" 
422 C  "C3'" . BGM A 20 ? 0.2937 0.2677 0.3733 0.1330 -0.0162 -0.1089 20  BGM A "C3'" 
423 O  "O3'" . BGM A 20 ? 0.3065 0.2183 0.3927 0.1153 -0.0402 -0.0777 20  BGM A "O3'" 
424 BR BR    . BGM A 20 ? 0.2672 0.3521 0.4478 0.1368 -0.0231 -0.1164 20  BGM A BR    
425 P  P     . DG  A 21 ? 0.3129 0.2664 0.4005 0.1167 -0.0439 -0.1027 21  DG  A P     
426 O  OP1   . DG  A 21 ? 0.3667 0.2568 0.4317 0.1233 -0.0611 -0.1304 21  DG  A OP1   
427 O  OP2   . DG  A 21 ? 0.3206 0.2607 0.4313 0.0951 -0.0128 -0.0965 21  DG  A OP2   
428 O  "O5'" . DG  A 21 ? 0.2781 0.2675 0.3736 0.0778 -0.0126 -0.0861 21  DG  A "O5'" 
429 C  "C5'" . DG  A 21 ? 0.2574 0.3165 0.3916 0.0757 0.0067  -0.0801 21  DG  A "C5'" 
430 C  "C4'" . DG  A 21 ? 0.3008 0.3074 0.3692 0.0830 -0.0348 -0.1158 21  DG  A "C4'" 
431 O  "O4'" . DG  A 21 ? 0.2909 0.2851 0.3911 0.0651 -0.0258 -0.0988 21  DG  A "O4'" 
432 C  "C3'" . DG  A 21 ? 0.3406 0.3788 0.4143 0.1295 -0.1219 -0.1534 21  DG  A "C3'" 
433 O  "O3'" . DG  A 21 ? 0.3901 0.4435 0.4690 0.1796 -0.0938 -0.1389 21  DG  A "O3'" 
434 C  "C2'" . DG  A 21 ? 0.3139 0.3461 0.3797 0.1096 -0.1051 -0.1076 21  DG  A "C2'" 
435 C  "C1'" . DG  A 21 ? 0.2930 0.3217 0.3897 0.0934 -0.0518 -0.1049 21  DG  A "C1'" 
436 N  N9    . DG  A 21 ? 0.2474 0.3134 0.3739 0.0760 -0.0307 -0.1119 21  DG  A N9    
437 C  C8    . DG  A 21 ? 0.2801 0.2786 0.3381 0.0717 -0.0197 -0.0790 21  DG  A C8    
438 N  N7    . DG  A 21 ? 0.3007 0.2706 0.3362 0.0667 -0.0204 -0.0676 21  DG  A N7    
439 C  C5    . DG  A 21 ? 0.2387 0.2846 0.3554 0.0721 -0.0462 -0.0884 21  DG  A C5    
440 C  C6    . DG  A 21 ? 0.2345 0.2713 0.3354 0.0673 -0.0172 -0.0716 21  DG  A C6    
441 O  O6    . DG  A 21 ? 0.2217 0.2684 0.3635 0.0695 -0.0288 -0.0865 21  DG  A O6    
442 N  N1    . DG  A 21 ? 0.2528 0.2569 0.3120 0.0895 -0.0232 -0.0486 21  DG  A N1    
443 C  C2    . DG  A 21 ? 0.2956 0.2434 0.3458 0.0903 -0.0498 -0.0569 21  DG  A C2    
444 N  N2    . DG  A 21 ? 0.2693 0.2722 0.3912 0.0686 -0.0490 -0.0620 21  DG  A N2    
445 N  N3    . DG  A 21 ? 0.2948 0.2401 0.3275 0.0728 -0.0252 -0.0642 21  DG  A N3    
446 C  C4    . DG  A 21 ? 0.2427 0.2822 0.3675 0.0693 -0.0193 -0.0994 21  DG  A C4    
447 K  K     . K   B .  ? 0.2031 0.1998 0.3331 0.0996 -0.0053 -0.0501 101 K   A K     
448 K  K     . K   C .  ? 0.2028 0.2203 0.3295 0.0979 -0.0197 -0.0703 102 K   A K     
449 K  K     . K   D .  ? 0.2250 0.2555 0.3318 0.0827 -0.0130 -0.0499 103 K   A K     
# 
